data_7M2N
#
_entry.id   7M2N
#
_cell.length_a   83.930
_cell.length_b   131.050
_cell.length_c   215.518
_cell.angle_alpha   90.00
_cell.angle_beta   99.30
_cell.angle_gamma   90.00
#
_symmetry.space_group_name_H-M   'I 1 2 1'
#
loop_
_entity.id
_entity.type
_entity.pdbx_description
1 polymer 'L-lactate dehydrogenase A chain'
2 non-polymer '1,4-DIHYDRONICOTINAMIDE ADENINE DINUCLEOTIDE'
3 non-polymer 'SULFATE ION'
4 non-polymer 1,2-ETHANEDIOL
5 non-polymer GLYCEROL
6 non-polymer DI(HYDROXYETHYL)ETHER
7 non-polymer "5-[(5'-{1-(4-carboxy-1,3-thiazol-2-yl)-5-(cyclopropylmethyl)-4-[(3-fluoro-4-sulfamoylphenyl)methyl]-1H-pyrazol-3-yl}-2'-fluoro[1,1'-biphenyl]-4-yl)oxy]-1H-1,2,3-triazole-4-carboxylic acid"
8 water water
#
_entity_poly.entity_id   1
_entity_poly.type   'polypeptide(L)'
_entity_poly.pdbx_seq_one_letter_code
;MATLKDQLIYNLLKEEQTPQNKITVVGVGAVGMACAISILMKDLADELALVDVIEDKLKGEMMDLQHGSLFLRTPKIVSG
KDYNVTANSKLVIITAGARQQEGESRLNLVQRNVNIFKFIIPNVVKYSPNCKLLIVSNPVDILTYVAWKISGFPKNRVIG
SGCNLDSARFRYLMGERLGVHPLSCHGWVLGEHGDSSVPVWSGMNVAGVSLKTLHPDLGTDKDKEQWKEVHKQVVESAYE
VIKLKGYTSWAIGLSVADLAESIMKNLRRVHPVSTMIKGLYGIKDDVFLSVPCILGQNGISDLVKVTLTSEEEARLKKSA
DTLWGIQKELQFHHHHHH
;
_entity_poly.pdbx_strand_id   A,B,C,D
#
loop_
_chem_comp.id
_chem_comp.type
_chem_comp.name
_chem_comp.formula
EDO non-polymer 1,2-ETHANEDIOL 'C2 H6 O2'
GOL non-polymer GLYCEROL 'C3 H8 O3'
NAI non-polymer '1,4-DIHYDRONICOTINAMIDE ADENINE DINUCLEOTIDE' 'C21 H29 N7 O14 P2'
PEG non-polymer DI(HYDROXYETHYL)ETHER 'C4 H10 O3'
SO4 non-polymer 'SULFATE ION' 'O4 S -2'
YOJ non-polymer '5-[(5'-{1-(4-carboxy-1,3-thiazol-2-yl)-5-(cyclopropylmethyl)-4-[(3-fluoro-4-sulfamoylphenyl)methyl]-1H-pyrazol-3-yl}-2'-fluoro[1,1'-biphenyl]-4-yl)oxy]-1H-1,2,3-triazole-4-carboxylic acid' 'C33 H25 F2 N7 O7 S2'
#
# COMPACT_ATOMS: atom_id res chain seq x y z
N ALA A 2 -23.24 -35.02 -7.55
CA ALA A 2 -21.92 -34.70 -6.91
C ALA A 2 -22.09 -33.65 -5.80
N THR A 3 -21.01 -33.36 -5.06
CA THR A 3 -20.95 -32.28 -4.03
C THR A 3 -21.18 -30.91 -4.69
N LEU A 4 -21.67 -29.95 -3.93
CA LEU A 4 -21.80 -28.53 -4.36
C LEU A 4 -20.44 -28.03 -4.90
N LYS A 5 -19.34 -28.28 -4.20
CA LYS A 5 -18.00 -27.85 -4.65
C LYS A 5 -17.79 -28.33 -6.10
N ASP A 6 -18.04 -29.62 -6.37
CA ASP A 6 -17.80 -30.26 -7.69
C ASP A 6 -18.82 -29.79 -8.74
N GLN A 7 -20.05 -29.45 -8.35
CA GLN A 7 -21.06 -28.84 -9.25
C GLN A 7 -20.62 -27.43 -9.67
N LEU A 8 -19.96 -26.71 -8.76
CA LEU A 8 -19.60 -25.28 -8.91
C LEU A 8 -18.21 -25.16 -9.55
N ILE A 9 -17.28 -26.07 -9.22
CA ILE A 9 -15.83 -25.93 -9.56
C ILE A 9 -15.32 -27.19 -10.26
N TYR A 10 -14.86 -27.04 -11.51
CA TYR A 10 -14.16 -28.09 -12.29
C TYR A 10 -12.65 -27.92 -12.04
N ASN A 11 -12.03 -28.92 -11.42
CA ASN A 11 -10.57 -28.95 -11.12
C ASN A 11 -9.77 -29.31 -12.40
N LEU A 12 -8.69 -28.59 -12.67
CA LEU A 12 -7.75 -28.81 -13.80
C LEU A 12 -6.49 -29.54 -13.34
N LEU A 13 -6.02 -29.31 -12.10
CA LEU A 13 -4.63 -29.49 -11.58
C LEU A 13 -4.66 -30.30 -10.27
N THR A 18 4.07 -25.88 -2.94
CA THR A 18 5.17 -25.36 -2.08
C THR A 18 5.05 -23.83 -2.00
N PRO A 19 5.22 -23.27 -0.78
CA PRO A 19 5.08 -21.83 -0.62
C PRO A 19 6.35 -21.14 -1.12
N GLN A 20 6.19 -19.98 -1.75
CA GLN A 20 7.31 -19.27 -2.43
C GLN A 20 7.87 -18.15 -1.54
N ASN A 21 7.11 -17.68 -0.54
CA ASN A 21 7.47 -16.46 0.25
C ASN A 21 6.98 -16.63 1.68
N LYS A 22 7.35 -17.73 2.32
CA LYS A 22 6.83 -18.15 3.62
C LYS A 22 7.64 -17.49 4.73
N ILE A 23 6.93 -16.99 5.75
CA ILE A 23 7.53 -16.46 6.99
C ILE A 23 6.95 -17.26 8.15
N THR A 24 7.82 -17.66 9.09
CA THR A 24 7.41 -18.27 10.38
C THR A 24 7.72 -17.27 11.50
N VAL A 25 6.80 -17.16 12.45
CA VAL A 25 7.01 -16.43 13.71
C VAL A 25 6.93 -17.47 14.82
N VAL A 26 8.02 -17.63 15.60
CA VAL A 26 8.06 -18.56 16.77
C VAL A 26 7.89 -17.71 18.02
N GLY A 27 6.82 -17.94 18.77
CA GLY A 27 6.46 -17.14 19.95
C GLY A 27 5.33 -16.17 19.61
N VAL A 28 4.13 -16.46 20.08
CA VAL A 28 2.90 -15.66 19.79
C VAL A 28 2.47 -14.90 21.06
N GLY A 29 3.43 -14.31 21.75
CA GLY A 29 3.17 -13.20 22.68
C GLY A 29 2.84 -11.92 21.93
N ALA A 30 2.77 -10.79 22.65
CA ALA A 30 2.41 -9.48 22.10
C ALA A 30 3.41 -9.13 21.00
N VAL A 31 4.68 -9.51 21.15
CA VAL A 31 5.78 -9.15 20.20
C VAL A 31 5.61 -9.95 18.91
N GLY A 32 5.45 -11.26 19.00
CA GLY A 32 5.27 -12.14 17.82
C GLY A 32 4.05 -11.75 17.02
N MET A 33 2.93 -11.48 17.70
CA MET A 33 1.66 -11.13 17.04
C MET A 33 1.75 -9.73 16.41
N ALA A 34 2.47 -8.77 17.02
CA ALA A 34 2.71 -7.44 16.40
C ALA A 34 3.57 -7.59 15.16
N CYS A 35 4.57 -8.48 15.19
CA CYS A 35 5.37 -8.84 13.99
C CYS A 35 4.41 -9.43 12.94
N ALA A 36 3.55 -10.33 13.35
CA ALA A 36 2.64 -11.03 12.42
C ALA A 36 1.69 -10.04 11.74
N ILE A 37 1.00 -9.18 12.49
CA ILE A 37 0.01 -8.22 11.92
C ILE A 37 0.75 -7.25 10.99
N SER A 38 1.92 -6.76 11.37
CA SER A 38 2.73 -5.83 10.56
C SER A 38 3.12 -6.50 9.24
N ILE A 39 3.57 -7.76 9.30
CA ILE A 39 3.96 -8.57 8.12
C ILE A 39 2.72 -8.79 7.24
N LEU A 40 1.59 -9.17 7.83
CA LEU A 40 0.33 -9.40 7.08
C LEU A 40 -0.11 -8.09 6.40
N MET A 41 0.07 -6.97 7.07
CA MET A 41 -0.49 -5.70 6.55
C MET A 41 0.46 -5.07 5.53
N LYS A 42 1.69 -5.59 5.40
CA LYS A 42 2.66 -5.17 4.38
C LYS A 42 2.76 -6.23 3.26
N ASP A 43 1.95 -7.29 3.25
CA ASP A 43 1.94 -8.27 2.13
C ASP A 43 3.34 -8.86 1.85
N LEU A 44 4.09 -9.26 2.87
CA LEU A 44 5.47 -9.78 2.68
C LEU A 44 5.47 -11.29 2.49
N ALA A 45 4.38 -11.99 2.79
CA ALA A 45 4.31 -13.47 2.82
C ALA A 45 3.09 -14.02 2.07
N ASP A 46 3.27 -15.17 1.41
CA ASP A 46 2.16 -15.97 0.81
C ASP A 46 1.70 -17.00 1.83
N GLU A 47 2.50 -17.24 2.86
CA GLU A 47 2.18 -18.21 3.94
C GLU A 47 2.81 -17.67 5.22
N LEU A 48 2.02 -17.62 6.27
CA LEU A 48 2.46 -17.26 7.63
C LEU A 48 2.23 -18.46 8.51
N ALA A 49 3.30 -18.94 9.14
CA ALA A 49 3.24 -20.03 10.13
C ALA A 49 3.54 -19.45 11.52
N LEU A 50 2.72 -19.79 12.50
CA LEU A 50 2.91 -19.47 13.94
C LEU A 50 3.26 -20.76 14.69
N VAL A 51 4.24 -20.68 15.59
CA VAL A 51 4.59 -21.77 16.54
C VAL A 51 4.64 -21.19 17.95
N ASP A 52 4.20 -21.96 18.94
CA ASP A 52 4.38 -21.69 20.39
C ASP A 52 4.31 -23.03 21.14
N VAL A 53 4.48 -23.02 22.45
CA VAL A 53 4.29 -24.22 23.32
C VAL A 53 2.90 -24.18 23.95
N ILE A 54 2.27 -23.00 24.04
CA ILE A 54 0.91 -22.85 24.61
C ILE A 54 -0.10 -23.08 23.47
N GLU A 55 -0.66 -24.28 23.37
CA GLU A 55 -1.45 -24.75 22.21
C GLU A 55 -2.74 -23.93 22.05
N ASP A 56 -3.41 -23.55 23.13
CA ASP A 56 -4.72 -22.85 23.04
C ASP A 56 -4.50 -21.42 22.53
N LYS A 57 -3.59 -20.67 23.15
CA LYS A 57 -3.20 -19.30 22.73
C LYS A 57 -2.80 -19.36 21.24
N LEU A 58 -1.97 -20.32 20.86
CA LEU A 58 -1.49 -20.48 19.48
C LEU A 58 -2.68 -20.61 18.51
N LYS A 59 -3.55 -21.58 18.79
CA LYS A 59 -4.74 -21.85 17.95
C LYS A 59 -5.65 -20.60 17.88
N GLY A 60 -5.88 -19.96 19.00
CA GLY A 60 -6.73 -18.77 19.10
C GLY A 60 -6.20 -17.61 18.27
N GLU A 61 -4.91 -17.33 18.36
CA GLU A 61 -4.25 -16.27 17.57
C GLU A 61 -4.34 -16.59 16.07
N MET A 62 -4.06 -17.84 15.67
CA MET A 62 -4.12 -18.29 14.27
C MET A 62 -5.53 -18.07 13.76
N MET A 63 -6.54 -18.49 14.53
CA MET A 63 -7.96 -18.37 14.11
C MET A 63 -8.34 -16.90 13.97
N ASP A 64 -7.95 -16.05 14.93
CA ASP A 64 -8.29 -14.60 14.94
C ASP A 64 -7.75 -13.98 13.64
N LEU A 65 -6.50 -14.27 13.27
CA LEU A 65 -5.90 -13.78 11.99
C LEU A 65 -6.68 -14.36 10.82
N GLN A 66 -6.93 -15.65 10.82
CA GLN A 66 -7.69 -16.34 9.73
C GLN A 66 -9.03 -15.62 9.50
N HIS A 67 -9.72 -15.23 10.55
CA HIS A 67 -11.06 -14.57 10.46
C HIS A 67 -10.95 -13.22 9.74
N GLY A 68 -9.73 -12.65 9.67
CA GLY A 68 -9.46 -11.37 9.01
C GLY A 68 -8.99 -11.54 7.56
N SER A 69 -8.95 -12.77 7.06
CA SER A 69 -8.45 -13.16 5.71
C SER A 69 -9.06 -12.27 4.63
N LEU A 70 -10.35 -11.99 4.74
CA LEU A 70 -11.10 -11.16 3.77
C LEU A 70 -10.36 -9.83 3.56
N PHE A 71 -9.70 -9.32 4.60
CA PHE A 71 -9.07 -7.98 4.60
C PHE A 71 -7.58 -8.06 4.28
N LEU A 72 -7.05 -9.28 4.06
CA LEU A 72 -5.59 -9.52 3.84
C LEU A 72 -5.35 -10.08 2.44
N ARG A 73 -4.08 -10.20 2.07
CA ARG A 73 -3.61 -10.76 0.78
C ARG A 73 -2.52 -11.79 1.10
N THR A 74 -2.65 -12.47 2.23
CA THR A 74 -1.79 -13.60 2.66
C THR A 74 -2.68 -14.82 2.76
N PRO A 75 -2.70 -15.70 1.74
CA PRO A 75 -3.75 -16.70 1.59
C PRO A 75 -3.68 -17.91 2.54
N LYS A 76 -2.55 -18.14 3.20
CA LYS A 76 -2.39 -19.33 4.06
C LYS A 76 -1.79 -18.91 5.40
N ILE A 77 -2.54 -19.09 6.47
CA ILE A 77 -2.12 -18.87 7.87
C ILE A 77 -2.27 -20.19 8.61
N VAL A 78 -1.17 -20.72 9.15
CA VAL A 78 -1.14 -22.04 9.85
C VAL A 78 -0.40 -21.88 11.18
N SER A 79 -0.66 -22.80 12.11
CA SER A 79 0.02 -22.89 13.42
C SER A 79 0.17 -24.35 13.83
N GLY A 80 1.07 -24.62 14.77
CA GLY A 80 1.15 -25.88 15.52
C GLY A 80 2.38 -25.87 16.41
N LYS A 81 2.44 -26.81 17.37
CA LYS A 81 3.66 -26.99 18.22
C LYS A 81 4.69 -27.79 17.43
N ASP A 82 4.28 -28.48 16.36
CA ASP A 82 5.16 -29.32 15.52
C ASP A 82 5.78 -28.43 14.44
N TYR A 83 7.10 -28.50 14.25
CA TYR A 83 7.84 -27.61 13.33
C TYR A 83 7.66 -28.02 11.87
N ASN A 84 6.85 -29.04 11.58
CA ASN A 84 6.51 -29.39 10.17
C ASN A 84 5.68 -28.28 9.52
N VAL A 85 4.94 -27.47 10.31
CA VAL A 85 4.14 -26.31 9.79
C VAL A 85 5.07 -25.20 9.32
N THR A 86 6.35 -25.21 9.70
CA THR A 86 7.35 -24.15 9.36
C THR A 86 8.17 -24.53 8.13
N ALA A 87 7.93 -25.71 7.55
CA ALA A 87 8.73 -26.22 6.39
C ALA A 87 8.77 -25.18 5.26
N ASN A 88 9.97 -24.90 4.74
CA ASN A 88 10.20 -24.13 3.49
C ASN A 88 10.02 -22.63 3.76
N SER A 89 10.31 -22.17 4.97
CA SER A 89 10.29 -20.73 5.33
C SER A 89 11.51 -20.05 4.72
N LYS A 90 11.32 -18.92 4.06
CA LYS A 90 12.42 -18.04 3.62
C LYS A 90 13.01 -17.36 4.86
N LEU A 91 12.15 -17.05 5.83
CA LEU A 91 12.50 -16.19 6.98
C LEU A 91 11.79 -16.73 8.23
N VAL A 92 12.53 -16.85 9.31
CA VAL A 92 11.99 -17.40 10.58
C VAL A 92 12.37 -16.43 11.69
N ILE A 93 11.36 -15.84 12.30
CA ILE A 93 11.48 -14.74 13.30
C ILE A 93 11.25 -15.36 14.67
N ILE A 94 12.24 -15.24 15.56
CA ILE A 94 12.17 -15.86 16.92
C ILE A 94 11.87 -14.74 17.92
N THR A 95 10.64 -14.79 18.48
CA THR A 95 10.12 -13.84 19.51
C THR A 95 9.77 -14.65 20.75
N ALA A 96 10.30 -15.87 20.85
CA ALA A 96 10.05 -16.83 21.94
C ALA A 96 10.94 -16.50 23.13
N GLY A 97 10.39 -16.59 24.34
CA GLY A 97 11.20 -16.38 25.54
C GLY A 97 10.47 -16.78 26.80
N ALA A 98 11.22 -16.87 27.88
CA ALA A 98 10.70 -17.10 29.25
C ALA A 98 10.28 -15.76 29.85
N ARG A 99 9.32 -15.80 30.76
CA ARG A 99 8.94 -14.67 31.64
C ARG A 99 9.87 -14.67 32.86
N GLN A 100 10.53 -13.55 33.14
CA GLN A 100 11.30 -13.31 34.39
C GLN A 100 10.42 -13.73 35.59
N GLN A 101 10.96 -14.57 36.48
CA GLN A 101 10.33 -14.96 37.77
C GLN A 101 10.86 -14.04 38.90
N GLU A 102 10.10 -13.86 39.97
CA GLU A 102 10.52 -13.05 41.15
C GLU A 102 11.76 -13.70 41.77
N GLY A 103 12.86 -12.95 41.92
CA GLY A 103 14.10 -13.41 42.56
C GLY A 103 15.02 -14.21 41.64
N GLU A 104 14.56 -14.63 40.45
CA GLU A 104 15.39 -15.29 39.42
C GLU A 104 16.52 -14.34 39.00
N SER A 105 17.77 -14.84 38.89
CA SER A 105 18.93 -14.04 38.44
C SER A 105 18.84 -13.76 36.94
N ARG A 106 19.52 -12.72 36.46
CA ARG A 106 19.51 -12.37 35.02
C ARG A 106 20.26 -13.44 34.23
N LEU A 107 21.34 -14.05 34.75
CA LEU A 107 22.06 -15.15 34.02
C LEU A 107 21.13 -16.36 33.89
N ASN A 108 20.30 -16.61 34.90
CA ASN A 108 19.38 -17.77 34.89
C ASN A 108 18.33 -17.56 33.78
N LEU A 109 17.77 -16.35 33.68
CA LEU A 109 16.78 -15.99 32.62
C LEU A 109 17.41 -16.25 31.26
N VAL A 110 18.65 -15.80 31.04
CA VAL A 110 19.40 -16.01 29.76
C VAL A 110 19.51 -17.51 29.51
N GLN A 111 19.91 -18.30 30.50
CA GLN A 111 20.17 -19.76 30.32
C GLN A 111 18.85 -20.45 29.94
N ARG A 112 17.76 -20.08 30.60
CA ARG A 112 16.39 -20.56 30.28
C ARG A 112 16.03 -20.24 28.82
N ASN A 113 16.35 -19.04 28.34
CA ASN A 113 16.15 -18.68 26.90
C ASN A 113 17.11 -19.52 26.05
N VAL A 114 18.34 -19.78 26.49
CA VAL A 114 19.26 -20.67 25.73
C VAL A 114 18.58 -22.04 25.56
N ASN A 115 17.95 -22.57 26.62
CA ASN A 115 17.37 -23.93 26.62
C ASN A 115 16.17 -23.98 25.68
N ILE A 116 15.37 -22.91 25.63
CA ILE A 116 14.28 -22.73 24.64
C ILE A 116 14.90 -22.74 23.23
N PHE A 117 16.00 -22.03 23.00
CA PHE A 117 16.66 -22.00 21.67
C PHE A 117 17.20 -23.40 21.33
N LYS A 118 17.66 -24.15 22.32
CA LYS A 118 18.15 -25.56 22.15
C LYS A 118 17.06 -26.42 21.53
N PHE A 119 15.78 -26.18 21.87
CA PHE A 119 14.63 -26.91 21.29
C PHE A 119 14.25 -26.29 19.94
N ILE A 120 14.10 -24.96 19.88
CA ILE A 120 13.53 -24.21 18.72
C ILE A 120 14.48 -24.35 17.54
N ILE A 121 15.75 -23.99 17.70
CA ILE A 121 16.66 -23.73 16.56
C ILE A 121 16.88 -25.00 15.75
N PRO A 122 17.20 -26.18 16.32
CA PRO A 122 17.40 -27.38 15.50
C PRO A 122 16.15 -27.81 14.75
N ASN A 123 14.96 -27.62 15.33
CA ASN A 123 13.67 -27.87 14.66
C ASN A 123 13.46 -26.91 13.48
N VAL A 124 13.74 -25.62 13.66
CA VAL A 124 13.64 -24.58 12.59
C VAL A 124 14.55 -25.02 11.44
N VAL A 125 15.80 -25.39 11.74
CA VAL A 125 16.85 -25.78 10.75
C VAL A 125 16.43 -27.05 9.98
N LYS A 126 15.91 -28.05 10.66
CA LYS A 126 15.46 -29.33 10.05
C LYS A 126 14.43 -29.02 8.94
N TYR A 127 13.45 -28.16 9.22
CA TYR A 127 12.31 -27.92 8.28
C TYR A 127 12.61 -26.78 7.31
N SER A 128 13.52 -25.85 7.63
CA SER A 128 13.90 -24.74 6.71
C SER A 128 15.41 -24.58 6.74
N PRO A 129 16.18 -25.55 6.20
CA PRO A 129 17.64 -25.50 6.24
C PRO A 129 18.23 -24.26 5.56
N ASN A 130 17.51 -23.62 4.63
CA ASN A 130 18.03 -22.47 3.85
C ASN A 130 17.47 -21.13 4.36
N CYS A 131 16.70 -21.10 5.46
CA CYS A 131 16.04 -19.86 5.92
C CYS A 131 17.07 -18.84 6.43
N LYS A 132 16.67 -17.57 6.48
CA LYS A 132 17.31 -16.53 7.33
C LYS A 132 16.66 -16.59 8.71
N LEU A 133 17.44 -16.56 9.77
CA LEU A 133 16.96 -16.46 11.16
C LEU A 133 17.03 -14.99 11.56
N LEU A 134 15.91 -14.42 12.00
CA LEU A 134 15.80 -13.05 12.55
C LEU A 134 15.47 -13.20 14.03
N ILE A 135 16.42 -12.87 14.88
CA ILE A 135 16.30 -13.09 16.34
C ILE A 135 15.83 -11.79 16.97
N VAL A 136 14.73 -11.85 17.73
CA VAL A 136 14.13 -10.67 18.40
C VAL A 136 14.25 -10.83 19.93
N SER A 137 14.09 -12.05 20.43
CA SER A 137 14.07 -12.39 21.89
C SER A 137 15.24 -11.72 22.63
N ASN A 138 14.99 -11.16 23.80
CA ASN A 138 16.07 -10.55 24.61
C ASN A 138 16.65 -11.57 25.59
N PRO A 139 17.95 -11.45 25.94
CA PRO A 139 18.85 -10.42 25.38
C PRO A 139 19.29 -10.69 23.94
N VAL A 140 19.01 -9.73 23.04
CA VAL A 140 18.92 -10.03 21.58
C VAL A 140 20.30 -10.30 21.00
N ASP A 141 21.31 -9.52 21.39
CA ASP A 141 22.68 -9.69 20.83
C ASP A 141 23.24 -11.06 21.29
N ILE A 142 23.03 -11.43 22.55
CA ILE A 142 23.52 -12.73 23.09
C ILE A 142 22.74 -13.87 22.41
N LEU A 143 21.41 -13.78 22.33
CA LEU A 143 20.58 -14.89 21.80
C LEU A 143 20.80 -15.05 20.29
N THR A 144 21.24 -14.01 19.58
CA THR A 144 21.62 -14.12 18.15
C THR A 144 22.87 -15.00 18.04
N TYR A 145 23.90 -14.73 18.84
CA TYR A 145 25.09 -15.60 18.99
C TYR A 145 24.62 -17.05 19.25
N VAL A 146 23.71 -17.24 20.20
CA VAL A 146 23.25 -18.60 20.62
C VAL A 146 22.63 -19.32 19.42
N ALA A 147 21.80 -18.61 18.64
CA ALA A 147 21.09 -19.17 17.48
C ALA A 147 22.10 -19.52 16.40
N TRP A 148 23.09 -18.67 16.19
CA TRP A 148 24.20 -18.94 15.23
C TRP A 148 24.92 -20.25 15.62
N LYS A 149 25.31 -20.40 16.89
CA LYS A 149 26.10 -21.56 17.37
C LYS A 149 25.27 -22.82 17.19
N ILE A 150 24.02 -22.82 17.66
CA ILE A 150 23.16 -24.04 17.62
C ILE A 150 22.78 -24.37 16.17
N SER A 151 22.49 -23.37 15.34
CA SER A 151 22.02 -23.57 13.95
C SER A 151 23.15 -24.13 13.09
N GLY A 152 24.38 -23.68 13.30
CA GLY A 152 25.50 -23.91 12.36
C GLY A 152 25.34 -23.15 11.06
N PHE A 153 24.43 -22.17 10.99
CA PHE A 153 24.22 -21.34 9.77
C PHE A 153 25.43 -20.43 9.57
N PRO A 154 25.71 -20.03 8.32
CA PRO A 154 26.70 -18.99 8.07
C PRO A 154 26.15 -17.65 8.60
N LYS A 155 27.05 -16.72 8.93
CA LYS A 155 26.74 -15.50 9.69
C LYS A 155 25.79 -14.59 8.89
N ASN A 156 25.75 -14.71 7.56
CA ASN A 156 24.87 -13.90 6.68
C ASN A 156 23.41 -14.23 7.00
N ARG A 157 23.11 -15.42 7.48
CA ARG A 157 21.72 -15.93 7.64
C ARG A 157 21.31 -15.95 9.13
N VAL A 158 22.06 -15.30 10.01
CA VAL A 158 21.66 -15.16 11.44
C VAL A 158 21.75 -13.67 11.80
N ILE A 159 20.59 -13.04 12.00
CA ILE A 159 20.40 -11.57 12.12
C ILE A 159 19.67 -11.29 13.43
N GLY A 160 20.18 -10.39 14.24
CA GLY A 160 19.43 -9.84 15.39
C GLY A 160 18.72 -8.55 15.01
N SER A 161 17.51 -8.34 15.53
CA SER A 161 16.72 -7.11 15.25
C SER A 161 17.51 -5.89 15.73
N GLY A 162 18.29 -6.07 16.79
CA GLY A 162 19.36 -5.16 17.22
C GLY A 162 18.88 -3.72 17.44
N CYS A 163 19.55 -2.76 16.81
CA CYS A 163 19.35 -1.31 17.06
C CYS A 163 18.47 -0.68 15.97
N ASN A 164 17.75 -1.51 15.22
CA ASN A 164 16.81 -1.00 14.19
C ASN A 164 15.74 -0.19 14.94
N LEU A 165 15.21 -0.73 16.04
CA LEU A 165 14.19 -0.03 16.86
C LEU A 165 14.84 1.17 17.59
N ASP A 166 16.05 1.02 18.14
CA ASP A 166 16.74 2.08 18.90
C ASP A 166 16.96 3.27 17.94
N SER A 167 17.39 3.00 16.72
CA SER A 167 17.59 4.02 15.67
C SER A 167 16.26 4.69 15.31
N ALA A 168 15.16 3.92 15.20
CA ALA A 168 13.83 4.49 14.91
C ALA A 168 13.42 5.45 16.05
N ARG A 169 13.61 5.06 17.31
CA ARG A 169 13.29 5.92 18.47
C ARG A 169 14.12 7.21 18.39
N PHE A 170 15.41 7.11 18.12
CA PHE A 170 16.34 8.25 18.00
C PHE A 170 15.74 9.27 17.02
N ARG A 171 15.34 8.79 15.84
CA ARG A 171 14.84 9.63 14.75
C ARG A 171 13.48 10.23 15.12
N TYR A 172 12.60 9.47 15.79
CA TYR A 172 11.34 10.03 16.32
C TYR A 172 11.65 11.28 17.16
N LEU A 173 12.55 11.13 18.14
CA LEU A 173 12.89 12.18 19.14
C LEU A 173 13.58 13.37 18.45
N MET A 174 14.54 13.08 17.59
CA MET A 174 15.19 14.08 16.71
C MET A 174 14.10 14.89 16.00
N GLY A 175 13.12 14.21 15.42
CA GLY A 175 12.03 14.83 14.64
C GLY A 175 11.19 15.78 15.49
N GLU A 176 10.86 15.39 16.72
CA GLU A 176 10.10 16.23 17.67
C GLU A 176 10.89 17.52 17.93
N ARG A 177 12.20 17.43 18.14
CA ARG A 177 13.01 18.63 18.42
C ARG A 177 13.06 19.56 17.19
N LEU A 178 13.16 19.05 15.98
CA LEU A 178 13.40 19.89 14.77
C LEU A 178 12.10 20.23 14.02
N GLY A 179 10.97 19.59 14.34
CA GLY A 179 9.70 19.78 13.61
C GLY A 179 9.79 19.21 12.20
N VAL A 180 10.45 18.06 12.07
CA VAL A 180 10.71 17.37 10.77
C VAL A 180 10.32 15.90 10.92
N HIS A 181 9.76 15.29 9.86
CA HIS A 181 9.39 13.86 9.88
C HIS A 181 10.64 13.02 10.16
N PRO A 182 10.53 11.95 10.98
CA PRO A 182 11.64 11.04 11.22
C PRO A 182 12.28 10.47 9.94
N LEU A 183 11.51 10.28 8.86
CA LEU A 183 12.08 9.82 7.58
C LEU A 183 13.18 10.77 7.14
N SER A 184 13.04 12.07 7.40
CA SER A 184 13.97 13.12 6.91
C SER A 184 15.03 13.45 7.96
N CYS A 185 14.95 12.83 9.16
CA CYS A 185 15.92 12.98 10.26
C CYS A 185 16.81 11.76 10.30
N HIS A 186 18.09 11.91 10.00
CA HIS A 186 19.06 10.80 9.88
C HIS A 186 19.94 10.79 11.13
N GLY A 187 20.21 9.59 11.62
CA GLY A 187 20.93 9.37 12.88
C GLY A 187 20.96 7.89 13.21
N TRP A 188 22.10 7.40 13.64
CA TRP A 188 22.39 5.96 13.87
C TRP A 188 22.75 5.68 15.33
N VAL A 189 22.06 4.72 15.91
CA VAL A 189 22.39 4.06 17.18
C VAL A 189 22.93 2.67 16.86
N LEU A 190 24.15 2.35 17.32
CA LEU A 190 24.86 1.08 17.01
C LEU A 190 25.23 0.35 18.30
N GLY A 191 25.82 -0.83 18.14
CA GLY A 191 26.27 -1.68 19.26
C GLY A 191 25.12 -2.46 19.86
N GLU A 192 24.99 -2.43 21.17
CA GLU A 192 24.02 -3.26 21.90
C GLU A 192 22.63 -2.64 21.79
N HIS A 193 21.61 -3.46 21.69
CA HIS A 193 20.21 -3.04 21.90
C HIS A 193 20.08 -2.52 23.34
N GLY A 194 19.38 -1.40 23.56
CA GLY A 194 19.04 -0.87 24.89
C GLY A 194 20.18 -0.06 25.52
N ASP A 195 20.44 -0.32 26.81
CA ASP A 195 21.19 0.56 27.74
C ASP A 195 22.55 0.98 27.16
N SER A 196 23.30 0.08 26.55
CA SER A 196 24.72 0.32 26.14
C SER A 196 24.83 0.73 24.67
N SER A 197 23.73 1.09 24.01
CA SER A 197 23.70 1.56 22.60
C SER A 197 24.54 2.84 22.43
N VAL A 198 25.14 3.03 21.25
CA VAL A 198 26.05 4.15 20.93
C VAL A 198 25.40 5.05 19.87
N PRO A 199 25.07 6.32 20.22
CA PRO A 199 24.65 7.30 19.22
C PRO A 199 25.86 7.89 18.49
N VAL A 200 25.86 7.79 17.16
CA VAL A 200 26.94 8.32 16.28
C VAL A 200 26.55 9.75 15.88
N TRP A 201 26.91 10.70 16.74
CA TRP A 201 26.60 12.15 16.59
C TRP A 201 27.09 12.68 15.25
N SER A 202 28.21 12.16 14.75
CA SER A 202 28.86 12.65 13.51
C SER A 202 27.96 12.40 12.30
N GLY A 203 27.01 11.47 12.38
CA GLY A 203 26.16 11.09 11.24
C GLY A 203 24.77 11.72 11.32
N MET A 204 24.45 12.41 12.42
CA MET A 204 23.15 13.10 12.64
C MET A 204 23.04 14.23 11.62
N ASN A 205 22.05 14.19 10.74
CA ASN A 205 21.93 15.19 9.66
C ASN A 205 20.48 15.29 9.20
N VAL A 206 20.14 16.47 8.69
CA VAL A 206 18.94 16.72 7.85
C VAL A 206 19.48 17.20 6.51
N ALA A 207 19.08 16.54 5.43
CA ALA A 207 19.44 16.96 4.05
C ALA A 207 20.95 16.97 3.87
N GLY A 208 21.68 16.11 4.57
CA GLY A 208 23.14 15.95 4.43
C GLY A 208 23.90 17.06 5.13
N VAL A 209 23.21 17.86 5.95
CA VAL A 209 23.81 18.94 6.78
C VAL A 209 24.14 18.35 8.15
N SER A 210 25.42 18.20 8.44
CA SER A 210 25.95 17.74 9.76
C SER A 210 25.47 18.66 10.88
N LEU A 211 24.69 18.16 11.84
CA LEU A 211 24.29 18.96 13.02
C LEU A 211 25.53 19.23 13.88
N LYS A 212 26.46 18.27 13.93
CA LYS A 212 27.74 18.33 14.68
C LYS A 212 28.58 19.51 14.18
N THR A 213 28.70 19.67 12.87
CA THR A 213 29.42 20.78 12.21
C THR A 213 28.78 22.13 12.54
N LEU A 214 27.45 22.23 12.51
CA LEU A 214 26.72 23.50 12.82
C LEU A 214 26.86 23.82 14.33
N HIS A 215 26.92 22.78 15.18
CA HIS A 215 26.86 22.86 16.67
C HIS A 215 27.86 21.87 17.26
N PRO A 216 29.18 22.22 17.31
CA PRO A 216 30.22 21.27 17.71
C PRO A 216 30.06 20.65 19.10
N ASP A 217 29.30 21.28 19.98
CA ASP A 217 28.98 20.75 21.34
C ASP A 217 27.99 19.58 21.26
N LEU A 218 27.37 19.34 20.10
CA LEU A 218 26.39 18.24 19.90
C LEU A 218 26.94 16.93 20.47
N GLY A 219 26.26 16.37 21.47
CA GLY A 219 26.60 15.06 22.05
C GLY A 219 27.76 15.12 23.05
N THR A 220 28.08 16.32 23.55
CA THR A 220 28.99 16.56 24.70
C THR A 220 28.13 17.02 25.88
N ASP A 221 28.71 17.01 27.09
CA ASP A 221 27.98 17.36 28.35
C ASP A 221 27.85 18.88 28.45
N LYS A 222 28.76 19.65 27.84
CA LYS A 222 28.75 21.13 27.91
C LYS A 222 27.54 21.70 27.14
N ASP A 223 27.04 21.00 26.12
CA ASP A 223 25.93 21.38 25.21
C ASP A 223 24.78 22.05 25.97
N LYS A 224 24.52 23.34 25.65
CA LYS A 224 23.47 24.18 26.27
C LYS A 224 22.08 23.64 25.90
N GLU A 225 21.97 23.00 24.73
CA GLU A 225 20.71 22.42 24.21
C GLU A 225 20.54 20.95 24.65
N GLN A 226 21.57 20.33 25.22
CA GLN A 226 21.52 18.98 25.85
C GLN A 226 21.04 17.93 24.84
N TRP A 227 21.73 17.81 23.70
CA TRP A 227 21.33 16.85 22.64
C TRP A 227 21.52 15.40 23.11
N LYS A 228 22.40 15.19 24.11
CA LYS A 228 22.65 13.82 24.66
C LYS A 228 21.34 13.27 25.20
N GLU A 229 20.44 14.15 25.64
CA GLU A 229 19.13 13.79 26.23
C GLU A 229 18.29 13.01 25.20
N VAL A 230 18.49 13.27 23.91
CA VAL A 230 17.81 12.53 22.81
C VAL A 230 18.19 11.04 22.92
N HIS A 231 19.48 10.71 23.03
CA HIS A 231 19.91 9.30 23.18
C HIS A 231 19.49 8.76 24.54
N LYS A 232 19.50 9.57 25.60
CA LYS A 232 19.08 9.10 26.94
C LYS A 232 17.61 8.63 26.82
N GLN A 233 16.79 9.44 26.13
CA GLN A 233 15.35 9.12 25.92
C GLN A 233 15.18 7.85 25.06
N VAL A 234 16.08 7.57 24.12
CA VAL A 234 16.05 6.31 23.33
C VAL A 234 15.98 5.10 24.26
N VAL A 235 16.78 5.09 25.32
CA VAL A 235 16.82 4.01 26.35
C VAL A 235 15.62 4.19 27.29
N GLU A 236 15.43 5.39 27.81
CA GLU A 236 14.47 5.65 28.92
C GLU A 236 13.02 5.48 28.45
N SER A 237 12.73 5.90 27.23
CA SER A 237 11.36 5.82 26.65
C SER A 237 10.95 4.34 26.51
N ALA A 238 11.90 3.45 26.28
CA ALA A 238 11.61 1.99 26.19
C ALA A 238 11.19 1.50 27.57
N TYR A 239 11.98 1.81 28.60
CA TYR A 239 11.63 1.50 30.01
C TYR A 239 10.31 2.17 30.37
N GLU A 240 10.09 3.38 29.89
CA GLU A 240 8.86 4.12 30.23
C GLU A 240 7.64 3.36 29.69
N VAL A 241 7.69 2.92 28.41
CA VAL A 241 6.55 2.15 27.82
C VAL A 241 6.34 0.87 28.64
N ILE A 242 7.43 0.18 28.99
CA ILE A 242 7.34 -1.08 29.79
C ILE A 242 6.67 -0.78 31.13
N LYS A 243 7.09 0.26 31.84
CA LYS A 243 6.44 0.68 33.11
C LYS A 243 4.97 1.01 32.86
N LEU A 244 4.63 1.70 31.76
CA LEU A 244 3.26 2.24 31.54
C LEU A 244 2.30 1.14 31.08
N LYS A 245 2.68 0.28 30.11
CA LYS A 245 1.73 -0.74 29.58
C LYS A 245 2.17 -2.16 29.92
N GLY A 246 3.39 -2.36 30.45
CA GLY A 246 3.86 -3.68 30.95
C GLY A 246 4.86 -4.36 30.01
N TYR A 247 4.97 -3.88 28.76
CA TYR A 247 5.78 -4.47 27.67
C TYR A 247 5.77 -3.49 26.51
N THR A 248 6.58 -3.72 25.47
CA THR A 248 6.46 -3.01 24.17
C THR A 248 6.12 -4.05 23.11
N SER A 249 5.33 -3.66 22.12
CA SER A 249 4.93 -4.56 21.00
C SER A 249 4.92 -3.83 19.65
N TRP A 250 4.24 -2.69 19.54
CA TRP A 250 3.91 -2.03 18.24
C TRP A 250 5.19 -1.60 17.51
N ALA A 251 6.09 -0.89 18.18
CA ALA A 251 7.31 -0.34 17.55
C ALA A 251 8.22 -1.49 17.11
N ILE A 252 8.41 -2.51 17.93
CA ILE A 252 9.31 -3.65 17.54
C ILE A 252 8.67 -4.40 16.37
N GLY A 253 7.35 -4.65 16.43
CA GLY A 253 6.61 -5.29 15.33
C GLY A 253 6.84 -4.57 14.00
N LEU A 254 6.72 -3.24 14.00
CA LEU A 254 6.93 -2.38 12.79
C LEU A 254 8.40 -2.46 12.34
N SER A 255 9.33 -2.39 13.27
CA SER A 255 10.79 -2.53 13.03
C SER A 255 11.13 -3.87 12.35
N VAL A 256 10.58 -4.96 12.85
CA VAL A 256 10.83 -6.33 12.33
C VAL A 256 10.21 -6.45 10.92
N ALA A 257 9.01 -5.92 10.71
CA ALA A 257 8.37 -5.89 9.38
C ALA A 257 9.25 -5.12 8.39
N ASP A 258 9.95 -4.08 8.84
CA ASP A 258 10.87 -3.26 8.01
C ASP A 258 12.08 -4.11 7.59
N LEU A 259 12.67 -4.87 8.50
CA LEU A 259 13.79 -5.80 8.18
C LEU A 259 13.30 -6.89 7.25
N ALA A 260 12.15 -7.48 7.56
CA ALA A 260 11.52 -8.54 6.76
C ALA A 260 11.30 -8.03 5.34
N GLU A 261 10.84 -6.79 5.19
CA GLU A 261 10.59 -6.17 3.86
C GLU A 261 11.90 -6.18 3.07
N SER A 262 12.99 -5.70 3.66
CA SER A 262 14.31 -5.64 2.98
C SER A 262 14.76 -7.04 2.59
N ILE A 263 14.54 -8.03 3.45
CA ILE A 263 14.99 -9.43 3.18
C ILE A 263 14.11 -10.07 2.09
N MET A 264 12.78 -10.00 2.23
CA MET A 264 11.83 -10.74 1.35
C MET A 264 11.84 -10.13 -0.06
N LYS A 265 12.08 -8.82 -0.19
CA LYS A 265 12.05 -8.10 -1.48
C LYS A 265 13.48 -7.84 -1.97
N ASN A 266 14.51 -8.32 -1.28
CA ASN A 266 15.94 -8.21 -1.68
C ASN A 266 16.31 -6.74 -1.93
N LEU A 267 15.92 -5.84 -1.03
CA LEU A 267 16.03 -4.38 -1.29
C LEU A 267 17.49 -3.91 -1.22
N ARG A 268 18.34 -4.51 -0.37
CA ARG A 268 19.73 -4.06 -0.12
C ARG A 268 19.67 -2.63 0.45
N ARG A 269 18.70 -2.36 1.32
CA ARG A 269 18.66 -1.20 2.21
C ARG A 269 19.59 -1.48 3.37
N VAL A 270 20.04 -0.40 4.03
CA VAL A 270 21.02 -0.47 5.13
C VAL A 270 20.25 -0.28 6.44
N HIS A 271 20.38 -1.26 7.33
CA HIS A 271 19.73 -1.27 8.67
C HIS A 271 20.79 -1.52 9.73
N PRO A 272 20.65 -0.91 10.93
CA PRO A 272 21.50 -1.25 12.06
C PRO A 272 20.95 -2.53 12.68
N VAL A 273 21.48 -3.68 12.28
CA VAL A 273 21.08 -5.00 12.86
C VAL A 273 22.31 -5.67 13.47
N SER A 274 22.05 -6.67 14.31
CA SER A 274 23.07 -7.40 15.10
C SER A 274 23.67 -8.50 14.24
N THR A 275 24.96 -8.39 13.96
CA THR A 275 25.73 -9.32 13.10
C THR A 275 27.05 -9.67 13.79
N MET A 276 27.63 -10.78 13.37
CA MET A 276 28.90 -11.33 13.94
C MET A 276 30.03 -10.41 13.48
N ILE A 277 30.64 -9.71 14.43
CA ILE A 277 31.48 -8.51 14.20
C ILE A 277 32.98 -8.81 14.49
N LYS A 278 33.36 -10.05 14.85
CA LYS A 278 34.77 -10.47 15.05
C LYS A 278 35.57 -10.07 13.79
N GLY A 279 36.66 -9.32 13.98
CA GLY A 279 37.54 -8.85 12.90
C GLY A 279 37.41 -7.36 12.65
N LEU A 280 36.37 -6.71 13.18
CA LEU A 280 36.02 -5.29 12.91
C LEU A 280 36.04 -4.51 14.22
N TYR A 281 36.33 -3.21 14.11
CA TYR A 281 36.35 -2.21 15.21
C TYR A 281 37.19 -2.77 16.36
N GLY A 282 38.22 -3.57 16.04
CA GLY A 282 39.15 -4.18 17.01
C GLY A 282 38.49 -5.22 17.90
N ILE A 283 37.39 -5.83 17.47
CA ILE A 283 36.70 -6.91 18.25
C ILE A 283 37.36 -8.24 17.88
N LYS A 284 37.77 -9.03 18.87
CA LYS A 284 38.54 -10.30 18.63
C LYS A 284 37.72 -11.53 19.01
N ASP A 285 36.53 -11.35 19.61
CA ASP A 285 35.67 -12.47 20.07
C ASP A 285 34.48 -12.67 19.14
N ASP A 286 33.83 -13.83 19.25
CA ASP A 286 32.57 -14.20 18.55
C ASP A 286 31.38 -13.50 19.23
N VAL A 287 31.11 -12.24 18.88
CA VAL A 287 29.96 -11.48 19.43
C VAL A 287 29.19 -10.84 18.29
N PHE A 288 27.90 -10.63 18.55
CA PHE A 288 26.95 -9.94 17.64
C PHE A 288 26.69 -8.54 18.21
N LEU A 289 26.93 -7.52 17.38
CA LEU A 289 26.57 -6.12 17.70
C LEU A 289 25.97 -5.46 16.46
N SER A 290 25.17 -4.42 16.67
CA SER A 290 24.51 -3.67 15.56
C SER A 290 25.53 -2.74 14.89
N VAL A 291 25.79 -3.00 13.62
CA VAL A 291 26.42 -2.04 12.68
C VAL A 291 25.49 -1.93 11.46
N PRO A 292 25.62 -0.91 10.60
CA PRO A 292 24.76 -0.81 9.43
C PRO A 292 25.07 -1.95 8.45
N CYS A 293 24.09 -2.80 8.16
CA CYS A 293 24.22 -3.95 7.25
C CYS A 293 23.31 -3.76 6.04
N ILE A 294 23.75 -4.28 4.90
CA ILE A 294 22.93 -4.38 3.67
C ILE A 294 22.14 -5.68 3.75
N LEU A 295 20.81 -5.58 3.76
CA LEU A 295 19.87 -6.72 3.92
C LEU A 295 19.22 -7.02 2.59
N GLY A 296 19.12 -8.31 2.25
CA GLY A 296 18.52 -8.82 1.01
C GLY A 296 18.20 -10.29 1.16
N GLN A 297 18.03 -11.01 0.05
CA GLN A 297 17.46 -12.39 0.06
C GLN A 297 18.45 -13.42 0.65
N ASN A 298 19.73 -13.06 0.82
CA ASN A 298 20.73 -13.94 1.48
C ASN A 298 21.02 -13.46 2.91
N GLY A 299 20.16 -12.61 3.48
CA GLY A 299 20.40 -11.96 4.78
C GLY A 299 21.42 -10.82 4.64
N ILE A 300 22.41 -10.79 5.51
CA ILE A 300 23.47 -9.74 5.52
C ILE A 300 24.51 -10.09 4.47
N SER A 301 24.58 -9.32 3.37
CA SER A 301 25.54 -9.55 2.25
C SER A 301 26.81 -8.72 2.47
N ASP A 302 26.70 -7.63 3.23
CA ASP A 302 27.71 -6.56 3.30
C ASP A 302 27.49 -5.77 4.60
N LEU A 303 28.54 -5.18 5.14
CA LEU A 303 28.52 -4.23 6.29
C LEU A 303 29.02 -2.87 5.80
N VAL A 304 28.50 -1.80 6.38
CA VAL A 304 29.07 -0.43 6.22
C VAL A 304 30.08 -0.23 7.34
N LYS A 305 31.29 0.18 6.98
CA LYS A 305 32.39 0.40 7.94
C LYS A 305 32.28 1.84 8.40
N VAL A 306 31.59 2.09 9.50
CA VAL A 306 31.37 3.47 10.01
C VAL A 306 32.65 3.94 10.68
N THR A 307 33.10 5.16 10.37
CA THR A 307 34.22 5.82 11.07
C THR A 307 33.69 6.26 12.44
N LEU A 308 34.15 5.61 13.50
CA LEU A 308 33.77 5.97 14.89
C LEU A 308 34.89 6.83 15.53
N THR A 309 34.51 7.68 16.46
CA THR A 309 35.43 8.34 17.42
C THR A 309 36.03 7.25 18.32
N SER A 310 37.15 7.56 18.99
CA SER A 310 37.81 6.69 19.98
C SER A 310 36.79 6.22 21.02
N GLU A 311 35.95 7.16 21.49
CA GLU A 311 34.92 6.95 22.56
C GLU A 311 33.87 5.94 22.07
N GLU A 312 33.42 6.10 20.82
CA GLU A 312 32.40 5.23 20.19
C GLU A 312 33.00 3.83 20.04
N GLU A 313 34.22 3.76 19.52
CA GLU A 313 34.99 2.50 19.34
C GLU A 313 35.13 1.81 20.69
N ALA A 314 35.42 2.57 21.75
CA ALA A 314 35.66 2.06 23.11
C ALA A 314 34.38 1.39 23.62
N ARG A 315 33.21 2.01 23.35
CA ARG A 315 31.90 1.50 23.84
C ARG A 315 31.60 0.12 23.21
N LEU A 316 31.93 -0.07 21.94
CA LEU A 316 31.69 -1.35 21.21
C LEU A 316 32.63 -2.43 21.77
N LYS A 317 33.90 -2.06 21.99
CA LYS A 317 34.91 -3.04 22.47
C LYS A 317 34.50 -3.51 23.87
N LYS A 318 34.05 -2.59 24.70
CA LYS A 318 33.56 -2.89 26.07
C LYS A 318 32.34 -3.82 25.97
N SER A 319 31.42 -3.55 25.04
CA SER A 319 30.20 -4.36 24.79
C SER A 319 30.63 -5.78 24.39
N ALA A 320 31.59 -5.89 23.46
CA ALA A 320 32.13 -7.19 23.01
C ALA A 320 32.68 -7.98 24.21
N ASP A 321 33.49 -7.32 25.05
CA ASP A 321 34.11 -7.97 26.24
C ASP A 321 32.97 -8.50 27.14
N THR A 322 32.00 -7.65 27.47
CA THR A 322 30.88 -7.98 28.37
C THR A 322 30.06 -9.16 27.80
N LEU A 323 29.80 -9.15 26.49
CA LEU A 323 28.98 -10.17 25.82
C LEU A 323 29.76 -11.51 25.78
N TRP A 324 31.04 -11.50 25.43
CA TRP A 324 31.90 -12.71 25.44
C TRP A 324 31.97 -13.32 26.85
N GLY A 325 32.10 -12.48 27.87
CA GLY A 325 32.09 -12.89 29.30
C GLY A 325 30.85 -13.68 29.66
N ILE A 326 29.67 -13.18 29.30
CA ILE A 326 28.38 -13.87 29.54
C ILE A 326 28.33 -15.15 28.66
N GLN A 327 28.77 -15.05 27.41
CA GLN A 327 28.59 -16.13 26.41
C GLN A 327 29.42 -17.35 26.80
N LYS A 328 30.66 -17.17 27.29
CA LYS A 328 31.54 -18.31 27.65
C LYS A 328 30.96 -19.06 28.86
N GLU A 329 30.12 -18.42 29.69
CA GLU A 329 29.46 -19.04 30.87
C GLU A 329 28.14 -19.75 30.52
N LEU A 330 27.71 -19.77 29.26
CA LEU A 330 26.41 -20.40 28.86
C LEU A 330 26.68 -21.86 28.49
N GLN A 331 25.68 -22.72 28.71
CA GLN A 331 25.79 -24.19 28.52
C GLN A 331 24.91 -24.61 27.33
N PHE A 332 25.56 -25.21 26.32
CA PHE A 332 24.98 -25.86 25.12
C PHE A 332 24.97 -27.38 25.34
N ALA B 2 22.53 31.62 17.58
CA ALA B 2 21.11 31.10 17.72
C ALA B 2 21.13 29.58 18.00
N THR B 3 19.94 29.01 18.29
CA THR B 3 19.73 27.56 18.49
C THR B 3 20.11 26.79 17.23
N LEU B 4 20.49 25.50 17.39
CA LEU B 4 20.75 24.57 16.27
C LEU B 4 19.55 24.57 15.29
N LYS B 5 18.33 24.46 15.81
CA LYS B 5 17.11 24.46 14.97
C LYS B 5 17.14 25.69 14.05
N ASP B 6 17.37 26.89 14.61
CA ASP B 6 17.32 28.19 13.88
C ASP B 6 18.53 28.34 12.94
N GLN B 7 19.68 27.76 13.26
CA GLN B 7 20.86 27.74 12.36
C GLN B 7 20.58 26.84 11.16
N LEU B 8 19.82 25.76 11.37
CA LEU B 8 19.56 24.69 10.37
C LEU B 8 18.32 25.03 9.54
N ILE B 9 17.29 25.64 10.14
CA ILE B 9 15.94 25.80 9.54
C ILE B 9 15.52 27.27 9.61
N TYR B 10 15.23 27.88 8.45
CA TYR B 10 14.54 29.21 8.32
C TYR B 10 13.03 28.97 8.26
N ASN B 11 12.29 29.43 9.27
CA ASN B 11 10.82 29.29 9.37
C ASN B 11 10.13 30.34 8.49
N LEU B 12 9.12 29.94 7.70
CA LEU B 12 8.30 30.85 6.84
C LEU B 12 6.95 31.15 7.52
N LEU B 13 6.35 30.19 8.23
CA LEU B 13 4.98 30.42 8.79
C LEU B 13 4.75 29.62 10.07
N LYS B 14 4.04 30.21 11.04
CA LYS B 14 3.42 29.54 12.22
C LYS B 14 2.25 28.64 11.79
N GLU B 15 2.14 27.42 12.34
CA GLU B 15 1.01 26.47 12.14
C GLU B 15 -0.21 26.96 12.92
N THR B 18 -4.65 22.87 11.33
CA THR B 18 -5.87 22.03 11.51
C THR B 18 -5.68 20.68 10.83
N PRO B 19 -6.04 19.57 11.48
CA PRO B 19 -5.93 18.27 10.85
C PRO B 19 -7.07 18.09 9.84
N GLN B 20 -6.77 17.49 8.69
CA GLN B 20 -7.73 17.38 7.56
C GLN B 20 -8.38 15.99 7.55
N ASN B 21 -7.76 14.98 8.19
CA ASN B 21 -8.18 13.56 8.06
C ASN B 21 -7.98 12.84 9.39
N LYS B 22 -8.51 13.42 10.47
CA LYS B 22 -8.25 12.96 11.85
C LYS B 22 -9.20 11.84 12.24
N ILE B 23 -8.67 10.80 12.88
CA ILE B 23 -9.46 9.68 13.46
C ILE B 23 -9.15 9.61 14.95
N THR B 24 -10.18 9.42 15.77
CA THR B 24 -10.04 9.16 17.22
C THR B 24 -10.48 7.72 17.49
N VAL B 25 -9.75 7.04 18.36
CA VAL B 25 -10.17 5.72 18.91
C VAL B 25 -10.36 5.91 20.41
N VAL B 26 -11.56 5.68 20.92
CA VAL B 26 -11.87 5.74 22.39
C VAL B 26 -11.91 4.31 22.94
N GLY B 27 -11.00 4.01 23.85
CA GLY B 27 -10.81 2.66 24.39
C GLY B 27 -9.62 1.97 23.75
N VAL B 28 -8.51 1.89 24.47
CA VAL B 28 -7.22 1.31 23.98
C VAL B 28 -6.99 -0.05 24.67
N GLY B 29 -8.04 -0.87 24.75
CA GLY B 29 -7.93 -2.32 24.93
C GLY B 29 -7.33 -3.00 23.71
N ALA B 30 -7.36 -4.33 23.68
CA ALA B 30 -6.83 -5.13 22.56
C ALA B 30 -7.56 -4.71 21.28
N VAL B 31 -8.85 -4.41 21.38
CA VAL B 31 -9.72 -4.11 20.19
C VAL B 31 -9.35 -2.72 19.65
N GLY B 32 -9.31 -1.70 20.50
CA GLY B 32 -8.97 -0.33 20.08
C GLY B 32 -7.57 -0.24 19.48
N MET B 33 -6.59 -0.94 20.06
CA MET B 33 -5.20 -0.91 19.59
C MET B 33 -5.09 -1.70 18.26
N ALA B 34 -5.85 -2.78 18.08
CA ALA B 34 -5.88 -3.50 16.79
C ALA B 34 -6.49 -2.60 15.72
N CYS B 35 -7.52 -1.83 16.07
CA CYS B 35 -8.11 -0.80 15.17
C CYS B 35 -7.02 0.22 14.84
N ALA B 36 -6.29 0.67 15.86
CA ALA B 36 -5.26 1.73 15.69
C ALA B 36 -4.16 1.25 14.73
N ILE B 37 -3.57 0.08 14.96
CA ILE B 37 -2.44 -0.41 14.14
C ILE B 37 -2.95 -0.63 12.69
N SER B 38 -4.14 -1.20 12.51
CA SER B 38 -4.74 -1.43 11.18
C SER B 38 -4.93 -0.09 10.45
N ILE B 39 -5.43 0.92 11.14
CA ILE B 39 -5.67 2.28 10.57
C ILE B 39 -4.31 2.89 10.22
N LEU B 40 -3.32 2.80 11.11
CA LEU B 40 -1.97 3.35 10.84
C LEU B 40 -1.34 2.66 9.63
N MET B 41 -1.56 1.35 9.48
CA MET B 41 -0.87 0.59 8.44
C MET B 41 -1.57 0.74 7.09
N LYS B 42 -2.78 1.30 7.08
CA LYS B 42 -3.54 1.60 5.86
C LYS B 42 -3.50 3.12 5.54
N ASP B 43 -2.77 3.94 6.28
CA ASP B 43 -2.59 5.39 5.94
C ASP B 43 -3.94 6.11 5.76
N LEU B 44 -4.89 5.91 6.67
CA LEU B 44 -6.24 6.52 6.53
C LEU B 44 -6.34 7.87 7.24
N ALA B 45 -5.35 8.24 8.04
CA ALA B 45 -5.37 9.43 8.93
C ALA B 45 -4.08 10.24 8.84
N ASP B 46 -4.20 11.57 8.95
CA ASP B 46 -3.04 12.49 9.14
C ASP B 46 -2.82 12.72 10.63
N GLU B 47 -3.81 12.37 11.45
CA GLU B 47 -3.75 12.53 12.93
C GLU B 47 -4.56 11.39 13.53
N LEU B 48 -3.98 10.67 14.47
CA LEU B 48 -4.65 9.62 15.26
C LEU B 48 -4.64 10.08 16.71
N ALA B 49 -5.82 10.17 17.31
CA ALA B 49 -6.00 10.51 18.74
C ALA B 49 -6.52 9.27 19.47
N LEU B 50 -5.88 8.93 20.59
CA LEU B 50 -6.31 7.84 21.50
C LEU B 50 -6.88 8.45 22.79
N VAL B 51 -7.99 7.90 23.28
CA VAL B 51 -8.59 8.27 24.58
C VAL B 51 -8.86 6.99 25.37
N ASP B 52 -8.66 7.03 26.69
CA ASP B 52 -9.08 5.98 27.65
C ASP B 52 -9.24 6.66 29.02
N VAL B 53 -9.66 5.90 30.04
CA VAL B 53 -9.70 6.38 31.45
C VAL B 53 -8.43 5.93 32.18
N ILE B 54 -7.78 4.87 31.70
CA ILE B 54 -6.53 4.32 32.32
C ILE B 54 -5.35 5.08 31.72
N GLU B 55 -4.83 6.06 32.45
CA GLU B 55 -3.87 7.06 31.91
C GLU B 55 -2.53 6.41 31.56
N ASP B 56 -2.06 5.42 32.32
CA ASP B 56 -0.74 4.78 32.09
C ASP B 56 -0.80 3.95 30.80
N LYS B 57 -1.78 3.05 30.69
CA LYS B 57 -2.01 2.21 29.49
CA LYS B 57 -2.01 2.21 29.49
C LYS B 57 -2.09 3.15 28.27
N LEU B 58 -2.90 4.20 28.38
CA LEU B 58 -3.12 5.16 27.28
C LEU B 58 -1.78 5.75 26.82
N LYS B 59 -1.02 6.34 27.74
CA LYS B 59 0.27 6.99 27.45
C LYS B 59 1.26 5.97 26.85
N GLY B 60 1.32 4.78 27.44
CA GLY B 60 2.24 3.72 26.97
C GLY B 60 1.91 3.26 25.56
N GLU B 61 0.64 3.07 25.24
CA GLU B 61 0.20 2.67 23.88
C GLU B 61 0.52 3.80 22.88
N MET B 62 0.26 5.06 23.23
CA MET B 62 0.56 6.23 22.36
C MET B 62 2.07 6.27 22.09
N MET B 63 2.87 6.08 23.12
CA MET B 63 4.35 6.15 22.98
C MET B 63 4.83 4.99 22.08
N ASP B 64 4.31 3.78 22.31
CA ASP B 64 4.71 2.56 21.54
C ASP B 64 4.45 2.82 20.04
N LEU B 65 3.27 3.36 19.70
CA LEU B 65 2.94 3.74 18.31
C LEU B 65 3.90 4.82 17.81
N GLN B 66 4.07 5.87 18.61
CA GLN B 66 4.95 7.02 18.24
C GLN B 66 6.33 6.51 17.88
N HIS B 67 6.87 5.51 18.62
CA HIS B 67 8.25 5.01 18.42
C HIS B 67 8.37 4.34 17.06
N GLY B 68 7.23 3.93 16.47
CA GLY B 68 7.18 3.31 15.13
C GLY B 68 6.93 4.31 14.01
N SER B 69 6.88 5.62 14.31
CA SER B 69 6.62 6.74 13.35
C SER B 69 7.45 6.59 12.08
N LEU B 70 8.73 6.24 12.23
CA LEU B 70 9.68 6.11 11.09
C LEU B 70 9.08 5.16 10.06
N PHE B 71 8.29 4.17 10.50
CA PHE B 71 7.78 3.09 9.61
C PHE B 71 6.34 3.37 9.16
N LEU B 72 5.78 4.52 9.57
CA LEU B 72 4.38 4.91 9.30
C LEU B 72 4.37 6.20 8.48
N ARG B 73 3.18 6.60 8.03
CA ARG B 73 2.98 7.84 7.23
C ARG B 73 1.80 8.62 7.85
N THR B 74 1.67 8.54 9.18
CA THR B 74 0.66 9.27 9.99
C THR B 74 1.45 10.19 10.93
N PRO B 75 1.61 11.48 10.59
CA PRO B 75 2.61 12.34 11.23
C PRO B 75 2.28 12.83 12.66
N LYS B 76 1.05 12.70 13.11
CA LYS B 76 0.65 13.11 14.48
C LYS B 76 -0.14 12.00 15.16
N ILE B 77 0.41 11.50 16.26
CA ILE B 77 -0.25 10.54 17.19
C ILE B 77 -0.31 11.21 18.56
N VAL B 78 -1.52 11.39 19.11
CA VAL B 78 -1.77 12.08 20.40
C VAL B 78 -2.74 11.23 21.23
N SER B 79 -2.73 11.47 22.56
CA SER B 79 -3.61 10.78 23.53
C SER B 79 -3.91 11.73 24.68
N GLY B 80 -4.97 11.41 25.43
CA GLY B 80 -5.31 12.05 26.71
C GLY B 80 -6.68 11.59 27.18
N LYS B 81 -6.96 11.80 28.47
CA LYS B 81 -8.31 11.55 29.03
C LYS B 81 -9.21 12.73 28.69
N ASP B 82 -8.66 13.89 28.35
CA ASP B 82 -9.41 15.13 28.02
C ASP B 82 -9.76 15.09 26.52
N TYR B 83 -11.03 15.32 26.19
CA TYR B 83 -11.52 15.17 24.79
C TYR B 83 -11.10 16.34 23.89
N ASN B 84 -10.31 17.29 24.38
CA ASN B 84 -9.75 18.37 23.53
C ASN B 84 -8.74 17.79 22.51
N VAL B 85 -8.11 16.65 22.81
CA VAL B 85 -7.16 15.95 21.89
C VAL B 85 -7.93 15.35 20.70
N THR B 86 -9.25 15.21 20.79
CA THR B 86 -10.11 14.59 19.75
C THR B 86 -10.72 15.65 18.83
N ALA B 87 -10.45 16.94 19.08
CA ALA B 87 -11.06 18.06 18.34
C ALA B 87 -10.86 17.88 16.83
N ASN B 88 -11.93 18.02 16.05
CA ASN B 88 -11.89 18.11 14.56
C ASN B 88 -11.63 16.72 13.94
N SER B 89 -12.13 15.67 14.58
CA SER B 89 -12.10 14.28 14.07
C SER B 89 -13.15 14.15 12.98
N LYS B 90 -12.77 13.55 11.84
CA LYS B 90 -13.74 13.16 10.80
C LYS B 90 -14.49 11.93 11.30
N LEU B 91 -13.80 11.07 12.04
CA LEU B 91 -14.32 9.72 12.41
C LEU B 91 -13.87 9.39 13.82
N VAL B 92 -14.80 8.91 14.65
CA VAL B 92 -14.52 8.58 16.07
C VAL B 92 -15.05 7.17 16.33
N ILE B 93 -14.12 6.27 16.66
CA ILE B 93 -14.37 4.81 16.82
C ILE B 93 -14.42 4.53 18.32
N ILE B 94 -15.53 3.97 18.79
CA ILE B 94 -15.78 3.69 20.23
C ILE B 94 -15.61 2.18 20.44
N THR B 95 -14.53 1.81 21.13
CA THR B 95 -14.15 0.42 21.46
C THR B 95 -14.05 0.29 22.98
N ALA B 96 -14.64 1.24 23.70
CA ALA B 96 -14.61 1.30 25.18
C ALA B 96 -15.66 0.34 25.74
N GLY B 97 -15.35 -0.37 26.81
CA GLY B 97 -16.32 -1.31 27.41
C GLY B 97 -15.91 -1.74 28.79
N ALA B 98 -16.90 -2.19 29.56
CA ALA B 98 -16.70 -2.79 30.90
C ALA B 98 -16.36 -4.28 30.73
N ARG B 99 -15.60 -4.84 31.66
CA ARG B 99 -15.23 -6.29 31.70
C ARG B 99 -16.34 -7.03 32.47
N GLN B 100 -16.95 -8.05 31.88
CA GLN B 100 -17.97 -8.90 32.53
C GLN B 100 -17.42 -9.40 33.87
N GLN B 101 -18.19 -9.24 34.96
CA GLN B 101 -17.88 -9.76 36.31
C GLN B 101 -18.61 -11.08 36.55
N GLU B 102 -18.09 -11.95 37.42
CA GLU B 102 -18.76 -13.18 37.88
C GLU B 102 -20.06 -12.78 38.59
N GLY B 103 -21.20 -13.34 38.18
CA GLY B 103 -22.49 -13.14 38.86
C GLY B 103 -23.23 -11.91 38.34
N GLU B 104 -22.55 -11.00 37.63
CA GLU B 104 -23.15 -9.80 37.02
C GLU B 104 -24.22 -10.22 36.01
N SER B 105 -25.40 -9.60 36.06
CA SER B 105 -26.52 -9.88 35.13
C SER B 105 -26.20 -9.25 33.77
N ARG B 106 -26.84 -9.74 32.72
CA ARG B 106 -26.71 -9.24 31.33
C ARG B 106 -27.11 -7.76 31.26
N LEU B 107 -28.22 -7.39 31.93
CA LEU B 107 -28.76 -6.01 31.93
C LEU B 107 -27.78 -5.08 32.62
N ASN B 108 -27.12 -5.56 33.68
CA ASN B 108 -26.15 -4.75 34.46
C ASN B 108 -24.94 -4.42 33.57
N LEU B 109 -24.42 -5.42 32.83
CA LEU B 109 -23.27 -5.22 31.91
C LEU B 109 -23.63 -4.15 30.89
N VAL B 110 -24.81 -4.27 30.28
CA VAL B 110 -25.29 -3.28 29.28
C VAL B 110 -25.35 -1.89 29.91
N GLN B 111 -25.92 -1.78 31.10
CA GLN B 111 -26.14 -0.46 31.77
C GLN B 111 -24.80 0.19 32.05
N ARG B 112 -23.82 -0.59 32.52
CA ARG B 112 -22.43 -0.12 32.77
C ARG B 112 -21.84 0.46 31.47
N ASN B 113 -22.04 -0.22 30.33
CA ASN B 113 -21.58 0.30 29.01
C ASN B 113 -22.41 1.56 28.66
N VAL B 114 -23.72 1.60 28.98
CA VAL B 114 -24.51 2.84 28.75
C VAL B 114 -23.87 4.00 29.51
N ASN B 115 -23.43 3.77 30.75
CA ASN B 115 -22.91 4.84 31.65
C ASN B 115 -21.57 5.35 31.11
N ILE B 116 -20.76 4.46 30.57
CA ILE B 116 -19.50 4.82 29.83
C ILE B 116 -19.89 5.73 28.65
N PHE B 117 -20.91 5.36 27.87
CA PHE B 117 -21.35 6.15 26.69
C PHE B 117 -21.88 7.51 27.15
N LYS B 118 -22.51 7.56 28.32
CA LYS B 118 -23.02 8.83 28.92
C LYS B 118 -21.88 9.83 29.06
N PHE B 119 -20.67 9.37 29.40
CA PHE B 119 -19.48 10.25 29.55
C PHE B 119 -18.83 10.50 28.16
N ILE B 120 -18.61 9.43 27.39
CA ILE B 120 -17.86 9.46 26.09
C ILE B 120 -18.59 10.36 25.09
N ILE B 121 -19.85 10.04 24.82
CA ILE B 121 -20.52 10.55 23.59
C ILE B 121 -20.63 12.07 23.62
N PRO B 122 -21.13 12.72 24.70
CA PRO B 122 -21.28 14.18 24.72
C PRO B 122 -19.94 14.90 24.56
N ASN B 123 -18.86 14.33 25.11
CA ASN B 123 -17.49 14.89 24.99
C ASN B 123 -17.01 14.80 23.53
N VAL B 124 -17.22 13.64 22.88
CA VAL B 124 -16.88 13.43 21.44
C VAL B 124 -17.59 14.52 20.62
N VAL B 125 -18.90 14.69 20.84
CA VAL B 125 -19.78 15.62 20.08
C VAL B 125 -19.33 17.08 20.28
N LYS B 126 -19.00 17.48 21.51
CA LYS B 126 -18.55 18.86 21.83
C LYS B 126 -17.34 19.20 20.94
N TYR B 127 -16.35 18.31 20.85
CA TYR B 127 -15.06 18.62 20.19
C TYR B 127 -15.10 18.26 18.69
N SER B 128 -15.98 17.37 18.24
CA SER B 128 -16.12 17.00 16.81
C SER B 128 -17.60 16.92 16.47
N PRO B 129 -18.31 18.08 16.44
CA PRO B 129 -19.75 18.10 16.21
C PRO B 129 -20.15 17.51 14.85
N ASN B 130 -19.26 17.48 13.86
CA ASN B 130 -19.55 16.98 12.49
C ASN B 130 -18.99 15.58 12.23
N CYS B 131 -18.44 14.89 13.23
CA CYS B 131 -17.80 13.57 13.02
C CYS B 131 -18.85 12.50 12.69
N LYS B 132 -18.40 11.40 12.08
CA LYS B 132 -19.12 10.09 12.05
C LYS B 132 -18.71 9.30 13.29
N LEU B 133 -19.68 8.67 13.94
CA LEU B 133 -19.45 7.75 15.08
C LEU B 133 -19.50 6.33 14.53
N LEU B 134 -18.44 5.55 14.77
CA LEU B 134 -18.37 4.10 14.49
C LEU B 134 -18.34 3.38 15.84
N ILE B 135 -19.42 2.68 16.17
CA ILE B 135 -19.59 2.01 17.48
C ILE B 135 -19.17 0.55 17.32
N VAL B 136 -18.24 0.09 18.16
CA VAL B 136 -17.73 -1.30 18.15
C VAL B 136 -18.14 -2.02 19.44
N SER B 137 -18.11 -1.33 20.57
CA SER B 137 -18.39 -1.86 21.94
C SER B 137 -19.64 -2.76 21.96
N ASN B 138 -19.58 -3.90 22.65
CA ASN B 138 -20.76 -4.79 22.73
C ASN B 138 -21.57 -4.49 23.99
N PRO B 139 -22.91 -4.71 23.96
CA PRO B 139 -23.60 -5.18 22.77
C PRO B 139 -23.80 -4.12 21.68
N VAL B 140 -23.30 -4.39 20.47
CA VAL B 140 -22.97 -3.32 19.47
C VAL B 140 -24.26 -2.72 18.89
N ASP B 141 -25.27 -3.53 18.59
CA ASP B 141 -26.54 -3.03 18.01
C ASP B 141 -27.25 -2.13 19.04
N ILE B 142 -27.30 -2.54 20.30
CA ILE B 142 -27.96 -1.77 21.38
C ILE B 142 -27.15 -0.49 21.62
N LEU B 143 -25.82 -0.59 21.75
CA LEU B 143 -24.98 0.59 22.11
C LEU B 143 -24.93 1.58 20.93
N THR B 144 -25.16 1.15 19.70
CA THR B 144 -25.27 2.09 18.56
C THR B 144 -26.52 2.94 18.72
N TYR B 145 -27.66 2.31 19.02
CA TYR B 145 -28.91 3.00 19.42
C TYR B 145 -28.59 4.04 20.51
N VAL B 146 -27.90 3.61 21.56
CA VAL B 146 -27.61 4.46 22.75
C VAL B 146 -26.81 5.69 22.31
N ALA B 147 -25.80 5.49 21.46
CA ALA B 147 -24.88 6.56 21.00
C ALA B 147 -25.66 7.54 20.13
N TRP B 148 -26.55 7.04 19.29
CA TRP B 148 -27.45 7.88 18.46
C TRP B 148 -28.30 8.79 19.39
N LYS B 149 -28.94 8.21 20.40
CA LYS B 149 -29.86 8.95 21.28
C LYS B 149 -29.07 10.00 22.06
N ILE B 150 -27.94 9.63 22.67
CA ILE B 150 -27.12 10.56 23.50
C ILE B 150 -26.50 11.65 22.62
N SER B 151 -26.00 11.29 21.42
CA SER B 151 -25.29 12.24 20.53
C SER B 151 -26.26 13.29 19.98
N GLY B 152 -27.48 12.89 19.66
CA GLY B 152 -28.42 13.72 18.87
C GLY B 152 -27.99 13.85 17.41
N PHE B 153 -27.04 13.02 16.94
CA PHE B 153 -26.59 13.00 15.53
C PHE B 153 -27.69 12.46 14.65
N PRO B 154 -27.74 12.85 13.37
CA PRO B 154 -28.61 12.18 12.40
C PRO B 154 -28.08 10.76 12.16
N LYS B 155 -28.97 9.87 11.73
CA LYS B 155 -28.73 8.41 11.73
C LYS B 155 -27.62 8.07 10.72
N ASN B 156 -27.35 8.92 9.73
CA ASN B 156 -26.28 8.71 8.72
C ASN B 156 -24.92 8.72 9.42
N ARG B 157 -24.79 9.41 10.55
CA ARG B 157 -23.46 9.65 11.19
C ARG B 157 -23.32 8.78 12.45
N VAL B 158 -24.18 7.77 12.66
CA VAL B 158 -24.02 6.82 13.80
C VAL B 158 -24.11 5.41 13.23
N ILE B 159 -22.97 4.70 13.21
CA ILE B 159 -22.79 3.40 12.51
C ILE B 159 -22.29 2.37 13.53
N GLY B 160 -22.91 1.20 13.59
CA GLY B 160 -22.36 0.06 14.34
C GLY B 160 -21.53 -0.85 13.45
N SER B 161 -20.41 -1.38 13.94
CA SER B 161 -19.52 -2.29 13.16
C SER B 161 -20.33 -3.52 12.76
N GLY B 162 -21.28 -3.91 13.60
CA GLY B 162 -22.36 -4.86 13.26
C GLY B 162 -21.84 -6.18 12.72
N CYS B 163 -22.35 -6.60 11.55
CA CYS B 163 -22.08 -7.93 10.95
C CYS B 163 -20.97 -7.87 9.90
N ASN B 164 -20.19 -6.79 9.85
CA ASN B 164 -19.04 -6.70 8.91
C ASN B 164 -18.07 -7.83 9.28
N LEU B 165 -17.80 -8.04 10.57
CA LEU B 165 -16.93 -9.14 11.05
C LEU B 165 -17.62 -10.50 10.83
N ASP B 166 -18.90 -10.62 11.16
CA ASP B 166 -19.65 -11.91 11.03
C ASP B 166 -19.63 -12.33 9.56
N SER B 167 -19.84 -11.37 8.65
CA SER B 167 -19.79 -11.62 7.18
C SER B 167 -18.38 -12.04 6.76
N ALA B 168 -17.34 -11.41 7.30
CA ALA B 168 -15.93 -11.79 6.99
C ALA B 168 -15.66 -13.23 7.46
N ARG B 169 -16.12 -13.61 8.65
CA ARG B 169 -15.95 -15.01 9.15
C ARG B 169 -16.68 -15.97 8.21
N PHE B 170 -17.91 -15.65 7.82
CA PHE B 170 -18.73 -16.48 6.90
C PHE B 170 -17.93 -16.76 5.63
N ARG B 171 -17.37 -15.72 5.05
CA ARG B 171 -16.59 -15.80 3.78
C ARG B 171 -15.29 -16.59 3.99
N TYR B 172 -14.61 -16.42 5.12
CA TYR B 172 -13.42 -17.24 5.45
C TYR B 172 -13.82 -18.72 5.34
N LEU B 173 -14.89 -19.11 6.03
CA LEU B 173 -15.35 -20.52 6.16
C LEU B 173 -15.81 -21.04 4.79
N MET B 174 -16.62 -20.26 4.11
CA MET B 174 -17.04 -20.52 2.71
C MET B 174 -15.78 -20.84 1.88
N GLY B 175 -14.76 -19.99 1.97
CA GLY B 175 -13.51 -20.14 1.22
C GLY B 175 -12.78 -21.45 1.51
N GLU B 176 -12.73 -21.85 2.78
CA GLU B 176 -12.07 -23.13 3.20
C GLU B 176 -12.82 -24.29 2.54
N ARG B 177 -14.15 -24.26 2.52
CA ARG B 177 -14.94 -25.36 1.93
C ARG B 177 -14.71 -25.41 0.41
N LEU B 178 -14.61 -24.29 -0.30
CA LEU B 178 -14.57 -24.28 -1.79
C LEU B 178 -13.13 -24.24 -2.35
N GLY B 179 -12.12 -23.97 -1.53
CA GLY B 179 -10.73 -23.75 -2.00
C GLY B 179 -10.61 -22.47 -2.81
N VAL B 180 -11.30 -21.42 -2.39
CA VAL B 180 -11.35 -20.10 -3.08
C VAL B 180 -11.09 -18.98 -2.07
N HIS B 181 -10.39 -17.92 -2.48
CA HIS B 181 -10.13 -16.76 -1.59
C HIS B 181 -11.46 -16.16 -1.10
N PRO B 182 -11.56 -15.75 0.18
CA PRO B 182 -12.75 -15.08 0.70
C PRO B 182 -13.18 -13.85 -0.12
N LEU B 183 -12.26 -13.13 -0.74
CA LEU B 183 -12.62 -11.98 -1.61
C LEU B 183 -13.57 -12.45 -2.71
N SER B 184 -13.39 -13.66 -3.23
CA SER B 184 -14.16 -14.19 -4.38
C SER B 184 -15.37 -15.01 -3.92
N CYS B 185 -15.53 -15.20 -2.60
CA CYS B 185 -16.67 -15.90 -1.98
C CYS B 185 -17.62 -14.88 -1.38
N HIS B 186 -18.81 -14.74 -1.95
CA HIS B 186 -19.80 -13.70 -1.54
C HIS B 186 -20.89 -14.36 -0.70
N GLY B 187 -21.27 -13.67 0.37
CA GLY B 187 -22.20 -14.20 1.38
C GLY B 187 -22.42 -13.16 2.45
N TRP B 188 -23.67 -12.97 2.85
CA TRP B 188 -24.08 -11.90 3.79
C TRP B 188 -24.68 -12.52 5.05
N VAL B 189 -24.18 -12.05 6.19
CA VAL B 189 -24.77 -12.25 7.53
C VAL B 189 -25.34 -10.90 7.95
N LEU B 190 -26.63 -10.85 8.25
CA LEU B 190 -27.35 -9.59 8.58
C LEU B 190 -28.02 -9.72 9.95
N GLY B 191 -28.63 -8.63 10.38
CA GLY B 191 -29.32 -8.54 11.68
C GLY B 191 -28.35 -8.31 12.80
N GLU B 192 -28.48 -9.11 13.86
CA GLU B 192 -27.69 -8.90 15.11
C GLU B 192 -26.27 -9.42 14.91
N HIS B 193 -25.31 -8.73 15.47
CA HIS B 193 -23.94 -9.27 15.66
C HIS B 193 -24.02 -10.51 16.57
N GLY B 194 -23.32 -11.60 16.24
CA GLY B 194 -23.19 -12.78 17.11
C GLY B 194 -24.34 -13.76 16.98
N ASP B 195 -24.82 -14.25 18.13
CA ASP B 195 -25.65 -15.49 18.25
C ASP B 195 -26.86 -15.45 17.32
N SER B 196 -27.55 -14.31 17.19
CA SER B 196 -28.85 -14.23 16.49
C SER B 196 -28.70 -13.75 15.04
N SER B 197 -27.49 -13.74 14.49
CA SER B 197 -27.20 -13.26 13.10
C SER B 197 -27.91 -14.16 12.09
N VAL B 198 -28.28 -13.59 10.93
CA VAL B 198 -29.06 -14.29 9.87
C VAL B 198 -28.18 -14.45 8.64
N PRO B 199 -27.85 -15.71 8.25
CA PRO B 199 -27.19 -15.98 6.98
C PRO B 199 -28.23 -15.95 5.85
N VAL B 200 -28.00 -15.11 4.84
CA VAL B 200 -28.88 -14.97 3.65
C VAL B 200 -28.36 -15.94 2.59
N TRP B 201 -28.83 -17.19 2.66
CA TRP B 201 -28.36 -18.30 1.80
C TRP B 201 -28.54 -17.91 0.32
N SER B 202 -29.61 -17.16 0.01
CA SER B 202 -29.98 -16.77 -1.36
C SER B 202 -28.89 -15.91 -2.02
N GLY B 203 -28.04 -15.25 -1.23
CA GLY B 203 -27.02 -14.31 -1.74
C GLY B 203 -25.65 -14.95 -1.86
N MET B 204 -25.47 -16.15 -1.32
CA MET B 204 -24.20 -16.92 -1.37
C MET B 204 -23.87 -17.25 -2.83
N ASN B 205 -22.73 -16.79 -3.33
CA ASN B 205 -22.36 -17.00 -4.73
C ASN B 205 -20.84 -16.91 -4.90
N VAL B 206 -20.35 -17.60 -5.92
CA VAL B 206 -19.01 -17.38 -6.53
C VAL B 206 -19.29 -16.98 -7.97
N ALA B 207 -18.72 -15.87 -8.41
CA ALA B 207 -18.82 -15.40 -9.81
C ALA B 207 -20.28 -15.21 -10.22
N GLY B 208 -21.16 -14.85 -9.28
CA GLY B 208 -22.58 -14.56 -9.56
C GLY B 208 -23.40 -15.82 -9.74
N VAL B 209 -22.84 -16.99 -9.43
CA VAL B 209 -23.54 -18.30 -9.48
C VAL B 209 -24.12 -18.61 -8.10
N SER B 210 -25.44 -18.58 -7.97
CA SER B 210 -26.20 -18.94 -6.74
C SER B 210 -25.87 -20.37 -6.29
N LEU B 211 -25.29 -20.52 -5.10
CA LEU B 211 -25.08 -21.88 -4.51
C LEU B 211 -26.43 -22.52 -4.18
N LYS B 212 -27.40 -21.72 -3.75
CA LYS B 212 -28.78 -22.13 -3.39
C LYS B 212 -29.46 -22.78 -4.61
N THR B 213 -29.32 -22.15 -5.77
CA THR B 213 -29.88 -22.64 -7.06
C THR B 213 -29.23 -23.98 -7.44
N LEU B 214 -27.91 -24.11 -7.30
CA LEU B 214 -27.18 -25.36 -7.61
C LEU B 214 -27.58 -26.47 -6.62
N HIS B 215 -27.83 -26.10 -5.36
CA HIS B 215 -28.02 -27.02 -4.20
C HIS B 215 -29.16 -26.49 -3.33
N PRO B 216 -30.44 -26.74 -3.72
CA PRO B 216 -31.60 -26.16 -3.02
C PRO B 216 -31.72 -26.47 -1.53
N ASP B 217 -31.08 -27.55 -1.06
CA ASP B 217 -31.00 -27.91 0.37
C ASP B 217 -30.08 -26.95 1.16
N LEU B 218 -29.29 -26.12 0.47
CA LEU B 218 -28.34 -25.17 1.11
C LEU B 218 -29.05 -24.42 2.26
N GLY B 219 -28.53 -24.59 3.47
CA GLY B 219 -29.01 -23.85 4.66
C GLY B 219 -30.21 -24.50 5.33
N THR B 220 -30.60 -25.72 4.94
CA THR B 220 -31.73 -26.49 5.55
C THR B 220 -31.15 -27.68 6.33
N ASP B 221 -31.98 -28.36 7.13
CA ASP B 221 -31.55 -29.52 7.97
C ASP B 221 -31.40 -30.78 7.10
N LYS B 222 -32.12 -30.87 5.97
CA LYS B 222 -32.02 -31.99 5.00
C LYS B 222 -30.61 -32.11 4.40
N ASP B 223 -29.94 -30.97 4.22
CA ASP B 223 -28.61 -30.82 3.55
C ASP B 223 -27.61 -31.89 3.99
N LYS B 224 -27.19 -32.75 3.05
CA LYS B 224 -26.23 -33.87 3.24
C LYS B 224 -24.84 -33.29 3.55
N GLU B 225 -24.55 -32.09 3.03
CA GLU B 225 -23.24 -31.40 3.19
C GLU B 225 -23.27 -30.48 4.44
N GLN B 226 -24.44 -30.24 5.03
CA GLN B 226 -24.62 -29.47 6.29
C GLN B 226 -23.99 -28.07 6.17
N TRP B 227 -24.44 -27.28 5.19
CA TRP B 227 -23.94 -25.90 4.99
C TRP B 227 -24.37 -25.01 6.16
N LYS B 228 -25.40 -25.38 6.92
CA LYS B 228 -25.84 -24.62 8.13
C LYS B 228 -24.64 -24.53 9.10
N GLU B 229 -23.78 -25.54 9.10
CA GLU B 229 -22.59 -25.63 9.98
C GLU B 229 -21.65 -24.43 9.71
N VAL B 230 -21.63 -23.92 8.49
CA VAL B 230 -20.84 -22.70 8.13
C VAL B 230 -21.32 -21.53 8.99
N HIS B 231 -22.64 -21.28 9.06
CA HIS B 231 -23.18 -20.17 9.88
C HIS B 231 -23.00 -20.51 11.37
N LYS B 232 -23.14 -21.77 11.77
CA LYS B 232 -22.95 -22.18 13.19
C LYS B 232 -21.51 -21.80 13.58
N GLN B 233 -20.54 -22.11 12.70
CA GLN B 233 -19.11 -21.80 12.92
C GLN B 233 -18.89 -20.28 12.99
N VAL B 234 -19.65 -19.46 12.25
CA VAL B 234 -19.53 -17.98 12.33
C VAL B 234 -19.71 -17.52 13.79
N VAL B 235 -20.67 -18.09 14.50
CA VAL B 235 -20.95 -17.79 15.94
C VAL B 235 -19.91 -18.55 16.79
N GLU B 236 -19.75 -19.84 16.56
CA GLU B 236 -19.00 -20.74 17.48
C GLU B 236 -17.50 -20.43 17.44
N SER B 237 -16.96 -20.11 16.27
CA SER B 237 -15.52 -19.80 16.08
C SER B 237 -15.17 -18.54 16.89
N ALA B 238 -16.11 -17.59 17.04
CA ALA B 238 -15.89 -16.37 17.84
C ALA B 238 -15.75 -16.79 19.31
N TYR B 239 -16.70 -17.58 19.82
CA TYR B 239 -16.63 -18.15 21.20
C TYR B 239 -15.36 -18.98 21.34
N GLU B 240 -15.00 -19.74 20.30
CA GLU B 240 -13.80 -20.59 20.35
C GLU B 240 -12.54 -19.72 20.55
N VAL B 241 -12.39 -18.64 19.78
CA VAL B 241 -11.20 -17.74 19.92
C VAL B 241 -11.22 -17.14 21.33
N ILE B 242 -12.39 -16.72 21.83
CA ILE B 242 -12.51 -16.16 23.21
C ILE B 242 -12.04 -17.21 24.23
N LYS B 243 -12.52 -18.45 24.13
CA LYS B 243 -12.07 -19.57 25.00
C LYS B 243 -10.54 -19.76 24.84
N LEU B 244 -10.00 -19.70 23.62
CA LEU B 244 -8.59 -20.09 23.36
C LEU B 244 -7.62 -18.98 23.76
N LYS B 245 -7.88 -17.70 23.44
CA LYS B 245 -6.90 -16.61 23.77
C LYS B 245 -7.48 -15.61 24.78
N GLY B 246 -8.77 -15.67 25.11
CA GLY B 246 -9.41 -14.85 26.15
C GLY B 246 -10.28 -13.72 25.58
N TYR B 247 -10.13 -13.39 24.29
CA TYR B 247 -10.76 -12.24 23.61
C TYR B 247 -10.47 -12.39 22.12
N THR B 248 -11.10 -11.56 21.28
CA THR B 248 -10.75 -11.41 19.85
C THR B 248 -10.30 -9.98 19.62
N SER B 249 -9.37 -9.77 18.69
CA SER B 249 -8.79 -8.42 18.40
C SER B 249 -8.46 -8.22 16.90
N TRP B 250 -7.76 -9.15 16.27
CA TRP B 250 -7.12 -8.92 14.94
C TRP B 250 -8.21 -8.77 13.88
N ALA B 251 -9.17 -9.70 13.83
CA ALA B 251 -10.23 -9.70 12.81
C ALA B 251 -11.10 -8.44 12.96
N ILE B 252 -11.48 -8.05 14.18
CA ILE B 252 -12.34 -6.85 14.37
C ILE B 252 -11.56 -5.60 13.98
N GLY B 253 -10.29 -5.50 14.39
CA GLY B 253 -9.38 -4.41 14.01
C GLY B 253 -9.33 -4.19 12.51
N LEU B 254 -9.16 -5.29 11.76
CA LEU B 254 -9.11 -5.27 10.27
C LEU B 254 -10.46 -4.87 9.69
N SER B 255 -11.55 -5.40 10.23
CA SER B 255 -12.95 -5.09 9.85
C SER B 255 -13.23 -3.58 10.01
N VAL B 256 -12.85 -3.01 11.15
CA VAL B 256 -13.08 -1.58 11.47
C VAL B 256 -12.25 -0.70 10.52
N ALA B 257 -10.97 -1.08 10.27
CA ALA B 257 -10.11 -0.37 9.32
C ALA B 257 -10.74 -0.38 7.92
N ASP B 258 -11.45 -1.45 7.56
CA ASP B 258 -12.15 -1.59 6.26
C ASP B 258 -13.31 -0.58 6.18
N LEU B 259 -14.11 -0.46 7.24
CA LEU B 259 -15.21 0.55 7.31
C LEU B 259 -14.61 1.96 7.27
N ALA B 260 -13.58 2.21 8.07
CA ALA B 260 -12.87 3.50 8.12
C ALA B 260 -12.38 3.88 6.72
N GLU B 261 -11.83 2.91 5.98
CA GLU B 261 -11.31 3.16 4.62
C GLU B 261 -12.45 3.69 3.75
N SER B 262 -13.61 3.03 3.75
CA SER B 262 -14.78 3.44 2.95
C SER B 262 -15.21 4.86 3.35
N ILE B 263 -15.18 5.17 4.64
CA ILE B 263 -15.66 6.49 5.16
C ILE B 263 -14.65 7.58 4.78
N MET B 264 -13.37 7.37 5.07
CA MET B 264 -12.35 8.45 4.96
C MET B 264 -12.06 8.76 3.50
N LYS B 265 -12.18 7.77 2.60
CA LYS B 265 -11.91 7.92 1.14
C LYS B 265 -13.23 8.09 0.35
N ASN B 266 -14.38 8.15 1.03
CA ASN B 266 -15.71 8.36 0.38
C ASN B 266 -15.94 7.31 -0.71
N LEU B 267 -15.67 6.04 -0.42
CA LEU B 267 -15.66 4.99 -1.48
C LEU B 267 -17.09 4.64 -1.94
N ARG B 268 -18.10 4.70 -1.08
CA ARG B 268 -19.48 4.24 -1.37
C ARG B 268 -19.44 2.74 -1.69
N ARG B 269 -18.64 2.00 -0.93
CA ARG B 269 -18.70 0.52 -0.88
C ARG B 269 -19.85 0.11 0.03
N VAL B 270 -20.32 -1.12 -0.14
CA VAL B 270 -21.48 -1.67 0.60
C VAL B 270 -20.94 -2.62 1.66
N HIS B 271 -21.27 -2.33 2.93
CA HIS B 271 -20.87 -3.14 4.10
C HIS B 271 -22.11 -3.49 4.93
N PRO B 272 -22.17 -4.69 5.54
CA PRO B 272 -23.25 -5.01 6.47
C PRO B 272 -22.94 -4.37 7.83
N VAL B 273 -23.43 -3.15 8.04
CA VAL B 273 -23.24 -2.42 9.32
C VAL B 273 -24.61 -2.15 9.95
N SER B 274 -24.57 -1.83 11.24
CA SER B 274 -25.74 -1.63 12.11
C SER B 274 -26.25 -0.20 11.94
N THR B 275 -27.45 -0.07 11.41
CA THR B 275 -28.12 1.22 11.12
C THR B 275 -29.57 1.17 11.61
N MET B 276 -30.18 2.34 11.79
CA MET B 276 -31.56 2.47 12.32
C MET B 276 -32.55 1.98 11.26
N ILE B 277 -33.22 0.88 11.52
CA ILE B 277 -33.93 0.02 10.52
C ILE B 277 -35.46 0.06 10.71
N LYS B 278 -35.98 0.89 11.64
CA LYS B 278 -37.45 1.14 11.78
C LYS B 278 -38.00 1.51 10.40
N GLY B 279 -39.06 0.82 9.96
CA GLY B 279 -39.72 1.07 8.66
C GLY B 279 -39.43 -0.02 7.64
N LEU B 280 -38.54 -0.95 7.97
CA LEU B 280 -38.11 -2.03 7.03
C LEU B 280 -38.48 -3.38 7.64
N TYR B 281 -38.77 -4.36 6.77
CA TYR B 281 -39.04 -5.79 7.12
C TYR B 281 -40.08 -5.85 8.24
N GLY B 282 -41.01 -4.89 8.23
CA GLY B 282 -42.12 -4.79 9.20
C GLY B 282 -41.65 -4.49 10.62
N ILE B 283 -40.49 -3.87 10.79
CA ILE B 283 -39.98 -3.47 12.14
C ILE B 283 -40.56 -2.09 12.43
N LYS B 284 -41.16 -1.93 13.61
CA LYS B 284 -41.91 -0.70 13.99
C LYS B 284 -41.18 0.06 15.10
N ASP B 285 -40.11 -0.50 15.66
CA ASP B 285 -39.38 0.09 16.82
C ASP B 285 -38.06 0.71 16.36
N ASP B 286 -37.51 1.62 17.17
CA ASP B 286 -36.19 2.27 17.00
C ASP B 286 -35.08 1.28 17.40
N VAL B 287 -34.68 0.41 16.48
CA VAL B 287 -33.55 -0.54 16.70
C VAL B 287 -32.55 -0.42 15.54
N PHE B 288 -31.30 -0.73 15.85
CA PHE B 288 -30.18 -0.83 14.88
C PHE B 288 -29.92 -2.31 14.59
N LEU B 289 -29.97 -2.67 13.32
CA LEU B 289 -29.59 -4.02 12.85
C LEU B 289 -28.74 -3.87 11.59
N SER B 290 -27.94 -4.89 11.29
CA SER B 290 -27.03 -4.90 10.12
C SER B 290 -27.84 -5.22 8.87
N VAL B 291 -27.84 -4.27 7.95
CA VAL B 291 -28.23 -4.46 6.53
C VAL B 291 -27.08 -3.89 5.70
N PRO B 292 -26.97 -4.22 4.40
CA PRO B 292 -25.92 -3.67 3.56
C PRO B 292 -26.11 -2.15 3.38
N CYS B 293 -25.15 -1.34 3.82
CA CYS B 293 -25.17 0.13 3.71
C CYS B 293 -24.06 0.64 2.81
N ILE B 294 -24.32 1.75 2.13
CA ILE B 294 -23.32 2.49 1.33
C ILE B 294 -22.62 3.45 2.27
N LEU B 295 -21.30 3.29 2.45
CA LEU B 295 -20.47 4.12 3.36
C LEU B 295 -19.63 5.10 2.55
N GLY B 296 -19.58 6.34 2.98
CA GLY B 296 -18.77 7.43 2.40
C GLY B 296 -18.53 8.50 3.44
N GLN B 297 -18.20 9.71 3.01
CA GLN B 297 -17.71 10.82 3.87
C GLN B 297 -18.84 11.35 4.78
N ASN B 298 -20.11 11.06 4.49
CA ASN B 298 -21.24 11.48 5.36
C ASN B 298 -21.79 10.29 6.14
N GLY B 299 -21.01 9.21 6.25
CA GLY B 299 -21.43 7.94 6.88
C GLY B 299 -22.34 7.16 5.96
N ILE B 300 -23.47 6.68 6.48
CA ILE B 300 -24.44 5.86 5.72
C ILE B 300 -25.32 6.82 4.91
N SER B 301 -25.19 6.82 3.59
CA SER B 301 -25.98 7.69 2.66
C SER B 301 -27.20 6.92 2.16
N ASP B 302 -27.13 5.58 2.16
CA ASP B 302 -28.11 4.71 1.47
C ASP B 302 -28.06 3.34 2.12
N LEU B 303 -29.17 2.58 2.06
CA LEU B 303 -29.23 1.14 2.46
C LEU B 303 -29.61 0.33 1.21
N VAL B 304 -29.15 -0.90 1.12
CA VAL B 304 -29.65 -1.88 0.12
C VAL B 304 -30.82 -2.63 0.76
N LYS B 305 -31.94 -2.71 0.04
CA LYS B 305 -33.14 -3.46 0.49
C LYS B 305 -32.96 -4.89 -0.01
N VAL B 306 -32.47 -5.78 0.83
CA VAL B 306 -32.29 -7.22 0.48
C VAL B 306 -33.66 -7.90 0.49
N THR B 307 -33.97 -8.70 -0.51
CA THR B 307 -35.18 -9.56 -0.54
C THR B 307 -34.97 -10.72 0.44
N LEU B 308 -35.66 -10.71 1.59
CA LEU B 308 -35.60 -11.81 2.58
C LEU B 308 -36.81 -12.74 2.42
N THR B 309 -36.62 -14.02 2.77
CA THR B 309 -37.72 -15.00 2.99
C THR B 309 -38.52 -14.53 4.21
N SER B 310 -39.75 -15.01 4.36
CA SER B 310 -40.61 -14.70 5.53
C SER B 310 -39.91 -15.13 6.82
N GLU B 311 -39.19 -16.25 6.80
CA GLU B 311 -38.40 -16.80 7.94
C GLU B 311 -37.27 -15.82 8.33
N GLU B 312 -36.56 -15.29 7.34
CA GLU B 312 -35.44 -14.33 7.54
C GLU B 312 -36.03 -13.03 8.11
N GLU B 313 -37.11 -12.54 7.50
CA GLU B 313 -37.87 -11.34 7.96
C GLU B 313 -38.33 -11.55 9.41
N ALA B 314 -38.81 -12.74 9.74
CA ALA B 314 -39.32 -13.10 11.08
C ALA B 314 -38.18 -13.00 12.09
N ARG B 315 -36.97 -13.46 11.73
CA ARG B 315 -35.79 -13.47 12.64
C ARG B 315 -35.39 -12.05 12.98
N LEU B 316 -35.46 -11.12 12.03
CA LEU B 316 -35.12 -9.68 12.26
C LEU B 316 -36.18 -9.05 13.16
N LYS B 317 -37.46 -9.34 12.92
CA LYS B 317 -38.61 -8.81 13.71
C LYS B 317 -38.42 -9.26 15.17
N LYS B 318 -38.08 -10.53 15.38
CA LYS B 318 -37.85 -11.10 16.72
C LYS B 318 -36.66 -10.38 17.38
N SER B 319 -35.59 -10.15 16.61
CA SER B 319 -34.38 -9.42 17.08
C SER B 319 -34.79 -8.00 17.49
N ALA B 320 -35.56 -7.31 16.67
CA ALA B 320 -36.05 -5.94 16.94
C ALA B 320 -36.86 -5.94 18.24
N ASP B 321 -37.78 -6.90 18.41
CA ASP B 321 -38.62 -7.01 19.63
C ASP B 321 -37.68 -7.15 20.85
N THR B 322 -36.74 -8.09 20.78
CA THR B 322 -35.78 -8.37 21.89
C THR B 322 -34.95 -7.13 22.20
N LEU B 323 -34.48 -6.41 21.17
CA LEU B 323 -33.60 -5.23 21.33
C LEU B 323 -34.41 -4.06 21.93
N TRP B 324 -35.62 -3.81 21.42
CA TRP B 324 -36.52 -2.77 21.97
C TRP B 324 -36.85 -3.05 23.44
N GLY B 325 -37.11 -4.31 23.79
CA GLY B 325 -37.38 -4.78 25.16
C GLY B 325 -36.24 -4.41 26.09
N ILE B 326 -34.99 -4.69 25.70
CA ILE B 326 -33.78 -4.35 26.50
C ILE B 326 -33.63 -2.83 26.52
N GLN B 327 -33.86 -2.14 25.39
CA GLN B 327 -33.64 -0.67 25.26
C GLN B 327 -34.59 0.09 26.20
N LYS B 328 -35.85 -0.32 26.29
CA LYS B 328 -36.88 0.31 27.20
C LYS B 328 -36.42 0.27 28.66
N GLU B 329 -35.67 -0.78 29.06
CA GLU B 329 -35.21 -1.01 30.45
C GLU B 329 -33.91 -0.27 30.77
N LEU B 330 -33.31 0.46 29.82
CA LEU B 330 -32.02 1.17 30.07
C LEU B 330 -32.31 2.59 30.54
N GLN B 331 -31.42 3.16 31.34
CA GLN B 331 -31.53 4.54 31.84
C GLN B 331 -30.46 5.42 31.23
N PHE B 332 -30.85 6.44 30.45
CA PHE B 332 -29.98 7.54 29.94
C PHE B 332 -30.86 8.67 29.42
N HIS B 333 -30.36 9.89 29.32
CA HIS B 333 -31.09 11.03 28.69
C HIS B 333 -30.68 11.22 27.21
N HIS B 334 -31.67 11.50 26.34
CA HIS B 334 -31.59 11.71 24.87
C HIS B 334 -31.02 13.09 24.51
N ALA C 2 -41.23 1.70 -9.38
CA ALA C 2 -40.09 2.67 -9.37
C ALA C 2 -38.89 2.09 -10.16
N THR C 3 -37.84 2.90 -10.31
CA THR C 3 -36.56 2.52 -10.99
C THR C 3 -35.90 1.36 -10.23
N LEU C 4 -35.07 0.60 -10.92
CA LEU C 4 -34.21 -0.46 -10.32
C LEU C 4 -33.39 0.12 -9.16
N LYS C 5 -32.75 1.27 -9.37
CA LYS C 5 -31.95 1.92 -8.31
C LYS C 5 -32.81 2.06 -7.05
N ASP C 6 -34.04 2.57 -7.16
CA ASP C 6 -34.96 2.87 -6.03
C ASP C 6 -35.54 1.58 -5.43
N GLN C 7 -35.71 0.52 -6.22
CA GLN C 7 -36.09 -0.83 -5.72
C GLN C 7 -34.96 -1.43 -4.88
N LEU C 8 -33.72 -1.17 -5.27
CA LEU C 8 -32.49 -1.78 -4.68
C LEU C 8 -31.98 -0.92 -3.53
N ILE C 9 -32.09 0.40 -3.61
CA ILE C 9 -31.40 1.36 -2.69
C ILE C 9 -32.41 2.35 -2.10
N TYR C 10 -32.55 2.39 -0.78
CA TYR C 10 -33.27 3.43 0.00
C TYR C 10 -32.28 4.55 0.36
N ASN C 11 -32.49 5.74 -0.20
CA ASN C 11 -31.64 6.94 0.01
C ASN C 11 -31.96 7.58 1.37
N LEU C 12 -30.93 7.96 2.14
CA LEU C 12 -31.06 8.66 3.44
C LEU C 12 -30.75 10.15 3.29
N LEU C 13 -29.86 10.56 2.39
CA LEU C 13 -29.51 12.01 2.32
C LEU C 13 -29.19 12.48 0.90
N LYS C 14 -29.72 13.65 0.55
CA LYS C 14 -29.59 14.29 -0.79
C LYS C 14 -28.22 14.97 -0.85
N GLU C 15 -27.63 15.26 0.32
CA GLU C 15 -26.40 16.07 0.49
C GLU C 15 -25.40 15.79 -0.65
N GLU C 16 -24.81 16.87 -1.18
CA GLU C 16 -23.87 16.92 -2.34
C GLU C 16 -22.43 16.71 -1.84
N GLN C 17 -21.96 17.61 -0.96
CA GLN C 17 -20.73 17.49 -0.13
C GLN C 17 -19.48 17.87 -0.93
N THR C 18 -18.64 18.73 -0.35
CA THR C 18 -17.30 19.13 -0.85
C THR C 18 -16.39 17.91 -0.86
N PRO C 19 -15.47 17.79 -1.85
CA PRO C 19 -14.38 16.82 -1.74
C PRO C 19 -13.35 17.29 -0.70
N GLN C 20 -12.79 16.35 0.07
CA GLN C 20 -11.95 16.67 1.25
C GLN C 20 -10.46 16.60 0.91
N ASN C 21 -10.09 15.91 -0.19
CA ASN C 21 -8.66 15.61 -0.51
C ASN C 21 -8.48 15.66 -2.03
N LYS C 22 -8.90 16.76 -2.65
CA LYS C 22 -8.98 16.87 -4.12
C LYS C 22 -7.63 17.34 -4.68
N ILE C 23 -7.19 16.71 -5.76
CA ILE C 23 -5.99 17.10 -6.53
C ILE C 23 -6.43 17.39 -7.97
N THR C 24 -5.92 18.48 -8.55
CA THR C 24 -6.08 18.80 -9.98
C THR C 24 -4.72 18.64 -10.68
N VAL C 25 -4.73 18.05 -11.86
CA VAL C 25 -3.55 18.05 -12.75
C VAL C 25 -3.95 18.85 -14.00
N VAL C 26 -3.26 19.95 -14.29
CA VAL C 26 -3.46 20.79 -15.51
C VAL C 26 -2.39 20.42 -16.53
N GLY C 27 -2.81 19.88 -17.67
CA GLY C 27 -1.89 19.35 -18.68
C GLY C 27 -1.78 17.83 -18.62
N VAL C 28 -2.41 17.16 -19.56
CA VAL C 28 -2.61 15.69 -19.61
C VAL C 28 -1.75 15.11 -20.73
N GLY C 29 -0.53 15.62 -20.88
CA GLY C 29 0.52 14.95 -21.64
C GLY C 29 1.07 13.76 -20.86
N ALA C 30 2.21 13.21 -21.30
CA ALA C 30 2.81 12.01 -20.71
C ALA C 30 3.16 12.31 -19.25
N VAL C 31 3.56 13.56 -18.95
CA VAL C 31 4.00 13.97 -17.58
C VAL C 31 2.78 14.05 -16.66
N GLY C 32 1.73 14.77 -17.08
CA GLY C 32 0.51 14.93 -16.28
C GLY C 32 -0.13 13.57 -15.96
N MET C 33 -0.19 12.69 -16.94
CA MET C 33 -0.83 11.38 -16.79
C MET C 33 0.03 10.46 -15.92
N ALA C 34 1.36 10.55 -15.98
CA ALA C 34 2.26 9.79 -15.09
C ALA C 34 2.06 10.29 -13.66
N CYS C 35 1.88 11.60 -13.46
CA CYS C 35 1.52 12.18 -12.15
C CYS C 35 0.19 11.56 -11.71
N ALA C 36 -0.79 11.53 -12.61
CA ALA C 36 -2.15 11.05 -12.30
C ALA C 36 -2.11 9.58 -11.86
N ILE C 37 -1.50 8.69 -12.64
CA ILE C 37 -1.48 7.23 -12.32
C ILE C 37 -0.73 7.01 -10.99
N SER C 38 0.38 7.71 -10.78
CA SER C 38 1.18 7.60 -9.53
C SER C 38 0.35 8.04 -8.34
N ILE C 39 -0.38 9.14 -8.46
CA ILE C 39 -1.25 9.69 -7.39
C ILE C 39 -2.40 8.70 -7.15
N LEU C 40 -3.03 8.17 -8.20
CA LEU C 40 -4.12 7.18 -8.06
C LEU C 40 -3.60 5.91 -7.37
N MET C 41 -2.37 5.49 -7.67
CA MET C 41 -1.87 4.22 -7.15
C MET C 41 -1.34 4.35 -5.73
N LYS C 42 -1.18 5.59 -5.26
CA LYS C 42 -0.75 5.90 -3.88
C LYS C 42 -1.94 6.38 -3.03
N ASP C 43 -3.17 6.39 -3.55
CA ASP C 43 -4.38 6.75 -2.75
C ASP C 43 -4.23 8.13 -2.06
N LEU C 44 -3.77 9.15 -2.76
CA LEU C 44 -3.52 10.49 -2.17
C LEU C 44 -4.75 11.41 -2.28
N ALA C 45 -5.75 11.04 -3.09
CA ALA C 45 -6.90 11.90 -3.46
C ALA C 45 -8.22 11.13 -3.38
N ASP C 46 -9.28 11.82 -2.93
CA ASP C 46 -10.68 11.31 -3.01
C ASP C 46 -11.31 11.79 -4.32
N GLU C 47 -10.71 12.79 -4.96
CA GLU C 47 -11.19 13.33 -6.25
C GLU C 47 -9.95 13.77 -7.04
N LEU C 48 -9.87 13.31 -8.27
CA LEU C 48 -8.83 13.75 -9.23
C LEU C 48 -9.54 14.48 -10.38
N ALA C 49 -9.15 15.72 -10.61
CA ALA C 49 -9.63 16.55 -11.73
C ALA C 49 -8.49 16.73 -12.73
N LEU C 50 -8.77 16.48 -14.01
CA LEU C 50 -7.85 16.72 -15.14
C LEU C 50 -8.38 17.91 -15.95
N VAL C 51 -7.47 18.80 -16.35
CA VAL C 51 -7.76 19.94 -17.27
C VAL C 51 -6.73 19.92 -18.39
N ASP C 52 -7.17 20.24 -19.60
CA ASP C 52 -6.29 20.52 -20.77
C ASP C 52 -7.06 21.44 -21.73
N VAL C 53 -6.45 21.83 -22.85
CA VAL C 53 -7.15 22.57 -23.94
C VAL C 53 -7.54 21.58 -25.04
N ILE C 54 -6.85 20.44 -25.14
CA ILE C 54 -7.13 19.38 -26.17
C ILE C 54 -8.25 18.48 -25.62
N GLU C 55 -9.48 18.72 -26.06
CA GLU C 55 -10.73 18.16 -25.49
C GLU C 55 -10.76 16.63 -25.64
N ASP C 56 -10.33 16.10 -26.78
CA ASP C 56 -10.46 14.65 -27.07
CA ASP C 56 -10.47 14.64 -27.07
C ASP C 56 -9.48 13.87 -26.19
N LYS C 57 -8.21 14.25 -26.21
CA LYS C 57 -7.14 13.66 -25.34
CA LYS C 57 -7.15 13.65 -25.35
C LYS C 57 -7.61 13.70 -23.88
N LEU C 58 -8.12 14.84 -23.43
CA LEU C 58 -8.57 15.05 -22.03
C LEU C 58 -9.65 14.01 -21.69
N LYS C 59 -10.71 13.95 -22.50
CA LYS C 59 -11.86 13.04 -22.28
C LYS C 59 -11.37 11.57 -22.32
N GLY C 60 -10.52 11.23 -23.28
CA GLY C 60 -10.03 9.87 -23.46
C GLY C 60 -9.20 9.42 -22.27
N GLU C 61 -8.30 10.26 -21.78
CA GLU C 61 -7.47 9.95 -20.59
C GLU C 61 -8.37 9.77 -19.37
N MET C 62 -9.34 10.65 -19.16
CA MET C 62 -10.29 10.58 -18.00
C MET C 62 -11.01 9.24 -18.06
N MET C 63 -11.52 8.87 -19.24
CA MET C 63 -12.31 7.64 -19.40
C MET C 63 -11.42 6.41 -19.12
N ASP C 64 -10.20 6.39 -19.66
CA ASP C 64 -9.27 5.24 -19.50
C ASP C 64 -9.01 5.02 -18.00
N LEU C 65 -8.75 6.08 -17.24
CA LEU C 65 -8.59 5.99 -15.76
C LEU C 65 -9.90 5.49 -15.13
N GLN C 66 -11.03 6.09 -15.50
CA GLN C 66 -12.36 5.69 -14.96
C GLN C 66 -12.57 4.19 -15.13
N HIS C 67 -12.17 3.62 -16.27
CA HIS C 67 -12.38 2.18 -16.58
C HIS C 67 -11.59 1.30 -15.62
N GLY C 68 -10.56 1.86 -14.97
CA GLY C 68 -9.72 1.18 -13.97
C GLY C 68 -10.20 1.34 -12.54
N SER C 69 -11.34 2.01 -12.32
CA SER C 69 -11.90 2.38 -10.99
C SER C 69 -11.95 1.16 -10.07
N LEU C 70 -12.35 0.01 -10.62
CA LEU C 70 -12.44 -1.27 -9.88
C LEU C 70 -11.14 -1.54 -9.14
N PHE C 71 -10.00 -1.12 -9.70
CA PHE C 71 -8.66 -1.48 -9.17
C PHE C 71 -8.08 -0.31 -8.36
N LEU C 72 -8.83 0.78 -8.18
CA LEU C 72 -8.39 2.00 -7.48
C LEU C 72 -9.24 2.23 -6.23
N ARG C 73 -8.86 3.23 -5.44
CA ARG C 73 -9.57 3.66 -4.20
C ARG C 73 -9.75 5.19 -4.25
N THR C 74 -9.88 5.74 -5.45
CA THR C 74 -10.14 7.18 -5.71
C THR C 74 -11.50 7.26 -6.40
N PRO C 75 -12.58 7.58 -5.67
CA PRO C 75 -13.94 7.35 -6.15
C PRO C 75 -14.47 8.34 -7.20
N LYS C 76 -13.81 9.47 -7.41
CA LYS C 76 -14.26 10.48 -8.39
C LYS C 76 -13.08 10.94 -9.24
N ILE C 77 -13.17 10.68 -10.55
CA ILE C 77 -12.23 11.19 -11.58
C ILE C 77 -13.05 12.03 -12.57
N VAL C 78 -12.71 13.31 -12.72
CA VAL C 78 -13.45 14.28 -13.58
C VAL C 78 -12.44 15.03 -14.45
N SER C 79 -12.93 15.60 -15.55
CA SER C 79 -12.14 16.43 -16.49
C SER C 79 -13.01 17.54 -17.07
N GLY C 80 -12.38 18.56 -17.63
CA GLY C 80 -13.03 19.63 -18.41
C GLY C 80 -12.06 20.73 -18.75
N LYS C 81 -12.39 21.52 -19.77
CA LYS C 81 -11.66 22.76 -20.13
C LYS C 81 -12.03 23.87 -19.13
N ASP C 82 -13.21 23.78 -18.50
CA ASP C 82 -13.73 24.85 -17.61
C ASP C 82 -13.19 24.60 -16.20
N TYR C 83 -12.63 25.61 -15.53
CA TYR C 83 -11.94 25.45 -14.23
C TYR C 83 -12.92 25.24 -13.08
N ASN C 84 -14.22 25.18 -13.32
CA ASN C 84 -15.21 24.83 -12.26
C ASN C 84 -15.04 23.36 -11.81
N VAL C 85 -14.48 22.48 -12.67
CA VAL C 85 -14.21 21.06 -12.31
C VAL C 85 -13.05 20.98 -11.31
N THR C 86 -12.25 22.04 -11.16
CA THR C 86 -11.06 22.09 -10.27
C THR C 86 -11.41 22.70 -8.91
N ALA C 87 -12.66 23.12 -8.70
CA ALA C 87 -13.10 23.84 -7.47
C ALA C 87 -12.72 23.02 -6.23
N ASN C 88 -12.10 23.66 -5.23
CA ASN C 88 -11.87 23.11 -3.87
C ASN C 88 -10.72 22.08 -3.90
N SER C 89 -9.74 22.28 -4.78
CA SER C 89 -8.52 21.46 -4.85
C SER C 89 -7.61 21.87 -3.71
N LYS C 90 -7.07 20.90 -2.98
CA LYS C 90 -6.04 21.13 -1.95
C LYS C 90 -4.75 21.43 -2.68
N LEU C 91 -4.54 20.76 -3.81
CA LEU C 91 -3.25 20.77 -4.53
C LEU C 91 -3.53 20.78 -6.02
N VAL C 92 -2.85 21.67 -6.75
CA VAL C 92 -3.04 21.76 -8.22
C VAL C 92 -1.65 21.75 -8.86
N ILE C 93 -1.45 20.72 -9.66
CA ILE C 93 -0.16 20.36 -10.32
C ILE C 93 -0.23 20.85 -11.76
N ILE C 94 0.70 21.71 -12.16
CA ILE C 94 0.73 22.33 -13.50
C ILE C 94 1.85 21.63 -14.28
N THR C 95 1.43 20.84 -15.28
CA THR C 95 2.31 20.07 -16.20
C THR C 95 2.00 20.53 -17.63
N ALA C 96 1.38 21.70 -17.75
CA ALA C 96 0.95 22.30 -19.03
C ALA C 96 2.14 23.00 -19.70
N GLY C 97 2.28 22.84 -21.02
CA GLY C 97 3.36 23.49 -21.75
C GLY C 97 3.06 23.59 -23.23
N ALA C 98 3.80 24.47 -23.91
CA ALA C 98 3.83 24.60 -25.38
C ALA C 98 4.80 23.56 -25.95
N ARG C 99 4.52 23.08 -27.17
CA ARG C 99 5.42 22.19 -27.93
C ARG C 99 6.39 23.07 -28.73
N GLN C 100 7.70 22.88 -28.55
CA GLN C 100 8.76 23.65 -29.25
C GLN C 100 8.50 23.55 -30.77
N GLN C 101 8.47 24.69 -31.46
CA GLN C 101 8.30 24.75 -32.94
C GLN C 101 9.68 24.97 -33.60
N GLU C 102 9.84 24.43 -34.81
CA GLU C 102 10.96 24.75 -35.74
C GLU C 102 10.93 26.26 -36.00
N GLY C 103 12.07 26.93 -35.80
CA GLY C 103 12.25 28.36 -36.15
C GLY C 103 11.78 29.28 -35.03
N GLU C 104 12.02 28.85 -33.78
CA GLU C 104 11.59 29.58 -32.56
C GLU C 104 12.78 29.64 -31.59
N SER C 105 13.02 30.81 -31.00
CA SER C 105 14.05 31.03 -29.96
C SER C 105 13.61 30.40 -28.63
N ARG C 106 14.56 30.13 -27.75
CA ARG C 106 14.29 29.59 -26.40
C ARG C 106 13.53 30.63 -25.56
N LEU C 107 13.79 31.94 -25.71
CA LEU C 107 13.04 32.99 -24.95
C LEU C 107 11.58 32.99 -25.41
N ASN C 108 11.32 32.72 -26.69
CA ASN C 108 9.95 32.71 -27.25
C ASN C 108 9.17 31.53 -26.63
N LEU C 109 9.79 30.36 -26.54
CA LEU C 109 9.18 29.16 -25.89
C LEU C 109 8.78 29.51 -24.45
N VAL C 110 9.67 30.15 -23.69
CA VAL C 110 9.40 30.58 -22.31
C VAL C 110 8.20 31.52 -22.29
N GLN C 111 8.18 32.51 -23.18
CA GLN C 111 7.11 33.56 -23.21
C GLN C 111 5.76 32.89 -23.50
N ARG C 112 5.74 31.94 -24.43
CA ARG C 112 4.54 31.15 -24.77
C ARG C 112 4.03 30.39 -23.54
N ASN C 113 4.94 29.80 -22.74
CA ASN C 113 4.56 29.15 -21.46
C ASN C 113 4.07 30.23 -20.48
N VAL C 114 4.67 31.43 -20.47
CA VAL C 114 4.15 32.53 -19.60
C VAL C 114 2.69 32.83 -19.97
N ASN C 115 2.38 32.87 -21.27
CA ASN C 115 1.02 33.26 -21.76
C ASN C 115 0.01 32.18 -21.39
N ILE C 116 0.42 30.91 -21.44
CA ILE C 116 -0.39 29.76 -20.94
C ILE C 116 -0.66 29.98 -19.44
N PHE C 117 0.36 30.34 -18.66
CA PHE C 117 0.21 30.55 -17.19
C PHE C 117 -0.73 31.74 -16.94
N LYS C 118 -0.69 32.74 -17.82
CA LYS C 118 -1.58 33.94 -17.74
C LYS C 118 -3.04 33.50 -17.76
N PHE C 119 -3.38 32.46 -18.52
CA PHE C 119 -4.77 31.93 -18.59
C PHE C 119 -5.03 30.97 -17.40
N ILE C 120 -4.11 30.01 -17.16
CA ILE C 120 -4.28 28.88 -16.21
C ILE C 120 -4.36 29.43 -14.79
N ILE C 121 -3.38 30.21 -14.37
CA ILE C 121 -3.16 30.50 -12.93
C ILE C 121 -4.35 31.26 -12.35
N PRO C 122 -4.87 32.37 -12.95
CA PRO C 122 -6.00 33.09 -12.37
C PRO C 122 -7.26 32.23 -12.27
N ASN C 123 -7.48 31.32 -13.22
CA ASN C 123 -8.63 30.38 -13.21
C ASN C 123 -8.49 29.38 -12.06
N VAL C 124 -7.28 28.83 -11.87
CA VAL C 124 -6.96 27.92 -10.73
C VAL C 124 -7.30 28.66 -9.43
N VAL C 125 -6.81 29.89 -9.27
CA VAL C 125 -6.96 30.74 -8.05
C VAL C 125 -8.44 31.04 -7.76
N LYS C 126 -9.22 31.39 -8.79
CA LYS C 126 -10.67 31.71 -8.64
C LYS C 126 -11.39 30.51 -8.00
N TYR C 127 -11.14 29.29 -8.48
CA TYR C 127 -11.90 28.09 -8.05
C TYR C 127 -11.23 27.38 -6.85
N SER C 128 -9.94 27.58 -6.60
CA SER C 128 -9.24 26.99 -5.43
C SER C 128 -8.33 28.07 -4.82
N PRO C 129 -8.93 29.12 -4.21
CA PRO C 129 -8.14 30.24 -3.65
C PRO C 129 -7.13 29.80 -2.58
N ASN C 130 -7.36 28.66 -1.92
CA ASN C 130 -6.51 28.18 -0.79
C ASN C 130 -5.57 27.05 -1.22
N CYS C 131 -5.51 26.68 -2.50
CA CYS C 131 -4.72 25.51 -2.94
C CYS C 131 -3.22 25.80 -2.81
N LYS C 132 -2.42 24.73 -2.76
CA LYS C 132 -0.96 24.76 -3.05
C LYS C 132 -0.80 24.56 -4.56
N LEU C 133 0.06 25.35 -5.19
CA LEU C 133 0.43 25.23 -6.61
C LEU C 133 1.75 24.49 -6.66
N LEU C 134 1.79 23.38 -7.42
CA LEU C 134 3.00 22.56 -7.65
C LEU C 134 3.29 22.69 -9.14
N ILE C 135 4.37 23.41 -9.47
CA ILE C 135 4.73 23.73 -10.86
C ILE C 135 5.74 22.70 -11.31
N VAL C 136 5.45 22.03 -12.43
CA VAL C 136 6.35 21.02 -13.05
C VAL C 136 6.88 21.54 -14.39
N SER C 137 6.04 22.26 -15.17
CA SER C 137 6.33 22.75 -16.54
C SER C 137 7.72 23.40 -16.61
N ASN C 138 8.49 23.10 -17.65
CA ASN C 138 9.82 23.74 -17.83
C ASN C 138 9.69 24.99 -18.71
N PRO C 139 10.57 26.00 -18.49
CA PRO C 139 11.60 25.97 -17.45
C PRO C 139 11.07 26.17 -16.02
N VAL C 140 11.30 25.21 -15.14
CA VAL C 140 10.45 25.02 -13.91
C VAL C 140 10.74 26.13 -12.91
N ASP C 141 12.01 26.52 -12.73
CA ASP C 141 12.37 27.58 -11.74
C ASP C 141 11.78 28.91 -12.20
N ILE C 142 11.88 29.24 -13.49
CA ILE C 142 11.32 30.50 -14.04
C ILE C 142 9.79 30.46 -13.96
N LEU C 143 9.16 29.36 -14.38
CA LEU C 143 7.67 29.30 -14.43
C LEU C 143 7.08 29.25 -13.02
N THR C 144 7.83 28.82 -12.01
CA THR C 144 7.37 28.90 -10.60
C THR C 144 7.29 30.37 -10.18
N TYR C 145 8.33 31.14 -10.46
CA TYR C 145 8.34 32.62 -10.30
C TYR C 145 7.08 33.20 -10.97
N VAL C 146 6.84 32.83 -12.22
CA VAL C 146 5.72 33.37 -13.04
C VAL C 146 4.39 33.09 -12.34
N ALA C 147 4.21 31.86 -11.85
CA ALA C 147 2.96 31.40 -11.20
C ALA C 147 2.76 32.17 -9.90
N TRP C 148 3.84 32.40 -9.16
CA TRP C 148 3.82 33.21 -7.90
C TRP C 148 3.31 34.63 -8.22
N LYS C 149 3.90 35.28 -9.23
CA LYS C 149 3.59 36.69 -9.58
C LYS C 149 2.12 36.78 -10.01
N ILE C 150 1.69 35.90 -10.91
CA ILE C 150 0.30 35.96 -11.46
C ILE C 150 -0.71 35.56 -10.37
N SER C 151 -0.42 34.57 -9.55
CA SER C 151 -1.38 34.03 -8.54
C SER C 151 -1.59 35.07 -7.44
N GLY C 152 -0.54 35.80 -7.04
CA GLY C 152 -0.55 36.61 -5.83
C GLY C 152 -0.57 35.77 -4.56
N PHE C 153 -0.28 34.46 -4.65
CA PHE C 153 -0.25 33.55 -3.47
C PHE C 153 0.98 33.91 -2.64
N PRO C 154 0.94 33.64 -1.31
CA PRO C 154 2.15 33.69 -0.52
C PRO C 154 3.10 32.56 -0.96
N LYS C 155 4.40 32.76 -0.73
CA LYS C 155 5.48 31.94 -1.32
C LYS C 155 5.40 30.50 -0.78
N ASN C 156 4.77 30.28 0.37
CA ASN C 156 4.62 28.92 0.97
C ASN C 156 3.74 28.05 0.06
N ARG C 157 2.85 28.65 -0.73
CA ARG C 157 1.85 27.90 -1.52
C ARG C 157 2.19 27.90 -3.01
N VAL C 158 3.41 28.26 -3.39
CA VAL C 158 3.87 28.15 -4.82
C VAL C 158 5.20 27.40 -4.81
N ILE C 159 5.19 26.17 -5.32
CA ILE C 159 6.31 25.19 -5.20
C ILE C 159 6.67 24.70 -6.60
N GLY C 160 7.95 24.71 -6.94
CA GLY C 160 8.45 24.04 -8.16
C GLY C 160 8.94 22.63 -7.85
N SER C 161 8.68 21.65 -8.72
CA SER C 161 9.13 20.24 -8.53
C SER C 161 10.65 20.23 -8.42
N GLY C 162 11.30 21.15 -9.15
CA GLY C 162 12.72 21.51 -8.95
C GLY C 162 13.64 20.32 -9.04
N CYS C 163 14.51 20.15 -8.05
CA CYS C 163 15.61 19.15 -8.06
C CYS C 163 15.21 17.86 -7.31
N ASN C 164 13.93 17.64 -7.04
CA ASN C 164 13.46 16.39 -6.41
C ASN C 164 13.81 15.23 -7.37
N LEU C 165 13.56 15.39 -8.67
CA LEU C 165 13.93 14.35 -9.66
C LEU C 165 15.46 14.28 -9.84
N ASP C 166 16.15 15.41 -9.91
CA ASP C 166 17.63 15.46 -10.10
C ASP C 166 18.28 14.70 -8.93
N SER C 167 17.79 14.95 -7.71
CA SER C 167 18.27 14.27 -6.48
C SER C 167 17.98 12.76 -6.56
N ALA C 168 16.81 12.37 -7.04
CA ALA C 168 16.45 10.93 -7.20
C ALA C 168 17.40 10.27 -8.21
N ARG C 169 17.71 10.92 -9.32
CA ARG C 169 18.66 10.37 -10.32
C ARG C 169 20.04 10.21 -9.67
N PHE C 170 20.50 11.22 -8.95
CA PHE C 170 21.81 11.20 -8.25
C PHE C 170 21.88 9.93 -7.39
N ARG C 171 20.84 9.70 -6.59
CA ARG C 171 20.78 8.56 -5.64
C ARG C 171 20.71 7.23 -6.39
N TYR C 172 19.96 7.15 -7.49
CA TYR C 172 19.95 5.93 -8.33
C TYR C 172 21.41 5.59 -8.71
N LEU C 173 22.13 6.56 -9.28
CA LEU C 173 23.50 6.39 -9.83
C LEU C 173 24.47 6.06 -8.69
N MET C 174 24.40 6.81 -7.61
CA MET C 174 25.15 6.53 -6.37
C MET C 174 24.96 5.05 -5.98
N GLY C 175 23.70 4.60 -5.97
CA GLY C 175 23.34 3.22 -5.59
C GLY C 175 23.97 2.18 -6.49
N GLU C 176 23.98 2.40 -7.79
CA GLU C 176 24.62 1.49 -8.78
C GLU C 176 26.12 1.38 -8.49
N ARG C 177 26.78 2.49 -8.17
CA ARG C 177 28.23 2.46 -7.86
C ARG C 177 28.48 1.66 -6.57
N LEU C 178 27.64 1.78 -5.53
CA LEU C 178 27.93 1.21 -4.18
C LEU C 178 27.25 -0.15 -3.97
N GLY C 179 26.32 -0.58 -4.83
CA GLY C 179 25.52 -1.80 -4.64
C GLY C 179 24.59 -1.67 -3.45
N VAL C 180 23.98 -0.51 -3.29
CA VAL C 180 23.06 -0.19 -2.15
C VAL C 180 21.79 0.46 -2.71
N HIS C 181 20.63 0.17 -2.10
CA HIS C 181 19.35 0.78 -2.56
C HIS C 181 19.44 2.30 -2.47
N PRO C 182 18.88 3.02 -3.48
CA PRO C 182 18.85 4.48 -3.43
C PRO C 182 18.23 5.06 -2.15
N LEU C 183 17.27 4.38 -1.53
CA LEU C 183 16.70 4.83 -0.22
C LEU C 183 17.82 5.04 0.79
N SER C 184 18.85 4.19 0.77
CA SER C 184 19.93 4.18 1.79
C SER C 184 21.14 5.00 1.31
N CYS C 185 21.09 5.54 0.08
CA CYS C 185 22.15 6.41 -0.51
C CYS C 185 21.68 7.86 -0.49
N HIS C 186 22.28 8.72 0.32
CA HIS C 186 21.83 10.11 0.55
C HIS C 186 22.77 11.07 -0.20
N GLY C 187 22.21 12.13 -0.77
CA GLY C 187 22.92 13.02 -1.70
C GLY C 187 21.96 14.04 -2.26
N TRP C 188 22.36 15.32 -2.27
CA TRP C 188 21.48 16.45 -2.64
C TRP C 188 22.01 17.21 -3.85
N VAL C 189 21.12 17.40 -4.82
CA VAL C 189 21.32 18.30 -5.98
C VAL C 189 20.41 19.50 -5.78
N LEU C 190 20.98 20.71 -5.74
CA LEU C 190 20.25 21.97 -5.42
C LEU C 190 20.39 22.97 -6.56
N GLY C 191 19.72 24.12 -6.40
CA GLY C 191 19.74 25.20 -7.39
C GLY C 191 18.79 24.90 -8.53
N GLU C 192 19.27 25.04 -9.76
CA GLU C 192 18.43 24.96 -10.96
C GLU C 192 18.15 23.49 -11.28
N HIS C 193 16.95 23.18 -11.75
CA HIS C 193 16.65 21.88 -12.39
C HIS C 193 17.51 21.76 -13.65
N GLY C 194 18.14 20.59 -13.89
CA GLY C 194 18.89 20.30 -15.13
C GLY C 194 20.30 20.86 -15.13
N ASP C 195 20.72 21.45 -16.25
CA ASP C 195 22.14 21.65 -16.64
C ASP C 195 22.97 22.33 -15.54
N SER C 196 22.43 23.34 -14.87
CA SER C 196 23.19 24.20 -13.92
C SER C 196 23.04 23.74 -12.46
N SER C 197 22.46 22.57 -12.21
CA SER C 197 22.24 22.00 -10.84
C SER C 197 23.57 21.83 -10.12
N VAL C 198 23.55 21.94 -8.79
CA VAL C 198 24.75 21.86 -7.92
C VAL C 198 24.68 20.60 -7.06
N PRO C 199 25.60 19.63 -7.24
CA PRO C 199 25.75 18.51 -6.32
C PRO C 199 26.52 18.94 -5.07
N VAL C 200 25.91 18.77 -3.89
CA VAL C 200 26.53 19.10 -2.58
C VAL C 200 27.29 17.87 -2.09
N TRP C 201 28.53 17.73 -2.54
CA TRP C 201 29.40 16.55 -2.26
C TRP C 201 29.51 16.30 -0.75
N SER C 202 29.53 17.38 0.04
CA SER C 202 29.70 17.36 1.50
C SER C 202 28.56 16.59 2.19
N GLY C 203 27.41 16.44 1.54
CA GLY C 203 26.20 15.81 2.15
C GLY C 203 26.03 14.35 1.74
N MET C 204 26.81 13.89 0.75
CA MET C 204 26.75 12.52 0.20
C MET C 204 27.16 11.53 1.28
N ASN C 205 26.29 10.60 1.66
CA ASN C 205 26.58 9.65 2.76
C ASN C 205 25.76 8.36 2.61
N VAL C 206 26.30 7.26 3.14
CA VAL C 206 25.56 6.02 3.45
C VAL C 206 25.67 5.84 4.95
N ALA C 207 24.53 5.68 5.63
CA ALA C 207 24.49 5.39 7.08
C ALA C 207 25.21 6.49 7.87
N GLY C 208 25.17 7.72 7.37
CA GLY C 208 25.74 8.91 8.06
C GLY C 208 27.24 8.98 7.93
N VAL C 209 27.83 8.16 7.06
CA VAL C 209 29.29 8.16 6.77
C VAL C 209 29.53 9.07 5.56
N SER C 210 30.17 10.23 5.78
CA SER C 210 30.59 11.19 4.73
C SER C 210 31.49 10.50 3.70
N LEU C 211 31.09 10.40 2.45
CA LEU C 211 31.97 9.88 1.37
C LEU C 211 33.13 10.86 1.14
N LYS C 212 32.88 12.16 1.29
CA LYS C 212 33.86 13.27 1.12
C LYS C 212 34.99 13.09 2.13
N THR C 213 34.66 12.79 3.39
CA THR C 213 35.62 12.53 4.48
C THR C 213 36.46 11.29 4.18
N LEU C 214 35.86 10.20 3.70
CA LEU C 214 36.59 8.94 3.34
C LEU C 214 37.49 9.19 2.12
N HIS C 215 37.06 10.06 1.20
CA HIS C 215 37.67 10.30 -0.15
C HIS C 215 37.65 11.80 -0.46
N PRO C 216 38.58 12.60 0.10
CA PRO C 216 38.54 14.07 -0.02
C PRO C 216 38.54 14.62 -1.45
N ASP C 217 39.01 13.85 -2.42
CA ASP C 217 39.01 14.20 -3.87
C ASP C 217 37.59 14.11 -4.46
N LEU C 218 36.62 13.53 -3.71
CA LEU C 218 35.21 13.40 -4.14
C LEU C 218 34.72 14.73 -4.74
N GLY C 219 34.34 14.69 -6.02
CA GLY C 219 33.72 15.82 -6.72
C GLY C 219 34.73 16.79 -7.32
N THR C 220 36.03 16.44 -7.32
CA THR C 220 37.11 17.27 -7.93
C THR C 220 37.61 16.54 -9.19
N ASP C 221 38.40 17.23 -10.02
CA ASP C 221 38.94 16.70 -11.30
C ASP C 221 40.10 15.73 -11.03
N LYS C 222 40.79 15.87 -9.89
CA LYS C 222 41.91 14.99 -9.44
C LYS C 222 41.41 13.55 -9.22
N ASP C 223 40.18 13.40 -8.74
CA ASP C 223 39.51 12.12 -8.35
C ASP C 223 39.76 11.01 -9.38
N LYS C 224 40.43 9.95 -8.94
CA LYS C 224 40.85 8.78 -9.74
C LYS C 224 39.59 7.97 -10.12
N GLU C 225 38.56 8.03 -9.27
CA GLU C 225 37.28 7.30 -9.47
C GLU C 225 36.28 8.17 -10.25
N GLN C 226 36.54 9.46 -10.41
CA GLN C 226 35.71 10.39 -11.24
C GLN C 226 34.26 10.41 -10.73
N TRP C 227 34.06 10.74 -9.46
CA TRP C 227 32.70 10.81 -8.87
C TRP C 227 31.92 11.98 -9.50
N LYS C 228 32.59 12.97 -10.09
CA LYS C 228 31.94 14.10 -10.82
C LYS C 228 31.03 13.52 -11.91
N GLU C 229 31.41 12.38 -12.47
CA GLU C 229 30.69 11.71 -13.56
C GLU C 229 29.27 11.33 -13.11
N VAL C 230 29.09 11.06 -11.80
CA VAL C 230 27.75 10.79 -11.21
C VAL C 230 26.86 12.01 -11.45
N HIS C 231 27.31 13.22 -11.12
CA HIS C 231 26.50 14.46 -11.34
C HIS C 231 26.37 14.73 -12.84
N LYS C 232 27.39 14.46 -13.65
CA LYS C 232 27.33 14.67 -15.12
C LYS C 232 26.18 13.78 -15.64
N GLN C 233 26.12 12.53 -15.18
CA GLN C 233 25.07 11.54 -15.60
C GLN C 233 23.69 12.01 -15.10
N VAL C 234 23.57 12.69 -13.98
CA VAL C 234 22.26 13.28 -13.51
C VAL C 234 21.66 14.15 -14.62
N VAL C 235 22.47 14.98 -15.27
CA VAL C 235 22.05 15.88 -16.39
C VAL C 235 21.96 15.04 -17.67
N GLU C 236 22.98 14.26 -17.98
CA GLU C 236 23.12 13.61 -19.31
C GLU C 236 22.09 12.48 -19.46
N SER C 237 21.81 11.72 -18.40
CA SER C 237 20.85 10.60 -18.42
C SER C 237 19.45 11.15 -18.73
N ALA C 238 19.14 12.38 -18.32
CA ALA C 238 17.84 13.02 -18.63
C ALA C 238 17.79 13.27 -20.13
N TYR C 239 18.82 13.92 -20.69
CA TYR C 239 18.95 14.15 -22.16
C TYR C 239 18.92 12.80 -22.87
N GLU C 240 19.59 11.79 -22.29
CA GLU C 240 19.65 10.46 -22.92
C GLU C 240 18.23 9.88 -23.04
N VAL C 241 17.43 9.91 -21.97
CA VAL C 241 16.04 9.36 -22.01
C VAL C 241 15.24 10.16 -23.07
N ILE C 242 15.38 11.49 -23.09
CA ILE C 242 14.67 12.35 -24.08
C ILE C 242 15.07 11.92 -25.51
N LYS C 243 16.36 11.77 -25.78
CA LYS C 243 16.88 11.28 -27.09
C LYS C 243 16.30 9.89 -27.38
N LEU C 244 16.24 8.99 -26.39
CA LEU C 244 15.90 7.55 -26.62
C LEU C 244 14.38 7.36 -26.79
N LYS C 245 13.53 7.96 -25.95
CA LYS C 245 12.06 7.72 -26.06
C LYS C 245 11.30 9.01 -26.45
N GLY C 246 11.94 10.18 -26.46
CA GLY C 246 11.36 11.44 -26.95
C GLY C 246 10.99 12.42 -25.84
N TYR C 247 10.94 11.96 -24.59
CA TYR C 247 10.45 12.71 -23.40
C TYR C 247 10.76 11.87 -22.18
N THR C 248 10.60 12.41 -20.97
CA THR C 248 10.61 11.62 -19.72
C THR C 248 9.23 11.74 -19.06
N SER C 249 8.78 10.69 -18.39
CA SER C 249 7.42 10.64 -17.77
C SER C 249 7.44 9.90 -16.42
N TRP C 250 7.95 8.67 -16.38
CA TRP C 250 7.78 7.76 -15.22
C TRP C 250 8.44 8.35 -13.96
N ALA C 251 9.70 8.76 -14.06
CA ALA C 251 10.49 9.25 -12.92
C ALA C 251 9.88 10.55 -12.39
N ILE C 252 9.51 11.48 -13.26
CA ILE C 252 8.93 12.78 -12.81
C ILE C 252 7.57 12.52 -12.16
N GLY C 253 6.73 11.67 -12.76
CA GLY C 253 5.42 11.30 -12.18
C GLY C 253 5.55 10.74 -10.78
N LEU C 254 6.53 9.85 -10.55
CA LEU C 254 6.80 9.24 -9.22
C LEU C 254 7.31 10.33 -8.25
N SER C 255 8.21 11.20 -8.71
CA SER C 255 8.77 12.35 -7.94
C SER C 255 7.65 13.28 -7.47
N VAL C 256 6.72 13.63 -8.38
CA VAL C 256 5.59 14.55 -8.08
C VAL C 256 4.63 13.88 -7.09
N ALA C 257 4.34 12.60 -7.27
CA ALA C 257 3.50 11.81 -6.32
C ALA C 257 4.16 11.83 -4.93
N ASP C 258 5.48 11.83 -4.85
CA ASP C 258 6.25 11.87 -3.57
C ASP C 258 6.04 13.24 -2.90
N LEU C 259 6.13 14.35 -3.65
CA LEU C 259 5.85 15.71 -3.12
C LEU C 259 4.38 15.81 -2.68
N ALA C 260 3.48 15.33 -3.53
CA ALA C 260 2.01 15.33 -3.27
C ALA C 260 1.74 14.57 -1.98
N GLU C 261 2.41 13.44 -1.77
CA GLU C 261 2.23 12.61 -0.55
C GLU C 261 2.57 13.47 0.67
N SER C 262 3.71 14.14 0.67
CA SER C 262 4.16 14.98 1.81
C SER C 262 3.14 16.10 2.05
N ILE C 263 2.59 16.68 0.98
CA ILE C 263 1.64 17.83 1.12
C ILE C 263 0.29 17.33 1.63
N MET C 264 -0.28 16.29 1.02
CA MET C 264 -1.67 15.83 1.31
C MET C 264 -1.75 15.19 2.68
N LYS C 265 -0.67 14.54 3.14
CA LYS C 265 -0.62 13.82 4.44
C LYS C 265 0.10 14.66 5.49
N ASN C 266 0.51 15.90 5.16
CA ASN C 266 1.17 16.86 6.10
C ASN C 266 2.38 16.18 6.76
N LEU C 267 3.23 15.53 5.99
CA LEU C 267 4.32 14.68 6.55
C LEU C 267 5.44 15.55 7.11
N ARG C 268 5.72 16.73 6.55
CA ARG C 268 6.89 17.57 6.95
C ARG C 268 8.18 16.78 6.69
N ARG C 269 8.23 16.07 5.57
CA ARG C 269 9.48 15.53 5.00
C ARG C 269 10.20 16.65 4.26
N VAL C 270 11.50 16.49 4.07
CA VAL C 270 12.39 17.50 3.45
C VAL C 270 12.66 17.05 2.02
N HIS C 271 12.32 17.91 1.06
CA HIS C 271 12.52 17.67 -0.39
C HIS C 271 13.26 18.86 -1.00
N PRO C 272 14.14 18.63 -2.00
CA PRO C 272 14.77 19.73 -2.72
C PRO C 272 13.78 20.25 -3.77
N VAL C 273 12.99 21.26 -3.42
CA VAL C 273 12.02 21.87 -4.35
C VAL C 273 12.36 23.36 -4.54
N SER C 274 11.79 23.95 -5.58
CA SER C 274 12.06 25.33 -6.04
C SER C 274 11.18 26.31 -5.24
N THR C 275 11.81 27.17 -4.47
CA THR C 275 11.16 28.15 -3.57
C THR C 275 11.83 29.53 -3.75
N MET C 276 11.13 30.58 -3.35
CA MET C 276 11.58 31.98 -3.47
C MET C 276 12.71 32.20 -2.46
N ILE C 277 13.93 32.41 -2.96
CA ILE C 277 15.21 32.27 -2.21
C ILE C 277 15.89 33.64 -2.00
N LYS C 278 15.26 34.76 -2.41
CA LYS C 278 15.74 36.13 -2.10
C LYS C 278 15.99 36.24 -0.59
N GLY C 279 17.18 36.66 -0.19
CA GLY C 279 17.57 36.82 1.23
C GLY C 279 18.62 35.79 1.64
N LEU C 280 18.85 34.76 0.82
CA LEU C 280 19.77 33.64 1.16
C LEU C 280 20.93 33.58 0.16
N TYR C 281 22.08 33.08 0.64
CA TYR C 281 23.31 32.83 -0.15
C TYR C 281 23.66 34.09 -0.95
N GLY C 282 23.36 35.26 -0.37
CA GLY C 282 23.64 36.58 -0.98
C GLY C 282 22.83 36.85 -2.24
N ILE C 283 21.68 36.21 -2.41
CA ILE C 283 20.78 36.45 -3.57
C ILE C 283 19.84 37.60 -3.17
N LYS C 284 19.77 38.65 -4.01
CA LYS C 284 19.01 39.89 -3.70
C LYS C 284 17.82 40.05 -4.66
N ASP C 285 17.67 39.14 -5.63
CA ASP C 285 16.58 39.17 -6.64
C ASP C 285 15.48 38.16 -6.30
N ASP C 286 14.29 38.39 -6.85
CA ASP C 286 13.10 37.50 -6.78
C ASP C 286 13.29 36.31 -7.73
N VAL C 287 14.00 35.27 -7.29
CA VAL C 287 14.16 34.02 -8.08
C VAL C 287 13.80 32.80 -7.22
N PHE C 288 13.40 31.73 -7.89
CA PHE C 288 13.09 30.41 -7.30
C PHE C 288 14.25 29.46 -7.64
N LEU C 289 14.83 28.86 -6.59
CA LEU C 289 15.86 27.81 -6.73
C LEU C 289 15.57 26.69 -5.73
N SER C 290 16.04 25.47 -6.03
CA SER C 290 15.84 24.28 -5.17
C SER C 290 16.80 24.37 -3.99
N VAL C 291 16.24 24.45 -2.80
CA VAL C 291 16.92 24.11 -1.51
C VAL C 291 16.05 23.07 -0.81
N PRO C 292 16.54 22.36 0.21
CA PRO C 292 15.72 21.41 0.96
C PRO C 292 14.63 22.16 1.73
N CYS C 293 13.37 21.86 1.45
CA CYS C 293 12.18 22.48 2.11
C CYS C 293 11.38 21.43 2.87
N ILE C 294 10.73 21.84 3.94
CA ILE C 294 9.79 21.01 4.71
C ILE C 294 8.41 21.21 4.08
N LEU C 295 7.82 20.13 3.55
CA LEU C 295 6.51 20.13 2.85
C LEU C 295 5.45 19.55 3.78
N GLY C 296 4.29 20.22 3.86
CA GLY C 296 3.11 19.79 4.62
C GLY C 296 1.87 20.42 4.03
N GLN C 297 0.81 20.50 4.81
CA GLN C 297 -0.54 20.89 4.31
C GLN C 297 -0.60 22.39 3.93
N ASN C 298 0.35 23.21 4.34
CA ASN C 298 0.43 24.65 3.96
C ASN C 298 1.53 24.88 2.92
N GLY C 299 1.99 23.81 2.26
CA GLY C 299 3.10 23.87 1.31
C GLY C 299 4.43 23.94 2.03
N ILE C 300 5.31 24.87 1.62
CA ILE C 300 6.66 25.04 2.24
C ILE C 300 6.50 25.86 3.51
N SER C 301 6.70 25.25 4.68
CA SER C 301 6.57 25.90 6.01
C SER C 301 7.95 26.41 6.46
N ASP C 302 9.01 25.80 5.97
CA ASP C 302 10.37 25.97 6.50
C ASP C 302 11.35 25.58 5.38
N LEU C 303 12.55 26.10 5.40
CA LEU C 303 13.59 25.50 4.52
C LEU C 303 14.87 25.33 5.32
N VAL C 304 15.68 24.38 4.87
CA VAL C 304 16.96 23.99 5.52
C VAL C 304 18.05 24.87 4.93
N LYS C 305 18.85 25.49 5.80
CA LYS C 305 19.98 26.35 5.39
C LYS C 305 21.18 25.40 5.27
N VAL C 306 21.47 24.93 4.07
CA VAL C 306 22.62 24.03 3.81
C VAL C 306 23.91 24.87 3.85
N THR C 307 24.94 24.38 4.54
CA THR C 307 26.30 24.97 4.52
C THR C 307 26.94 24.68 3.16
N LEU C 308 27.07 25.70 2.31
CA LEU C 308 27.75 25.59 1.00
C LEU C 308 29.18 26.15 1.11
N THR C 309 30.09 25.63 0.29
CA THR C 309 31.40 26.24 -0.01
C THR C 309 31.16 27.56 -0.74
N SER C 310 32.16 28.45 -0.77
CA SER C 310 32.12 29.73 -1.53
C SER C 310 31.80 29.44 -3.00
N GLU C 311 32.39 28.39 -3.55
CA GLU C 311 32.20 27.96 -4.96
C GLU C 311 30.74 27.57 -5.22
N GLU C 312 30.14 26.80 -4.30
CA GLU C 312 28.73 26.35 -4.38
C GLU C 312 27.82 27.57 -4.28
N GLU C 313 28.08 28.45 -3.31
CA GLU C 313 27.36 29.74 -3.10
C GLU C 313 27.43 30.57 -4.38
N ALA C 314 28.61 30.61 -5.02
CA ALA C 314 28.86 31.40 -6.24
C ALA C 314 27.98 30.85 -7.40
N ARG C 315 27.83 29.52 -7.50
CA ARG C 315 27.04 28.85 -8.57
C ARG C 315 25.56 29.25 -8.44
N LEU C 316 25.03 29.36 -7.22
CA LEU C 316 23.62 29.75 -6.98
C LEU C 316 23.43 31.22 -7.33
N LYS C 317 24.39 32.08 -6.94
CA LYS C 317 24.36 33.55 -7.22
C LYS C 317 24.30 33.73 -8.74
N LYS C 318 25.13 33.00 -9.47
CA LYS C 318 25.20 33.08 -10.95
C LYS C 318 23.86 32.62 -11.54
N SER C 319 23.28 31.54 -10.99
CA SER C 319 21.96 31.01 -11.40
C SER C 319 20.89 32.09 -11.17
N ALA C 320 20.90 32.72 -9.99
CA ALA C 320 19.95 33.81 -9.65
C ALA C 320 20.10 34.96 -10.66
N ASP C 321 21.33 35.39 -10.97
CA ASP C 321 21.60 36.47 -11.95
C ASP C 321 20.98 36.07 -13.29
N THR C 322 21.27 34.86 -13.78
CA THR C 322 20.78 34.36 -15.09
C THR C 322 19.24 34.32 -15.09
N LEU C 323 18.62 33.88 -14.01
CA LEU C 323 17.15 33.73 -13.91
C LEU C 323 16.49 35.12 -13.85
N TRP C 324 17.03 36.04 -13.04
CA TRP C 324 16.54 37.44 -12.97
C TRP C 324 16.65 38.13 -14.34
N GLY C 325 17.74 37.92 -15.06
CA GLY C 325 17.99 38.43 -16.43
C GLY C 325 16.90 37.99 -17.39
N ILE C 326 16.56 36.70 -17.39
CA ILE C 326 15.47 36.13 -18.25
C ILE C 326 14.13 36.69 -17.76
N GLN C 327 13.93 36.77 -16.45
CA GLN C 327 12.63 37.19 -15.85
C GLN C 327 12.31 38.65 -16.21
N LYS C 328 13.28 39.55 -16.19
CA LYS C 328 13.14 40.99 -16.56
C LYS C 328 12.65 41.14 -18.00
N GLU C 329 13.02 40.22 -18.89
CA GLU C 329 12.68 40.22 -20.35
C GLU C 329 11.29 39.62 -20.62
N LEU C 330 10.55 39.13 -19.61
CA LEU C 330 9.23 38.49 -19.82
C LEU C 330 8.14 39.55 -19.68
N GLN C 331 7.05 39.39 -20.42
CA GLN C 331 5.89 40.31 -20.45
C GLN C 331 4.68 39.65 -19.77
N PHE C 332 4.16 40.29 -18.72
CA PHE C 332 2.92 39.92 -17.98
C PHE C 332 1.71 40.72 -18.45
N ALA D 2 42.66 1.50 -1.12
CA ALA D 2 41.53 0.79 -1.84
C ALA D 2 40.49 1.80 -2.35
N THR D 3 39.51 1.32 -3.13
CA THR D 3 38.40 2.13 -3.68
C THR D 3 37.51 2.63 -2.53
N LEU D 4 36.80 3.74 -2.76
CA LEU D 4 35.76 4.28 -1.84
C LEU D 4 34.77 3.17 -1.45
N LYS D 5 34.26 2.41 -2.42
CA LYS D 5 33.31 1.31 -2.14
C LYS D 5 33.91 0.40 -1.06
N ASP D 6 35.17 -0.02 -1.23
CA ASP D 6 35.87 -1.01 -0.34
C ASP D 6 36.23 -0.37 1.01
N GLN D 7 36.49 0.94 1.06
CA GLN D 7 36.70 1.69 2.33
C GLN D 7 35.38 1.75 3.11
N LEU D 8 34.26 1.88 2.41
CA LEU D 8 32.92 2.11 3.00
C LEU D 8 32.21 0.78 3.30
N ILE D 9 32.41 -0.25 2.47
CA ILE D 9 31.60 -1.51 2.47
C ILE D 9 32.52 -2.74 2.56
N TYR D 10 32.36 -3.53 3.62
CA TYR D 10 33.00 -4.87 3.79
C TYR D 10 32.04 -5.93 3.24
N ASN D 11 32.43 -6.60 2.16
CA ASN D 11 31.63 -7.65 1.49
C ASN D 11 31.74 -8.98 2.25
N LEU D 12 30.61 -9.66 2.49
CA LEU D 12 30.54 -10.97 3.16
C LEU D 12 30.36 -12.10 2.14
N LEU D 13 29.66 -11.88 1.03
CA LEU D 13 29.38 -13.01 0.10
C LEU D 13 29.29 -12.55 -1.36
N LYS D 14 29.92 -13.34 -2.25
CA LYS D 14 30.12 -13.03 -3.69
C LYS D 14 28.82 -13.40 -4.42
N GLU D 15 28.68 -14.67 -4.79
CA GLU D 15 27.60 -15.19 -5.69
C GLU D 15 26.26 -14.50 -5.37
N GLU D 16 25.61 -13.91 -6.38
CA GLU D 16 24.22 -13.36 -6.28
C GLU D 16 23.29 -14.41 -6.87
N GLN D 17 22.38 -14.93 -6.02
CA GLN D 17 21.40 -16.00 -6.33
C GLN D 17 20.35 -15.56 -7.37
N THR D 18 19.45 -16.50 -7.63
CA THR D 18 18.28 -16.37 -8.52
C THR D 18 17.35 -15.29 -7.99
N PRO D 19 16.63 -14.56 -8.86
CA PRO D 19 15.49 -13.76 -8.41
C PRO D 19 14.32 -14.68 -8.03
N GLN D 20 13.58 -14.32 -6.98
CA GLN D 20 12.56 -15.20 -6.38
C GLN D 20 11.14 -14.84 -6.88
N ASN D 21 10.94 -13.63 -7.42
CA ASN D 21 9.58 -13.11 -7.75
C ASN D 21 9.67 -12.27 -9.01
N LYS D 22 10.27 -12.83 -10.06
CA LYS D 22 10.61 -12.08 -11.29
C LYS D 22 9.42 -12.06 -12.24
N ILE D 23 9.16 -10.90 -12.83
CA ILE D 23 8.14 -10.69 -13.88
C ILE D 23 8.85 -10.12 -15.09
N THR D 24 8.53 -10.64 -16.28
CA THR D 24 8.98 -10.08 -17.57
C THR D 24 7.77 -9.48 -18.29
N VAL D 25 7.93 -8.33 -18.88
CA VAL D 25 6.94 -7.70 -19.79
C VAL D 25 7.61 -7.64 -21.15
N VAL D 26 7.03 -8.31 -22.15
CA VAL D 26 7.53 -8.29 -23.57
C VAL D 26 6.63 -7.34 -24.36
N GLY D 27 7.21 -6.26 -24.87
CA GLY D 27 6.47 -5.19 -25.55
C GLY D 27 6.34 -4.00 -24.62
N VAL D 28 7.10 -2.94 -24.88
CA VAL D 28 7.13 -1.71 -24.04
C VAL D 28 6.44 -0.57 -24.79
N GLY D 29 5.29 -0.87 -25.38
CA GLY D 29 4.34 0.16 -25.82
C GLY D 29 3.61 0.77 -24.64
N ALA D 30 2.56 1.54 -24.89
CA ALA D 30 1.76 2.20 -23.84
C ALA D 30 1.18 1.11 -22.93
N VAL D 31 0.83 -0.06 -23.48
CA VAL D 31 0.18 -1.16 -22.70
C VAL D 31 1.20 -1.83 -21.79
N GLY D 32 2.34 -2.23 -22.33
CA GLY D 32 3.41 -2.89 -21.55
C GLY D 32 3.92 -1.99 -20.43
N MET D 33 4.11 -0.70 -20.71
CA MET D 33 4.63 0.26 -19.72
C MET D 33 3.55 0.54 -18.65
N ALA D 34 2.27 0.57 -19.01
CA ALA D 34 1.17 0.72 -18.01
C ALA D 34 1.12 -0.51 -17.12
N CYS D 35 1.34 -1.71 -17.70
CA CYS D 35 1.48 -2.95 -16.91
C CYS D 35 2.67 -2.80 -15.97
N ALA D 36 3.79 -2.32 -16.49
CA ALA D 36 5.06 -2.18 -15.73
C ALA D 36 4.86 -1.24 -14.53
N ILE D 37 4.33 -0.02 -14.74
CA ILE D 37 4.18 0.99 -13.66
C ILE D 37 3.19 0.45 -12.63
N SER D 38 2.09 -0.17 -13.04
CA SER D 38 1.08 -0.77 -12.14
C SER D 38 1.72 -1.87 -11.29
N ILE D 39 2.54 -2.74 -11.90
CA ILE D 39 3.24 -3.86 -11.21
C ILE D 39 4.25 -3.26 -10.24
N LEU D 40 5.02 -2.25 -10.67
CA LEU D 40 6.02 -1.59 -9.79
C LEU D 40 5.31 -0.93 -8.60
N MET D 41 4.14 -0.36 -8.82
CA MET D 41 3.48 0.43 -7.76
C MET D 41 2.69 -0.47 -6.82
N LYS D 42 2.52 -1.75 -7.17
CA LYS D 42 1.89 -2.78 -6.32
C LYS D 42 2.93 -3.71 -5.69
N ASP D 43 4.22 -3.51 -5.91
CA ASP D 43 5.28 -4.33 -5.25
C ASP D 43 5.09 -5.83 -5.50
N LEU D 44 4.80 -6.25 -6.72
CA LEU D 44 4.55 -7.69 -7.03
C LEU D 44 5.83 -8.42 -7.44
N ALA D 45 6.93 -7.69 -7.73
CA ALA D 45 8.17 -8.26 -8.30
C ALA D 45 9.42 -7.77 -7.56
N ASP D 46 10.42 -8.66 -7.40
CA ASP D 46 11.78 -8.29 -6.92
C ASP D 46 12.66 -7.96 -8.13
N GLU D 47 12.23 -8.35 -9.33
CA GLU D 47 12.98 -8.09 -10.58
C GLU D 47 11.95 -7.94 -11.69
N LEU D 48 12.06 -6.85 -12.44
CA LEU D 48 11.24 -6.56 -13.62
C LEU D 48 12.19 -6.53 -14.82
N ALA D 49 11.92 -7.39 -15.79
CA ALA D 49 12.65 -7.44 -17.06
C ALA D 49 11.72 -6.92 -18.17
N LEU D 50 12.22 -5.98 -18.98
CA LEU D 50 11.53 -5.48 -20.19
C LEU D 50 12.24 -6.02 -21.43
N VAL D 51 11.47 -6.46 -22.42
CA VAL D 51 11.97 -6.86 -23.76
C VAL D 51 11.19 -6.13 -24.84
N ASP D 52 11.85 -5.74 -25.92
CA ASP D 52 11.22 -5.22 -27.16
C ASP D 52 12.19 -5.48 -28.32
N VAL D 53 11.82 -5.11 -29.55
CA VAL D 53 12.75 -5.13 -30.71
C VAL D 53 13.30 -3.73 -30.95
N ILE D 54 12.60 -2.69 -30.50
CA ILE D 54 13.03 -1.28 -30.68
C ILE D 54 13.99 -0.91 -29.53
N GLU D 55 15.30 -0.96 -29.79
CA GLU D 55 16.36 -0.85 -28.76
C GLU D 55 16.32 0.48 -28.02
N ASP D 56 16.07 1.59 -28.73
CA ASP D 56 16.11 2.94 -28.13
C ASP D 56 14.93 3.11 -27.15
N LYS D 57 13.71 2.87 -27.61
CA LYS D 57 12.47 2.92 -26.78
C LYS D 57 12.70 2.03 -25.53
N LEU D 58 13.17 0.80 -25.73
CA LEU D 58 13.39 -0.18 -24.64
C LEU D 58 14.33 0.41 -23.58
N LYS D 59 15.51 0.86 -24.02
CA LYS D 59 16.54 1.42 -23.10
C LYS D 59 15.98 2.66 -22.39
N GLY D 60 15.32 3.54 -23.14
CA GLY D 60 14.77 4.80 -22.60
C GLY D 60 13.73 4.54 -21.53
N GLU D 61 12.80 3.61 -21.77
CA GLU D 61 11.76 3.25 -20.80
C GLU D 61 12.40 2.64 -19.54
N MET D 62 13.37 1.73 -19.71
CA MET D 62 14.08 1.08 -18.59
C MET D 62 14.76 2.15 -17.74
N MET D 63 15.44 3.10 -18.39
CA MET D 63 16.17 4.18 -17.68
C MET D 63 15.17 5.08 -16.93
N ASP D 64 14.07 5.45 -17.55
CA ASP D 64 13.02 6.33 -16.95
C ASP D 64 12.51 5.65 -15.67
N LEU D 65 12.21 4.35 -15.70
CA LEU D 65 11.79 3.57 -14.51
C LEU D 65 12.93 3.57 -13.49
N GLN D 66 14.14 3.24 -13.92
CA GLN D 66 15.33 3.17 -13.05
C GLN D 66 15.50 4.49 -12.29
N HIS D 67 15.27 5.63 -12.95
CA HIS D 67 15.44 6.98 -12.34
C HIS D 67 14.42 7.18 -11.21
N GLY D 68 13.34 6.38 -11.20
CA GLY D 68 12.28 6.40 -10.18
C GLY D 68 12.53 5.43 -9.03
N SER D 69 13.64 4.68 -9.04
CA SER D 69 13.93 3.56 -8.10
C SER D 69 13.75 4.02 -6.64
N LEU D 70 14.19 5.24 -6.33
CA LEU D 70 14.08 5.85 -4.99
C LEU D 70 12.64 5.75 -4.50
N PHE D 71 11.66 5.81 -5.39
CA PHE D 71 10.23 5.88 -5.02
C PHE D 71 9.56 4.51 -5.11
N LEU D 72 10.31 3.46 -5.47
CA LEU D 72 9.80 2.08 -5.71
C LEU D 72 10.45 1.12 -4.72
N ARG D 73 10.00 -0.13 -4.72
CA ARG D 73 10.50 -1.21 -3.82
C ARG D 73 10.76 -2.46 -4.67
N THR D 74 11.14 -2.25 -5.92
CA THR D 74 11.54 -3.29 -6.90
C THR D 74 13.00 -3.01 -7.23
N PRO D 75 13.95 -3.77 -6.63
CA PRO D 75 15.35 -3.39 -6.65
C PRO D 75 16.10 -3.61 -7.97
N LYS D 76 15.55 -4.39 -8.89
CA LYS D 76 16.25 -4.72 -10.15
C LYS D 76 15.28 -4.54 -11.32
N ILE D 77 15.60 -3.55 -12.16
CA ILE D 77 14.90 -3.25 -13.43
C ILE D 77 15.90 -3.41 -14.57
N VAL D 78 15.67 -4.36 -15.46
CA VAL D 78 16.61 -4.73 -16.56
C VAL D 78 15.82 -4.81 -17.87
N SER D 79 16.53 -4.65 -18.99
CA SER D 79 15.96 -4.74 -20.35
C SER D 79 16.99 -5.35 -21.30
N GLY D 80 16.51 -5.84 -22.44
CA GLY D 80 17.33 -6.23 -23.58
C GLY D 80 16.50 -6.88 -24.65
N LYS D 81 17.06 -6.99 -25.86
CA LYS D 81 16.50 -7.77 -26.98
C LYS D 81 16.76 -9.27 -26.73
N ASP D 82 17.78 -9.61 -25.94
CA ASP D 82 18.22 -11.01 -25.72
C ASP D 82 17.41 -11.57 -24.54
N TYR D 83 16.83 -12.75 -24.68
CA TYR D 83 15.91 -13.33 -23.69
C TYR D 83 16.65 -13.88 -22.46
N ASN D 84 17.97 -13.74 -22.38
CA ASN D 84 18.72 -14.14 -21.16
C ASN D 84 18.37 -13.19 -19.99
N VAL D 85 17.92 -11.95 -20.25
CA VAL D 85 17.48 -10.99 -19.21
C VAL D 85 16.16 -11.45 -18.58
N THR D 86 15.43 -12.38 -19.21
CA THR D 86 14.10 -12.87 -18.75
C THR D 86 14.23 -14.17 -17.96
N ALA D 87 15.45 -14.70 -17.80
CA ALA D 87 15.70 -16.02 -17.17
C ALA D 87 15.05 -16.05 -15.77
N ASN D 88 14.31 -17.12 -15.47
CA ASN D 88 13.80 -17.47 -14.11
C ASN D 88 12.63 -16.55 -13.74
N SER D 89 11.83 -16.14 -14.72
CA SER D 89 10.59 -15.37 -14.51
C SER D 89 9.52 -16.33 -13.98
N LYS D 90 8.82 -15.92 -12.92
CA LYS D 90 7.60 -16.63 -12.44
C LYS D 90 6.49 -16.37 -13.44
N LEU D 91 6.46 -15.16 -14.00
CA LEU D 91 5.32 -14.66 -14.80
C LEU D 91 5.87 -13.84 -15.95
N VAL D 92 5.37 -14.10 -17.16
CA VAL D 92 5.83 -13.41 -18.38
C VAL D 92 4.59 -12.91 -19.10
N ILE D 93 4.50 -11.60 -19.22
CA ILE D 93 3.34 -10.86 -19.77
C ILE D 93 3.71 -10.43 -21.19
N ILE D 94 2.93 -10.86 -22.17
CA ILE D 94 3.15 -10.54 -23.60
C ILE D 94 2.16 -9.45 -24.01
N THR D 95 2.70 -8.25 -24.26
CA THR D 95 1.96 -7.04 -24.71
C THR D 95 2.53 -6.60 -26.06
N ALA D 96 3.24 -7.50 -26.73
CA ALA D 96 3.92 -7.26 -28.01
C ALA D 96 2.90 -7.42 -29.15
N GLY D 97 2.96 -6.54 -30.14
CA GLY D 97 1.97 -6.53 -31.22
C GLY D 97 2.48 -5.71 -32.39
N ALA D 98 1.94 -5.99 -33.58
CA ALA D 98 2.22 -5.22 -34.80
C ALA D 98 1.25 -4.03 -34.84
N ARG D 99 1.68 -2.93 -35.46
CA ARG D 99 0.85 -1.74 -35.79
C ARG D 99 0.11 -2.03 -37.10
N GLN D 100 -1.23 -1.93 -37.10
CA GLN D 100 -2.09 -2.08 -38.30
C GLN D 100 -1.52 -1.14 -39.38
N GLN D 101 -1.29 -1.66 -40.58
CA GLN D 101 -0.81 -0.90 -41.76
C GLN D 101 -2.03 -0.49 -42.60
N GLU D 102 -1.89 0.62 -43.34
CA GLU D 102 -2.89 1.04 -44.36
C GLU D 102 -3.04 -0.09 -45.39
N GLY D 103 -4.27 -0.56 -45.62
CA GLY D 103 -4.58 -1.55 -46.66
C GLY D 103 -4.40 -2.99 -46.20
N GLU D 104 -3.72 -3.22 -45.10
CA GLU D 104 -3.53 -4.56 -44.51
C GLU D 104 -4.89 -5.12 -44.07
N SER D 105 -5.17 -6.38 -44.38
CA SER D 105 -6.38 -7.11 -43.93
C SER D 105 -6.27 -7.45 -42.43
N ARG D 106 -7.40 -7.70 -41.78
CA ARG D 106 -7.44 -8.06 -40.35
C ARG D 106 -6.82 -9.45 -40.14
N LEU D 107 -6.99 -10.40 -41.07
CA LEU D 107 -6.37 -11.75 -40.95
C LEU D 107 -4.84 -11.62 -41.03
N ASN D 108 -4.36 -10.68 -41.85
CA ASN D 108 -2.91 -10.49 -42.03
C ASN D 108 -2.31 -9.93 -40.73
N LEU D 109 -2.98 -8.97 -40.10
CA LEU D 109 -2.54 -8.39 -38.80
C LEU D 109 -2.41 -9.52 -37.77
N VAL D 110 -3.40 -10.41 -37.68
CA VAL D 110 -3.37 -11.59 -36.76
C VAL D 110 -2.15 -12.45 -37.09
N GLN D 111 -1.91 -12.75 -38.37
CA GLN D 111 -0.81 -13.66 -38.79
C GLN D 111 0.54 -13.03 -38.41
N ARG D 112 0.68 -11.72 -38.61
CA ARG D 112 1.87 -10.94 -38.22
C ARG D 112 2.09 -11.04 -36.70
N ASN D 113 1.03 -10.96 -35.89
CA ASN D 113 1.15 -11.19 -34.42
C ASN D 113 1.53 -12.66 -34.17
N VAL D 114 1.00 -13.62 -34.95
CA VAL D 114 1.42 -15.05 -34.82
C VAL D 114 2.94 -15.14 -35.04
N ASN D 115 3.48 -14.43 -36.03
CA ASN D 115 4.91 -14.52 -36.43
C ASN D 115 5.78 -13.92 -35.34
N ILE D 116 5.32 -12.84 -34.71
CA ILE D 116 5.96 -12.24 -33.50
C ILE D 116 5.98 -13.31 -32.39
N PHE D 117 4.87 -14.00 -32.15
CA PHE D 117 4.79 -15.05 -31.08
C PHE D 117 5.74 -16.19 -31.43
N LYS D 118 5.89 -16.51 -32.71
CA LYS D 118 6.82 -17.57 -33.19
C LYS D 118 8.23 -17.28 -32.71
N PHE D 119 8.65 -16.01 -32.66
CA PHE D 119 10.00 -15.62 -32.15
C PHE D 119 9.98 -15.54 -30.61
N ILE D 120 9.00 -14.85 -30.03
CA ILE D 120 8.92 -14.52 -28.57
C ILE D 120 8.79 -15.81 -27.75
N ILE D 121 7.79 -16.64 -28.05
CA ILE D 121 7.35 -17.69 -27.10
C ILE D 121 8.46 -18.72 -26.88
N PRO D 122 9.14 -19.29 -27.90
CA PRO D 122 10.18 -20.28 -27.66
C PRO D 122 11.36 -19.72 -26.85
N ASN D 123 11.69 -18.45 -27.04
CA ASN D 123 12.75 -17.74 -26.27
C ASN D 123 12.32 -17.60 -24.80
N VAL D 124 11.08 -17.19 -24.54
CA VAL D 124 10.50 -17.09 -23.17
C VAL D 124 10.63 -18.46 -22.49
N VAL D 125 10.21 -19.52 -23.18
CA VAL D 125 10.18 -20.92 -22.64
C VAL D 125 11.61 -21.41 -22.33
N LYS D 126 12.57 -21.16 -23.21
CA LYS D 126 13.98 -21.58 -23.03
C LYS D 126 14.50 -21.02 -21.69
N TYR D 127 14.28 -19.74 -21.42
CA TYR D 127 14.86 -19.06 -20.24
C TYR D 127 13.97 -19.17 -18.99
N SER D 128 12.66 -19.39 -19.14
CA SER D 128 11.73 -19.56 -17.99
C SER D 128 10.80 -20.73 -18.25
N PRO D 129 11.34 -21.99 -18.28
CA PRO D 129 10.53 -23.16 -18.62
C PRO D 129 9.33 -23.39 -17.70
N ASN D 130 9.34 -22.84 -16.48
CA ASN D 130 8.30 -23.08 -15.45
C ASN D 130 7.36 -21.87 -15.31
N CYS D 131 7.49 -20.84 -16.13
CA CYS D 131 6.73 -19.58 -15.96
C CYS D 131 5.26 -19.81 -16.30
N LYS D 132 4.39 -18.92 -15.80
CA LYS D 132 3.02 -18.68 -16.31
C LYS D 132 3.13 -17.63 -17.41
N LEU D 133 2.44 -17.87 -18.53
CA LEU D 133 2.32 -16.91 -19.64
C LEU D 133 0.99 -16.18 -19.47
N LEU D 134 1.03 -14.84 -19.42
CA LEU D 134 -0.14 -13.95 -19.41
C LEU D 134 -0.15 -13.20 -20.74
N ILE D 135 -1.12 -13.55 -21.60
CA ILE D 135 -1.19 -12.99 -22.97
C ILE D 135 -2.16 -11.82 -22.94
N VAL D 136 -1.71 -10.67 -23.42
CA VAL D 136 -2.51 -9.41 -23.46
C VAL D 136 -2.75 -9.00 -24.92
N SER D 137 -1.75 -9.17 -25.78
CA SER D 137 -1.77 -8.78 -27.22
C SER D 137 -3.09 -9.21 -27.90
N ASN D 138 -3.69 -8.32 -28.70
CA ASN D 138 -4.92 -8.67 -29.43
C ASN D 138 -4.61 -9.21 -30.82
N PRO D 139 -5.47 -10.09 -31.36
CA PRO D 139 -6.65 -10.60 -30.67
C PRO D 139 -6.35 -11.63 -29.57
N VAL D 140 -6.78 -11.32 -28.35
CA VAL D 140 -6.19 -11.94 -27.13
C VAL D 140 -6.61 -13.42 -27.01
N ASP D 141 -7.86 -13.76 -27.31
CA ASP D 141 -8.34 -15.17 -27.18
C ASP D 141 -7.60 -16.04 -28.20
N ILE D 142 -7.45 -15.56 -29.43
CA ILE D 142 -6.75 -16.32 -30.51
C ILE D 142 -5.26 -16.43 -30.16
N LEU D 143 -4.62 -15.33 -29.75
CA LEU D 143 -3.15 -15.33 -29.51
C LEU D 143 -2.83 -16.13 -28.24
N THR D 144 -3.77 -16.31 -27.31
CA THR D 144 -3.55 -17.19 -26.15
C THR D 144 -3.46 -18.64 -26.64
N TYR D 145 -4.40 -19.06 -27.51
CA TYR D 145 -4.34 -20.36 -28.23
C TYR D 145 -2.95 -20.51 -28.87
N VAL D 146 -2.52 -19.49 -29.61
CA VAL D 146 -1.24 -19.53 -30.39
C VAL D 146 -0.07 -19.75 -29.43
N ALA D 147 -0.06 -19.05 -28.29
CA ALA D 147 1.05 -19.13 -27.29
C ALA D 147 1.04 -20.51 -26.65
N TRP D 148 -0.14 -21.08 -26.38
CA TRP D 148 -0.28 -22.46 -25.84
C TRP D 148 0.36 -23.46 -26.84
N LYS D 149 0.00 -23.36 -28.12
CA LYS D 149 0.47 -24.31 -29.15
C LYS D 149 1.99 -24.19 -29.29
N ILE D 150 2.52 -22.98 -29.42
CA ILE D 150 3.98 -22.75 -29.63
C ILE D 150 4.76 -23.14 -28.37
N SER D 151 4.26 -22.80 -27.17
CA SER D 151 4.97 -23.04 -25.89
C SER D 151 5.06 -24.54 -25.60
N GLY D 152 4.01 -25.30 -25.90
CA GLY D 152 3.83 -26.68 -25.40
C GLY D 152 3.55 -26.72 -23.90
N PHE D 153 3.23 -25.58 -23.27
CA PHE D 153 2.92 -25.52 -21.81
C PHE D 153 1.59 -26.22 -21.55
N PRO D 154 1.38 -26.74 -20.33
CA PRO D 154 0.06 -27.20 -19.93
C PRO D 154 -0.89 -26.00 -19.80
N LYS D 155 -2.19 -26.23 -19.97
CA LYS D 155 -3.19 -25.15 -20.16
C LYS D 155 -3.29 -24.29 -18.90
N ASN D 156 -2.92 -24.81 -17.72
CA ASN D 156 -2.93 -24.06 -16.45
C ASN D 156 -1.96 -22.87 -16.52
N ARG D 157 -0.91 -22.96 -17.34
CA ARG D 157 0.18 -21.95 -17.35
C ARG D 157 0.12 -21.08 -18.61
N VAL D 158 -1.00 -21.07 -19.34
CA VAL D 158 -1.21 -20.13 -20.47
C VAL D 158 -2.56 -19.45 -20.26
N ILE D 159 -2.53 -18.15 -19.97
CA ILE D 159 -3.71 -17.35 -19.52
C ILE D 159 -3.83 -16.14 -20.43
N GLY D 160 -5.04 -15.88 -20.95
CA GLY D 160 -5.33 -14.62 -21.64
C GLY D 160 -5.95 -13.61 -20.68
N SER D 161 -5.59 -12.33 -20.78
CA SER D 161 -6.14 -11.26 -19.89
C SER D 161 -7.66 -11.22 -20.09
N GLY D 162 -8.11 -11.53 -21.30
CA GLY D 162 -9.53 -11.87 -21.61
C GLY D 162 -10.50 -10.79 -21.17
N CYS D 163 -11.53 -11.16 -20.41
CA CYS D 163 -12.67 -10.27 -20.06
C CYS D 163 -12.48 -9.67 -18.66
N ASN D 164 -11.28 -9.72 -18.10
CA ASN D 164 -11.01 -9.08 -16.79
C ASN D 164 -11.23 -7.57 -16.97
N LEU D 165 -10.74 -6.96 -18.05
CA LEU D 165 -10.96 -5.53 -18.34
C LEU D 165 -12.43 -5.28 -18.70
N ASP D 166 -13.05 -6.13 -19.52
CA ASP D 166 -14.46 -5.94 -19.96
C ASP D 166 -15.35 -5.96 -18.71
N SER D 167 -15.10 -6.91 -17.80
CA SER D 167 -15.83 -7.02 -16.50
C SER D 167 -15.61 -5.77 -15.65
N ALA D 168 -14.38 -5.24 -15.60
CA ALA D 168 -14.08 -3.99 -14.83
C ALA D 168 -14.87 -2.81 -15.43
N ARG D 169 -14.92 -2.68 -16.75
CA ARG D 169 -15.71 -1.61 -17.41
C ARG D 169 -17.19 -1.77 -17.06
N PHE D 170 -17.72 -2.99 -17.13
CA PHE D 170 -19.13 -3.31 -16.81
C PHE D 170 -19.44 -2.76 -15.42
N ARG D 171 -18.58 -3.10 -14.46
CA ARG D 171 -18.78 -2.73 -13.04
C ARG D 171 -18.65 -1.21 -12.85
N TYR D 172 -17.73 -0.55 -13.55
CA TYR D 172 -17.64 0.93 -13.52
C TYR D 172 -19.01 1.51 -13.89
N LEU D 173 -19.58 1.08 -15.03
CA LEU D 173 -20.83 1.62 -15.60
C LEU D 173 -22.02 1.29 -14.70
N MET D 174 -22.09 0.03 -14.25
CA MET D 174 -23.05 -0.41 -13.22
C MET D 174 -23.00 0.58 -12.04
N GLY D 175 -21.80 0.87 -11.55
CA GLY D 175 -21.58 1.76 -10.39
C GLY D 175 -22.09 3.17 -10.62
N GLU D 176 -21.87 3.73 -11.80
CA GLU D 176 -22.36 5.09 -12.17
C GLU D 176 -23.88 5.11 -12.12
N ARG D 177 -24.54 4.06 -12.60
CA ARG D 177 -26.03 4.01 -12.59
C ARG D 177 -26.54 3.93 -11.15
N LEU D 178 -25.90 3.15 -10.26
CA LEU D 178 -26.45 2.85 -8.91
C LEU D 178 -25.89 3.79 -7.83
N GLY D 179 -24.84 4.57 -8.11
CA GLY D 179 -24.17 5.41 -7.09
C GLY D 179 -23.45 4.56 -6.07
N VAL D 180 -22.82 3.48 -6.53
CA VAL D 180 -22.13 2.47 -5.68
C VAL D 180 -20.75 2.21 -6.28
N HIS D 181 -19.74 2.01 -5.44
CA HIS D 181 -18.38 1.70 -5.90
C HIS D 181 -18.40 0.41 -6.74
N PRO D 182 -17.63 0.36 -7.86
CA PRO D 182 -17.50 -0.86 -8.65
C PRO D 182 -17.09 -2.11 -7.84
N LEU D 183 -16.31 -1.96 -6.78
CA LEU D 183 -15.95 -3.11 -5.90
C LEU D 183 -17.22 -3.79 -5.42
N SER D 184 -18.27 -3.01 -5.13
CA SER D 184 -19.51 -3.52 -4.49
C SER D 184 -20.57 -3.86 -5.53
N CYS D 185 -20.29 -3.60 -6.81
CA CYS D 185 -21.16 -3.92 -7.97
C CYS D 185 -20.62 -5.15 -8.67
N HIS D 186 -21.33 -6.25 -8.62
CA HIS D 186 -20.88 -7.57 -9.15
C HIS D 186 -21.61 -7.84 -10.44
N GLY D 187 -20.87 -8.30 -11.43
CA GLY D 187 -21.35 -8.51 -12.81
C GLY D 187 -20.23 -9.10 -13.63
N TRP D 188 -20.55 -10.10 -14.42
CA TRP D 188 -19.56 -10.87 -15.21
C TRP D 188 -19.84 -10.72 -16.70
N VAL D 189 -18.78 -10.37 -17.42
CA VAL D 189 -18.70 -10.43 -18.90
C VAL D 189 -17.78 -11.60 -19.23
N LEU D 190 -18.27 -12.57 -20.02
CA LEU D 190 -17.54 -13.81 -20.34
C LEU D 190 -17.40 -13.96 -21.86
N GLY D 191 -16.73 -15.03 -22.29
CA GLY D 191 -16.49 -15.32 -23.70
C GLY D 191 -15.35 -14.49 -24.26
N GLU D 192 -15.60 -13.86 -25.41
CA GLU D 192 -14.56 -13.14 -26.18
C GLU D 192 -14.33 -11.78 -25.53
N HIS D 193 -13.09 -11.32 -25.53
CA HIS D 193 -12.75 -9.91 -25.26
C HIS D 193 -13.39 -9.04 -26.36
N GLY D 194 -14.00 -7.91 -26.01
CA GLY D 194 -14.52 -6.91 -26.96
C GLY D 194 -15.91 -7.24 -27.49
N ASP D 195 -16.11 -7.05 -28.79
CA ASP D 195 -17.44 -6.91 -29.47
C ASP D 195 -18.39 -8.06 -29.10
N SER D 196 -17.91 -9.30 -29.06
CA SER D 196 -18.75 -10.52 -28.93
C SER D 196 -18.80 -11.02 -27.48
N SER D 197 -18.40 -10.21 -26.49
CA SER D 197 -18.46 -10.54 -25.04
C SER D 197 -19.91 -10.76 -24.62
N VAL D 198 -20.13 -11.62 -23.61
CA VAL D 198 -21.47 -12.02 -23.12
C VAL D 198 -21.66 -11.49 -21.70
N PRO D 199 -22.60 -10.55 -21.48
CA PRO D 199 -22.99 -10.15 -20.12
C PRO D 199 -23.94 -11.19 -19.53
N VAL D 200 -23.58 -11.75 -18.38
CA VAL D 200 -24.39 -12.75 -17.64
C VAL D 200 -25.27 -11.96 -16.67
N TRP D 201 -26.43 -11.54 -17.16
CA TRP D 201 -27.39 -10.69 -16.42
C TRP D 201 -27.77 -11.38 -15.10
N SER D 202 -27.85 -12.71 -15.10
CA SER D 202 -28.29 -13.53 -13.94
C SER D 202 -27.35 -13.36 -12.75
N GLY D 203 -26.10 -12.94 -12.98
CA GLY D 203 -25.08 -12.81 -11.92
C GLY D 203 -24.94 -11.40 -11.38
N MET D 204 -25.56 -10.42 -12.04
CA MET D 204 -25.50 -8.98 -11.67
C MET D 204 -26.15 -8.78 -10.30
N ASN D 205 -25.42 -8.30 -9.32
CA ASN D 205 -25.95 -8.15 -7.93
C ASN D 205 -25.17 -7.07 -7.17
N VAL D 206 -25.85 -6.47 -6.21
CA VAL D 206 -25.25 -5.71 -5.08
C VAL D 206 -25.66 -6.45 -3.82
N ALA D 207 -24.68 -6.81 -2.98
CA ALA D 207 -24.93 -7.45 -1.67
C ALA D 207 -25.69 -8.77 -1.84
N GLY D 208 -25.50 -9.45 -2.97
CA GLY D 208 -26.10 -10.77 -3.22
C GLY D 208 -27.56 -10.66 -3.63
N VAL D 209 -28.03 -9.45 -3.91
CA VAL D 209 -29.43 -9.18 -4.39
C VAL D 209 -29.41 -9.16 -5.91
N SER D 210 -30.00 -10.19 -6.54
CA SER D 210 -30.13 -10.33 -8.01
C SER D 210 -30.88 -9.13 -8.60
N LEU D 211 -30.24 -8.34 -9.47
CA LEU D 211 -30.93 -7.25 -10.19
C LEU D 211 -31.97 -7.83 -11.15
N LYS D 212 -31.68 -8.99 -11.74
CA LYS D 212 -32.56 -9.72 -12.68
C LYS D 212 -33.87 -10.08 -11.97
N THR D 213 -33.79 -10.60 -10.75
CA THR D 213 -34.96 -10.98 -9.91
C THR D 213 -35.79 -9.72 -9.57
N LEU D 214 -35.16 -8.60 -9.22
CA LEU D 214 -35.86 -7.34 -8.88
C LEU D 214 -36.52 -6.76 -10.14
N HIS D 215 -35.88 -6.94 -11.30
CA HIS D 215 -36.21 -6.29 -12.60
C HIS D 215 -36.07 -7.30 -13.74
N PRO D 216 -37.05 -8.21 -13.94
CA PRO D 216 -36.91 -9.33 -14.88
C PRO D 216 -36.63 -8.93 -16.34
N ASP D 217 -36.94 -7.69 -16.72
CA ASP D 217 -36.64 -7.13 -18.06
C ASP D 217 -35.13 -6.84 -18.22
N LEU D 218 -34.36 -6.87 -17.13
CA LEU D 218 -32.90 -6.61 -17.15
C LEU D 218 -32.24 -7.37 -18.30
N GLY D 219 -31.65 -6.65 -19.25
CA GLY D 219 -30.87 -7.24 -20.35
C GLY D 219 -31.71 -7.72 -21.52
N THR D 220 -32.99 -7.34 -21.57
CA THR D 220 -33.91 -7.59 -22.72
C THR D 220 -34.16 -6.24 -23.41
N ASP D 221 -34.75 -6.27 -24.62
CA ASP D 221 -35.01 -5.05 -25.44
C ASP D 221 -36.23 -4.30 -24.89
N LYS D 222 -37.16 -4.98 -24.22
CA LYS D 222 -38.38 -4.31 -23.68
C LYS D 222 -38.02 -3.41 -22.49
N ASP D 223 -36.92 -3.67 -21.78
CA ASP D 223 -36.40 -2.90 -20.60
C ASP D 223 -36.54 -1.38 -20.80
N LYS D 224 -37.35 -0.72 -19.97
CA LYS D 224 -37.64 0.74 -20.02
C LYS D 224 -36.41 1.51 -19.57
N GLU D 225 -35.57 0.89 -18.72
CA GLU D 225 -34.32 1.50 -18.19
C GLU D 225 -33.13 1.19 -19.12
N GLN D 226 -33.28 0.27 -20.08
CA GLN D 226 -32.26 -0.05 -21.11
C GLN D 226 -30.94 -0.47 -20.46
N TRP D 227 -30.96 -1.49 -19.62
CA TRP D 227 -29.73 -2.00 -18.95
C TRP D 227 -28.79 -2.62 -19.99
N LYS D 228 -29.29 -3.03 -21.15
CA LYS D 228 -28.45 -3.59 -22.24
C LYS D 228 -27.39 -2.56 -22.63
N GLU D 229 -27.73 -1.28 -22.50
CA GLU D 229 -26.86 -0.13 -22.87
C GLU D 229 -25.58 -0.17 -22.03
N VAL D 230 -25.65 -0.70 -20.80
CA VAL D 230 -24.45 -0.91 -19.94
C VAL D 230 -23.45 -1.82 -20.67
N HIS D 231 -23.89 -2.97 -21.19
CA HIS D 231 -22.99 -3.90 -21.92
C HIS D 231 -22.59 -3.27 -23.26
N LYS D 232 -23.49 -2.53 -23.93
CA LYS D 232 -23.14 -1.86 -25.21
C LYS D 232 -21.97 -0.89 -24.92
N GLN D 233 -22.06 -0.14 -23.83
CA GLN D 233 -21.02 0.85 -23.43
C GLN D 233 -19.72 0.13 -23.05
N VAL D 234 -19.75 -1.09 -22.52
CA VAL D 234 -18.52 -1.89 -22.26
C VAL D 234 -17.68 -1.98 -23.55
N VAL D 235 -18.32 -2.25 -24.67
CA VAL D 235 -17.67 -2.35 -26.01
C VAL D 235 -17.40 -0.93 -26.53
N GLU D 236 -18.41 -0.06 -26.52
CA GLU D 236 -18.36 1.24 -27.24
C GLU D 236 -17.40 2.21 -26.55
N SER D 237 -17.35 2.19 -25.22
CA SER D 237 -16.46 3.07 -24.43
C SER D 237 -15.00 2.76 -24.76
N ALA D 238 -14.69 1.49 -25.08
CA ALA D 238 -13.31 1.07 -25.43
C ALA D 238 -12.97 1.74 -26.77
N TYR D 239 -13.83 1.59 -27.77
CA TYR D 239 -13.67 2.25 -29.09
C TYR D 239 -13.61 3.76 -28.89
N GLU D 240 -14.44 4.30 -27.98
CA GLU D 240 -14.47 5.76 -27.73
C GLU D 240 -13.09 6.23 -27.24
N VAL D 241 -12.48 5.53 -26.26
CA VAL D 241 -11.14 5.93 -25.73
C VAL D 241 -10.14 5.84 -26.89
N ILE D 242 -10.19 4.79 -27.70
CA ILE D 242 -9.27 4.62 -28.86
C ILE D 242 -9.43 5.82 -29.81
N LYS D 243 -10.66 6.18 -30.17
CA LYS D 243 -10.95 7.38 -31.01
C LYS D 243 -10.38 8.64 -30.32
N LEU D 244 -10.56 8.78 -29.00
CA LEU D 244 -10.26 10.05 -28.29
C LEU D 244 -8.74 10.20 -28.05
N LYS D 245 -8.02 9.16 -27.61
CA LYS D 245 -6.57 9.33 -27.32
C LYS D 245 -5.69 8.48 -28.25
N GLY D 246 -6.27 7.58 -29.05
CA GLY D 246 -5.55 6.78 -30.07
C GLY D 246 -5.32 5.34 -29.66
N TYR D 247 -5.52 5.00 -28.39
CA TYR D 247 -5.22 3.66 -27.80
C TYR D 247 -5.79 3.66 -26.38
N THR D 248 -5.80 2.52 -25.71
CA THR D 248 -6.09 2.41 -24.26
C THR D 248 -4.84 1.84 -23.58
N SER D 249 -4.59 2.24 -22.33
CA SER D 249 -3.38 1.83 -21.57
C SER D 249 -3.67 1.66 -20.07
N TRP D 250 -4.26 2.65 -19.41
CA TRP D 250 -4.33 2.72 -17.92
C TRP D 250 -5.20 1.57 -17.40
N ALA D 251 -6.40 1.37 -17.93
CA ALA D 251 -7.34 0.35 -17.43
C ALA D 251 -6.76 -1.06 -17.65
N ILE D 252 -6.17 -1.33 -18.81
CA ILE D 252 -5.61 -2.68 -19.08
C ILE D 252 -4.39 -2.93 -18.17
N GLY D 253 -3.53 -1.93 -18.01
CA GLY D 253 -2.39 -2.00 -17.08
C GLY D 253 -2.81 -2.40 -15.68
N LEU D 254 -3.85 -1.75 -15.16
CA LEU D 254 -4.41 -2.02 -13.80
C LEU D 254 -5.02 -3.43 -13.75
N SER D 255 -5.76 -3.82 -14.78
CA SER D 255 -6.36 -5.16 -14.93
C SER D 255 -5.28 -6.26 -14.89
N VAL D 256 -4.20 -6.08 -15.62
CA VAL D 256 -3.09 -7.07 -15.71
C VAL D 256 -2.38 -7.16 -14.35
N ALA D 257 -2.14 -6.01 -13.69
CA ALA D 257 -1.54 -5.97 -12.35
C ALA D 257 -2.43 -6.75 -11.36
N ASP D 258 -3.74 -6.72 -11.54
CA ASP D 258 -4.74 -7.44 -10.71
C ASP D 258 -4.56 -8.96 -10.88
N LEU D 259 -4.44 -9.44 -12.12
CA LEU D 259 -4.20 -10.87 -12.43
C LEU D 259 -2.83 -11.28 -11.87
N ALA D 260 -1.81 -10.47 -12.11
CA ALA D 260 -0.43 -10.71 -11.63
C ALA D 260 -0.45 -10.85 -10.11
N GLU D 261 -1.20 -9.99 -9.42
CA GLU D 261 -1.30 -10.04 -7.94
C GLU D 261 -1.81 -11.41 -7.52
N SER D 262 -2.89 -11.89 -8.12
CA SER D 262 -3.49 -13.21 -7.78
C SER D 262 -2.47 -14.32 -8.02
N ILE D 263 -1.71 -14.24 -9.11
CA ILE D 263 -0.73 -15.28 -9.49
C ILE D 263 0.48 -15.25 -8.55
N MET D 264 1.09 -14.07 -8.34
CA MET D 264 2.37 -13.94 -7.61
C MET D 264 2.17 -14.23 -6.13
N LYS D 265 1.00 -13.92 -5.57
CA LYS D 265 0.67 -14.08 -4.14
C LYS D 265 -0.17 -15.35 -3.91
N ASN D 266 -0.43 -16.15 -4.94
CA ASN D 266 -1.20 -17.42 -4.82
C ASN D 266 -2.56 -17.16 -4.15
N LEU D 267 -3.29 -16.14 -4.57
CA LEU D 267 -4.51 -15.71 -3.84
C LEU D 267 -5.66 -16.70 -4.05
N ARG D 268 -5.76 -17.34 -5.22
CA ARG D 268 -6.92 -18.18 -5.60
C ARG D 268 -8.19 -17.32 -5.58
N ARG D 269 -8.08 -16.10 -6.10
CA ARG D 269 -9.24 -15.23 -6.45
C ARG D 269 -9.77 -15.71 -7.80
N VAL D 270 -11.02 -15.36 -8.09
CA VAL D 270 -11.72 -15.75 -9.32
C VAL D 270 -11.75 -14.56 -10.26
N HIS D 271 -11.19 -14.73 -11.45
CA HIS D 271 -11.14 -13.69 -12.52
C HIS D 271 -11.69 -14.26 -13.81
N PRO D 272 -12.39 -13.45 -14.63
CA PRO D 272 -12.80 -13.87 -15.96
C PRO D 272 -11.60 -13.75 -16.90
N VAL D 273 -10.85 -14.83 -17.06
CA VAL D 273 -9.68 -14.85 -17.98
C VAL D 273 -9.89 -15.95 -19.04
N SER D 274 -9.10 -15.86 -20.10
CA SER D 274 -9.20 -16.70 -21.32
C SER D 274 -8.42 -18.00 -21.09
N THR D 275 -9.14 -19.12 -21.08
CA THR D 275 -8.58 -20.47 -20.82
C THR D 275 -9.15 -21.45 -21.87
N MET D 276 -8.47 -22.59 -22.04
CA MET D 276 -8.82 -23.64 -23.02
C MET D 276 -10.08 -24.36 -22.54
N ILE D 277 -11.17 -24.18 -23.27
CA ILE D 277 -12.57 -24.43 -22.81
C ILE D 277 -13.20 -25.62 -23.57
N LYS D 278 -12.46 -26.32 -24.43
CA LYS D 278 -12.90 -27.60 -25.06
C LYS D 278 -13.43 -28.54 -23.97
N GLY D 279 -14.65 -29.05 -24.14
CA GLY D 279 -15.29 -29.97 -23.18
C GLY D 279 -16.46 -29.32 -22.45
N LEU D 280 -16.58 -27.99 -22.52
CA LEU D 280 -17.61 -27.22 -21.77
C LEU D 280 -18.56 -26.52 -22.72
N TYR D 281 -19.81 -26.32 -22.26
CA TYR D 281 -20.90 -25.59 -22.97
C TYR D 281 -21.01 -26.13 -24.39
N GLY D 282 -20.74 -27.43 -24.57
CA GLY D 282 -20.82 -28.15 -25.86
C GLY D 282 -19.80 -27.67 -26.87
N ILE D 283 -18.68 -27.09 -26.44
CA ILE D 283 -17.58 -26.67 -27.34
C ILE D 283 -16.67 -27.89 -27.53
N LYS D 284 -16.38 -28.25 -28.78
CA LYS D 284 -15.64 -29.49 -29.14
C LYS D 284 -14.26 -29.14 -29.73
N ASP D 285 -13.96 -27.86 -29.94
CA ASP D 285 -12.69 -27.38 -30.56
C ASP D 285 -11.74 -26.82 -29.50
N ASP D 286 -10.46 -26.74 -29.85
CA ASP D 286 -9.38 -26.11 -29.05
C ASP D 286 -9.47 -24.59 -29.16
N VAL D 287 -10.31 -23.98 -28.33
CA VAL D 287 -10.42 -22.48 -28.27
C VAL D 287 -10.29 -22.00 -26.83
N PHE D 288 -9.82 -20.78 -26.69
CA PHE D 288 -9.70 -20.04 -25.41
C PHE D 288 -10.82 -19.01 -25.33
N LEU D 289 -11.62 -19.09 -24.28
CA LEU D 289 -12.66 -18.06 -23.98
C LEU D 289 -12.62 -17.75 -22.49
N SER D 290 -13.11 -16.57 -22.11
CA SER D 290 -13.14 -16.11 -20.70
C SER D 290 -14.28 -16.80 -19.98
N VAL D 291 -13.92 -17.61 -18.98
CA VAL D 291 -14.85 -18.06 -17.90
C VAL D 291 -14.18 -17.67 -16.58
N PRO D 292 -14.91 -17.66 -15.44
CA PRO D 292 -14.29 -17.35 -14.16
C PRO D 292 -13.31 -18.47 -13.78
N CYS D 293 -12.02 -18.13 -13.62
CA CYS D 293 -10.95 -19.08 -13.21
C CYS D 293 -10.39 -18.71 -11.85
N ILE D 294 -9.97 -19.71 -11.10
CA ILE D 294 -9.20 -19.56 -9.85
C ILE D 294 -7.71 -19.42 -10.21
N LEU D 295 -7.11 -18.27 -9.91
CA LEU D 295 -5.72 -17.91 -10.26
C LEU D 295 -4.85 -18.00 -9.01
N GLY D 296 -3.70 -18.65 -9.12
CA GLY D 296 -2.70 -18.79 -8.05
C GLY D 296 -1.35 -19.03 -8.65
N GLN D 297 -0.43 -19.62 -7.88
CA GLN D 297 1.00 -19.74 -8.24
C GLN D 297 1.22 -20.69 -9.42
N ASN D 298 0.27 -21.55 -9.75
CA ASN D 298 0.38 -22.52 -10.87
C ASN D 298 -0.52 -22.06 -12.02
N GLY D 299 -0.93 -20.79 -12.04
CA GLY D 299 -1.86 -20.24 -13.03
C GLY D 299 -3.28 -20.66 -12.71
N ILE D 300 -4.01 -21.15 -13.71
CA ILE D 300 -5.43 -21.55 -13.59
C ILE D 300 -5.46 -22.96 -13.01
N SER D 301 -5.91 -23.13 -11.76
CA SER D 301 -5.98 -24.44 -11.06
C SER D 301 -7.38 -25.05 -11.25
N ASP D 302 -8.38 -24.21 -11.48
CA ASP D 302 -9.81 -24.57 -11.39
C ASP D 302 -10.60 -23.56 -12.23
N LEU D 303 -11.78 -23.91 -12.69
CA LEU D 303 -12.67 -22.88 -13.26
C LEU D 303 -14.07 -23.08 -12.70
N VAL D 304 -14.82 -21.99 -12.67
CA VAL D 304 -16.20 -21.95 -12.11
C VAL D 304 -17.16 -22.25 -13.25
N LYS D 305 -18.06 -23.21 -13.04
CA LYS D 305 -19.04 -23.63 -14.07
C LYS D 305 -20.25 -22.73 -13.90
N VAL D 306 -20.33 -21.66 -14.68
CA VAL D 306 -21.46 -20.70 -14.63
C VAL D 306 -22.68 -21.36 -15.30
N THR D 307 -23.84 -21.29 -14.67
CA THR D 307 -25.15 -21.69 -15.24
C THR D 307 -25.54 -20.65 -16.29
N LEU D 308 -25.45 -20.99 -17.58
CA LEU D 308 -25.84 -20.05 -18.67
C LEU D 308 -27.23 -20.41 -19.19
N THR D 309 -27.99 -19.42 -19.67
CA THR D 309 -29.19 -19.62 -20.51
C THR D 309 -28.77 -20.29 -21.82
N SER D 310 -29.70 -20.90 -22.54
CA SER D 310 -29.48 -21.52 -23.88
C SER D 310 -28.88 -20.48 -24.82
N GLU D 311 -29.38 -19.23 -24.75
CA GLU D 311 -28.94 -18.08 -25.58
C GLU D 311 -27.47 -17.76 -25.28
N GLU D 312 -27.11 -17.71 -24.00
CA GLU D 312 -25.72 -17.40 -23.53
C GLU D 312 -24.79 -18.52 -24.00
N GLU D 313 -25.21 -19.78 -23.79
CA GLU D 313 -24.48 -21.00 -24.22
C GLU D 313 -24.27 -20.93 -25.74
N ALA D 314 -25.30 -20.51 -26.48
CA ALA D 314 -25.27 -20.44 -27.97
C ALA D 314 -24.22 -19.40 -28.39
N ARG D 315 -24.12 -18.26 -27.69
CA ARG D 315 -23.18 -17.15 -28.03
C ARG D 315 -21.74 -17.64 -27.86
N LEU D 316 -21.45 -18.47 -26.85
CA LEU D 316 -20.08 -19.01 -26.62
C LEU D 316 -19.76 -20.02 -27.73
N LYS D 317 -20.72 -20.89 -28.08
CA LYS D 317 -20.57 -21.91 -29.15
C LYS D 317 -20.24 -21.20 -30.46
N LYS D 318 -20.96 -20.13 -30.77
CA LYS D 318 -20.76 -19.31 -32.00
C LYS D 318 -19.35 -18.70 -31.96
N SER D 319 -18.94 -18.18 -30.79
CA SER D 319 -17.58 -17.59 -30.59
C SER D 319 -16.54 -18.68 -30.84
N ALA D 320 -16.73 -19.87 -30.27
CA ALA D 320 -15.80 -21.01 -30.45
C ALA D 320 -15.71 -21.37 -31.93
N ASP D 321 -16.84 -21.44 -32.64
CA ASP D 321 -16.88 -21.77 -34.09
C ASP D 321 -16.06 -20.73 -34.83
N THR D 322 -16.32 -19.44 -34.59
CA THR D 322 -15.64 -18.31 -35.26
C THR D 322 -14.13 -18.35 -34.98
N LEU D 323 -13.74 -18.65 -33.73
CA LEU D 323 -12.31 -18.66 -33.32
C LEU D 323 -11.60 -19.87 -33.95
N TRP D 324 -12.21 -21.06 -33.93
CA TRP D 324 -11.63 -22.28 -34.57
C TRP D 324 -11.46 -22.03 -36.07
N GLY D 325 -12.45 -21.40 -36.73
CA GLY D 325 -12.41 -21.02 -38.14
C GLY D 325 -11.21 -20.17 -38.47
N ILE D 326 -10.95 -19.11 -37.68
CA ILE D 326 -9.77 -18.21 -37.85
C ILE D 326 -8.52 -19.00 -37.53
N GLN D 327 -8.52 -19.82 -36.48
CA GLN D 327 -7.31 -20.54 -35.98
C GLN D 327 -6.82 -21.53 -37.05
N LYS D 328 -7.72 -22.26 -37.71
CA LYS D 328 -7.30 -23.28 -38.72
C LYS D 328 -6.70 -22.57 -39.95
N GLU D 329 -6.99 -21.29 -40.20
CA GLU D 329 -6.43 -20.48 -41.32
C GLU D 329 -5.07 -19.85 -40.97
N LEU D 330 -4.55 -20.03 -39.76
CA LEU D 330 -3.25 -19.45 -39.33
C LEU D 330 -2.15 -20.48 -39.62
N GLN D 331 -0.94 -19.99 -39.90
CA GLN D 331 0.24 -20.82 -40.23
C GLN D 331 1.27 -20.75 -39.09
N PHE D 332 1.60 -21.91 -38.54
CA PHE D 332 2.76 -22.17 -37.65
C PHE D 332 3.87 -22.80 -38.51
PA NAI E . 5.82 -13.13 25.95
O1A NAI E . 6.42 -13.84 27.12
O2A NAI E . 4.49 -12.51 26.09
O5B NAI E . 5.75 -14.13 24.72
C5B NAI E . 6.84 -15.01 24.44
C4B NAI E . 6.25 -16.30 23.91
O4B NAI E . 7.32 -17.27 23.75
C3B NAI E . 5.18 -16.95 24.81
O3B NAI E . 3.93 -17.06 24.16
C2B NAI E . 5.79 -18.31 25.14
O2B NAI E . 4.82 -19.33 25.25
C1B NAI E . 6.70 -18.52 23.94
N9A NAI E . 7.67 -19.59 24.12
C8A NAI E . 8.35 -19.94 25.26
N7A NAI E . 9.05 -21.04 25.14
C5A NAI E . 8.81 -21.46 23.83
C6A NAI E . 9.25 -22.56 23.09
N6A NAI E . 10.02 -23.52 23.57
N1A NAI E . 8.80 -22.70 21.82
C2A NAI E . 8.00 -21.73 21.34
N3A NAI E . 7.50 -20.65 21.95
C4A NAI E . 7.95 -20.57 23.20
O3 NAI E . 6.86 -12.02 25.46
PN NAI E . 6.72 -10.72 24.52
O1N NAI E . 6.27 -9.53 25.30
O2N NAI E . 5.90 -11.16 23.36
O5D NAI E . 8.24 -10.52 24.10
C5D NAI E . 8.89 -11.63 23.46
C4D NAI E . 10.34 -11.30 23.35
O4D NAI E . 10.50 -10.09 22.58
C3D NAI E . 11.05 -11.00 24.69
O3D NAI E . 12.31 -11.63 24.77
C2D NAI E . 11.27 -9.50 24.62
O2D NAI E . 12.35 -9.06 25.45
C1D NAI E . 11.58 -9.37 23.13
N1N NAI E . 11.65 -7.95 22.63
C2N NAI E . 12.71 -7.56 21.85
C3N NAI E . 12.90 -6.27 21.42
C7N NAI E . 14.06 -5.91 20.55
O7N NAI E . 14.15 -4.73 20.18
N7N NAI E . 14.93 -6.83 20.12
C4N NAI E . 11.87 -5.28 21.76
C5N NAI E . 10.69 -5.79 22.50
C6N NAI E . 10.70 -7.00 23.01
S SO4 F . 16.19 11.25 2.61
O1 SO4 F . 15.87 12.21 3.62
O2 SO4 F . 17.49 11.54 2.05
O3 SO4 F . 15.18 11.29 1.59
O4 SO4 F . 16.21 9.93 3.17
C1 EDO G . 12.55 -5.16 31.12
O1 EDO G . 11.94 -6.34 30.64
C2 EDO G . 13.98 -5.08 30.70
O2 EDO G . 14.85 -4.85 31.79
C1 EDO H . -5.65 -20.33 5.64
O1 EDO H . -5.37 -19.17 6.41
C2 EDO H . -6.10 -21.51 6.42
O2 EDO H . -5.04 -22.43 6.64
C1 EDO I . 28.43 -21.41 13.68
O1 EDO I . 28.39 -21.49 12.27
C2 EDO I . 29.78 -21.54 14.28
O2 EDO I . 29.77 -22.15 15.56
C1 EDO J . 13.67 14.95 24.09
O1 EDO J . 14.36 15.50 22.98
C2 EDO J . 13.94 15.66 25.37
O2 EDO J . 15.28 16.10 25.47
C1 EDO K . -3.21 -6.58 2.48
O1 EDO K . -4.51 -6.62 1.93
C2 EDO K . -3.11 -5.89 3.79
O2 EDO K . -3.91 -4.69 3.96
C1 EDO L . -4.92 -27.27 19.84
O1 EDO L . -3.84 -28.05 19.36
C2 EDO L . -5.28 -27.60 21.25
O2 EDO L . -6.18 -26.64 21.80
C1 GOL M . 11.64 -31.42 5.60
O1 GOL M . 12.65 -30.97 4.69
C2 GOL M . 11.96 -32.80 6.17
O2 GOL M . 13.35 -32.96 6.38
C3 GOL M . 11.21 -33.07 7.46
O3 GOL M . 11.14 -34.46 7.77
C1 PEG N . 30.32 -25.44 22.27
O1 PEG N . 31.66 -25.31 21.84
C2 PEG N . 30.17 -26.43 23.39
O2 PEG N . 29.95 -25.75 24.62
C3 PEG N . 29.54 -26.63 25.66
C4 PEG N . 29.36 -25.87 26.95
O4 PEG N . 28.32 -26.40 27.76
C1 EDO O . 17.68 3.35 9.32
O1 EDO O . 17.43 1.97 9.20
C2 EDO O . 17.99 3.79 10.71
O2 EDO O . 16.83 3.96 11.49
C1 EDO P . 27.63 13.87 6.58
O1 EDO P . 26.70 14.70 5.92
C2 EDO P . 27.03 13.12 7.72
O2 EDO P . 26.54 13.93 8.78
C1 EDO Q . -15.50 -32.15 -1.07
O1 EDO Q . -16.77 -31.57 -0.83
C2 EDO Q . -15.34 -32.55 -2.49
O2 EDO Q . -13.97 -32.73 -2.83
C1 EDO R . 13.39 -12.22 27.88
O1 EDO R . 12.80 -13.46 28.27
C2 EDO R . 12.51 -11.02 28.05
O2 EDO R . 12.07 -10.77 29.38
C1 EDO S . 30.39 -18.47 7.64
O1 EDO S . 30.65 -17.08 7.63
C2 EDO S . 30.34 -19.06 9.02
O2 EDO S . 29.84 -18.19 10.02
C1 EDO T . 26.31 -27.27 14.28
O1 EDO T . 27.06 -27.04 15.46
C2 EDO T . 27.16 -27.55 13.11
O2 EDO T . 26.62 -28.54 12.25
C1 PEG U . 25.40 9.75 25.16
O1 PEG U . 24.37 8.89 25.68
C2 PEG U . 26.59 8.98 24.60
O2 PEG U . 27.31 9.78 23.65
C3 PEG U . 28.65 9.36 23.43
C4 PEG U . 28.74 8.21 22.46
O4 PEG U . 28.57 8.61 21.09
C1 EDO V . 14.30 -25.69 2.17
O1 EDO V . 14.80 -25.37 0.89
C2 EDO V . 13.84 -24.49 2.94
O2 EDO V . 14.85 -23.75 3.62
C1 EDO W . 12.51 -14.62 -1.35
O1 EDO W . 11.17 -14.65 -0.89
C2 EDO W . 13.49 -13.99 -0.44
O2 EDO W . 14.14 -14.92 0.42
C10 YOJ X . 16.84 -5.58 27.71
C10 YOJ X . 16.63 -5.47 27.68
C13 YOJ X . 16.03 -2.25 27.33
C13 YOJ X . 15.91 -2.17 27.36
C15 YOJ X . 14.56 -1.84 27.40
C15 YOJ X . 14.44 -1.76 27.46
C17 YOJ X . 13.75 -5.03 26.17
C17 YOJ X . 13.62 -4.96 26.02
C20 YOJ X . 12.48 -2.52 23.79
C20 YOJ X . 12.40 -2.49 23.64
C26 YOJ X . 16.15 -6.75 28.05
C26 YOJ X . 15.94 -6.67 27.96
C28 YOJ X . 15.68 -8.89 29.10
C28 YOJ X . 15.43 -8.77 29.10
N01 YOJ X . 23.52 -6.58 24.02
N01 YOJ X . 23.55 -6.71 24.38
S02 YOJ X . 22.84 -7.76 25.03
S02 YOJ X . 22.56 -7.66 25.38
O03 YOJ X . 23.92 -8.34 25.83
O03 YOJ X . 23.28 -8.19 26.51
O04 YOJ X . 22.37 -8.86 24.18
O04 YOJ X . 22.09 -8.83 24.61
C05 YOJ X . 21.52 -6.98 26.00
C05 YOJ X . 21.19 -6.83 26.18
C06 YOJ X . 21.65 -6.71 27.35
C06 YOJ X . 21.31 -6.57 27.52
C07 YOJ X . 20.58 -6.10 28.02
C07 YOJ X . 20.26 -5.94 28.17
C08 YOJ X . 19.42 -5.77 27.33
C08 YOJ X . 19.16 -5.60 27.43
C09 YOJ X . 18.28 -5.10 28.11
C09 YOJ X . 18.01 -4.90 28.13
C11 YOJ X . 15.96 -4.81 26.95
C11 YOJ X . 15.78 -4.72 26.91
C12 YOJ X . 16.32 -3.41 26.35
C12 YOJ X . 16.17 -3.30 26.36
C14 YOJ X . 15.59 -0.92 26.72
C14 YOJ X . 15.44 -0.82 26.78
N16 YOJ X . 14.83 -5.50 26.81
N16 YOJ X . 14.68 -5.43 26.67
N18 YOJ X . 13.74 -4.04 25.27
N18 YOJ X . 13.63 -3.98 25.12
C19 YOJ X . 12.56 -3.65 24.81
C19 YOJ X . 12.46 -3.59 24.69
O21 YOJ X . 13.55 -1.99 23.38
O21 YOJ X . 13.47 -1.95 23.25
O22 YOJ X . 11.35 -2.13 23.37
O22 YOJ X . 11.27 -2.09 23.21
C23 YOJ X . 11.45 -4.29 25.33
C23 YOJ X . 11.35 -4.21 25.23
S24 YOJ X . 12.08 -5.44 26.48
S24 YOJ X . 11.96 -5.35 26.38
N25 YOJ X . 14.93 -6.66 27.50
N25 YOJ X . 14.76 -6.60 27.36
C27 YOJ X . 16.58 -7.86 28.84
C27 YOJ X . 16.36 -7.81 28.70
C29 YOJ X . 16.08 -9.98 29.85
C29 YOJ X . 15.85 -9.89 29.82
C30 YOJ X . 17.37 -10.06 30.37
C30 YOJ X . 17.19 -10.05 30.14
F31 YOJ X . 17.75 -11.14 31.11
F31 YOJ X . 17.61 -11.15 30.83
C32 YOJ X . 18.30 -9.04 30.14
C32 YOJ X . 18.12 -9.10 29.75
C33 YOJ X . 19.64 -9.15 30.65
C33 YOJ X . 19.50 -9.24 30.05
C34 YOJ X . 20.35 -10.34 30.51
C34 YOJ X . 20.10 -10.49 30.09
C35 YOJ X . 21.66 -10.46 30.99
C35 YOJ X . 21.46 -10.60 30.39
C36 YOJ X . 22.29 -9.39 31.64
C36 YOJ X . 22.21 -9.46 30.65
O37 YOJ X . 23.64 -9.53 32.11
O37 YOJ X . 23.59 -9.61 30.93
C38 YOJ X . 23.83 -9.64 33.52
C38 YOJ X . 23.94 -9.45 32.29
N39 YOJ X . 22.89 -9.90 34.42
N39 YOJ X . 24.12 -8.30 32.93
N40 YOJ X . 23.44 -9.93 35.67
N40 YOJ X . 24.48 -8.61 34.22
N41 YOJ X . 24.78 -9.67 35.52
N41 YOJ X . 24.53 -9.98 34.34
C42 YOJ X . 25.04 -9.50 34.23
C42 YOJ X . 24.20 -10.50 33.15
C43 YOJ X . 26.45 -9.16 33.69
C43 YOJ X . 24.12 -11.99 32.79
O44 YOJ X . 26.69 -8.02 33.21
O44 YOJ X . 23.94 -12.85 33.68
O45 YOJ X . 27.39 -10.00 33.76
O45 YOJ X . 24.20 -12.37 31.60
C46 YOJ X . 21.59 -8.19 31.79
C46 YOJ X . 21.63 -8.20 30.61
C47 YOJ X . 20.27 -8.07 31.30
C47 YOJ X . 20.27 -8.09 30.31
C48 YOJ X . 17.89 -7.94 29.36
C48 YOJ X . 17.70 -7.97 29.02
C49 YOJ X . 19.31 -6.03 25.98
C49 YOJ X . 19.06 -5.86 26.08
C50 YOJ X . 20.37 -6.64 25.33
C50 YOJ X . 20.09 -6.49 25.45
F51 YOJ X . 20.32 -6.91 24.01
F51 YOJ X . 20.05 -6.76 24.14
C1 EDO Y . 13.68 3.14 6.41
O1 EDO Y . 13.75 4.56 6.40
C2 EDO Y . 13.66 2.52 7.76
O2 EDO Y . 14.71 1.59 7.98
C1 EDO Z . 0.00 -29.86 16.28
O1 EDO Z . 1.15 -29.50 15.50
C2 EDO Z . -0.92 -28.72 16.62
O2 EDO Z . -0.74 -28.15 17.94
S SO4 AA . 27.05 27.04 17.94
O1 SO4 AA . 27.37 28.01 18.97
O2 SO4 AA . 25.70 26.58 18.13
O3 SO4 AA . 27.18 27.63 16.63
O4 SO4 AA . 27.97 25.93 18.06
C1 EDO BA . 1.29 -3.40 34.36
O1 EDO BA . 1.61 -2.03 34.37
C2 EDO BA . 0.09 -3.68 33.52
O2 EDO BA . 0.09 -5.00 32.99
C1 EDO CA . 8.22 14.98 13.82
O1 EDO CA . 7.29 16.06 13.99
C2 EDO CA . 7.85 13.70 14.51
O2 EDO CA . 8.89 13.03 15.26
C1 EDO DA . -2.11 -8.24 24.73
O1 EDO DA . -1.42 -7.85 23.55
C2 EDO DA . -3.49 -7.68 24.81
O2 EDO DA . -4.09 -7.87 26.08
S SO4 EA . 17.99 6.08 6.28
O1 SO4 EA . 17.08 6.89 5.52
O2 SO4 EA . 18.62 6.90 7.30
O3 SO4 EA . 18.97 5.50 5.38
O4 SO4 EA . 17.29 5.00 6.91
C1 PEG FA . 0.29 -2.83 1.85
O1 PEG FA . -0.65 -3.65 1.18
C2 PEG FA . 1.28 -2.19 0.93
O2 PEG FA . 1.63 -3.10 -0.11
C3 PEG FA . 2.57 -2.56 -1.04
C4 PEG FA . 1.85 -1.74 -2.08
O4 PEG FA . 2.55 -0.56 -2.41
C1 EDO GA . -35.66 -6.99 30.68
O1 EDO GA . -35.81 -7.63 29.43
C2 EDO GA . -35.10 -7.87 31.73
O2 EDO GA . -33.83 -8.40 31.39
S SO4 HA . -29.07 -12.67 32.92
O1 SO4 HA . -30.04 -11.90 33.68
O2 SO4 HA . -27.75 -12.15 33.14
O3 SO4 HA . -29.43 -12.57 31.53
O4 SO4 HA . -29.09 -14.05 33.33
S SO4 IA . -21.61 -2.28 39.12
O1 SO4 IA . -21.84 -2.26 40.53
O2 SO4 IA . -21.47 -0.91 38.65
O3 SO4 IA . -22.71 -2.88 38.42
O4 SO4 IA . -20.40 -3.03 38.85
PA NAI JA . -10.95 -4.35 27.03
O1A NAI JA . -11.77 -4.48 28.28
O2A NAI JA . -9.62 -5.01 26.86
O5B NAI JA . -10.68 -2.79 26.79
C5B NAI JA . -11.75 -1.82 26.69
C4B NAI JA . -11.14 -0.48 27.02
O4B NAI JA . -12.23 0.45 27.31
C3B NAI JA . -10.23 -0.44 28.27
O3B NAI JA . -8.90 0.05 28.06
C2B NAI JA . -11.00 0.46 29.24
O2B NAI JA . -10.17 1.18 30.13
C1B NAI JA . -11.71 1.36 28.24
N9A NAI JA . -12.72 2.21 28.83
C8A NAI JA . -13.57 1.90 29.86
N7A NAI JA . -14.31 2.90 30.25
C5A NAI JA . -13.91 3.96 29.45
C6A NAI JA . -14.30 5.31 29.35
N6A NAI JA . -15.22 5.88 30.14
N1A NAI JA . -13.70 6.09 28.43
C2A NAI JA . -12.77 5.53 27.65
N3A NAI JA . -12.32 4.28 27.64
C4A NAI JA . -12.93 3.54 28.57
O3 NAI JA . -11.88 -4.86 25.81
PN NAI JA . -11.54 -5.44 24.35
O1N NAI JA . -11.21 -6.91 24.32
O2N NAI JA . -10.55 -4.44 23.80
O5D NAI JA . -12.97 -5.26 23.66
C5D NAI JA . -13.47 -3.91 23.73
C4D NAI JA . -14.91 -3.94 23.30
O4D NAI JA . -14.92 -4.43 21.93
C3D NAI JA . -15.83 -4.89 24.09
O3D NAI JA . -17.06 -4.23 24.41
C2D NAI JA . -16.03 -6.07 23.13
O2D NAI JA . -17.25 -6.76 23.30
C1D NAI JA . -16.03 -5.29 21.82
N1N NAI JA . -15.87 -6.12 20.60
C2N NAI JA . -16.74 -5.95 19.56
C3N NAI JA . -16.69 -6.71 18.44
C7N NAI JA . -17.61 -6.39 17.35
O7N NAI JA . -17.68 -7.18 16.40
N7N NAI JA . -18.35 -5.29 17.43
C4N NAI JA . -15.73 -7.84 18.39
C5N NAI JA . -14.94 -8.02 19.62
C6N NAI JA . -14.88 -7.08 20.52
C1 EDO KA . 2.54 3.71 6.19
O1 EDO KA . 3.96 3.66 6.27
C2 EDO KA . 1.91 2.45 6.60
O2 EDO KA . 2.55 1.30 6.06
C1 EDO LA . -3.45 5.17 35.49
O1 EDO LA . -2.87 4.03 34.87
C2 EDO LA . -4.82 4.91 36.02
O2 EDO LA . -5.80 5.86 35.61
C1 EDO MA . -12.31 12.78 4.80
O1 EDO MA . -11.41 13.63 5.48
C2 EDO MA . -13.74 13.11 5.06
O2 EDO MA . -14.37 12.26 6.01
S SO4 NA . -18.23 -7.82 -1.75
O1 SO4 NA . -17.52 -7.46 -0.54
O2 SO4 NA . -19.04 -6.70 -2.15
O3 SO4 NA . -19.04 -8.99 -1.50
O4 SO4 NA . -17.29 -8.12 -2.80
C1 EDO OA . -0.38 12.93 25.74
O1 EDO OA . 0.55 12.61 26.78
C2 EDO OA . 0.14 13.74 24.58
O2 EDO OA . -0.65 13.66 23.38
C1 EDO PA . -35.04 4.79 25.54
O1 EDO PA . -36.05 3.92 25.03
C2 EDO PA . -34.80 4.54 26.96
O2 EDO PA . -33.89 5.45 27.52
C1 EDO QA . -16.70 -23.14 21.16
O1 EDO QA . -18.11 -23.04 21.24
C2 EDO QA . -16.20 -24.34 20.45
O2 EDO QA . -15.62 -25.29 21.33
C1 PEG RA . -22.79 -13.27 26.82
O1 PEG RA . -22.33 -12.43 27.87
C2 PEG RA . -22.00 -13.14 25.55
O2 PEG RA . -20.64 -13.57 25.75
C3 PEG RA . -19.69 -12.87 24.95
C4 PEG RA . -18.31 -13.23 25.36
O4 PEG RA . -17.55 -12.10 25.81
C1 EDO SA . -23.54 9.72 -6.12
O1 EDO SA . -23.63 10.30 -4.82
C2 EDO SA . -22.23 9.93 -6.79
O2 EDO SA . -21.37 8.82 -6.69
C1 EDO TA . -38.37 -4.58 1.53
O1 EDO TA . -37.84 -5.55 0.62
C2 EDO TA . -37.33 -3.67 2.06
O2 EDO TA . -37.65 -3.10 3.32
C1 EDO UA . -35.46 -27.77 7.75
O1 EDO UA . -35.54 -28.60 6.62
C2 EDO UA . -35.30 -26.34 7.41
O2 EDO UA . -34.28 -25.69 8.16
C1 EDO VA . -25.93 16.08 8.44
O1 EDO VA . -24.97 15.05 8.09
C2 EDO VA . -25.43 17.22 9.27
O2 EDO VA . -26.10 17.36 10.52
C1 EDO WA . -4.34 -6.47 19.46
O1 EDO WA . -4.33 -5.21 20.13
C2 EDO WA . -4.12 -7.64 20.33
O2 EDO WA . -3.29 -7.35 21.47
C1 EDO XA . -33.86 13.88 27.92
O1 EDO XA . -33.86 13.95 29.34
C2 EDO XA . -35.00 13.08 27.37
O2 EDO XA . -35.12 11.77 27.90
S SO4 YA . -27.69 10.38 34.11
O1 SO4 YA . -26.59 11.04 33.47
O2 SO4 YA . -28.29 11.28 35.06
O3 SO4 YA . -27.23 9.24 34.84
O4 SO4 YA . -28.69 10.00 33.13
C1 EDO ZA . 2.24 9.66 33.47
O1 EDO ZA . 3.57 9.25 33.26
C2 EDO ZA . 1.30 8.52 33.59
O2 EDO ZA . 0.16 8.67 32.78
C1 EDO AB . -44.11 0.73 23.35
O1 EDO AB . -42.92 1.47 23.58
C2 EDO AB . -44.07 -0.61 23.96
O2 EDO AB . -43.88 -1.64 23.00
C10 YOJ BB . -21.71 -10.80 22.29
C13 YOJ BB . -20.65 -13.38 20.39
C15 YOJ BB . -19.28 -13.98 20.10
C17 YOJ BB . -18.37 -10.43 21.21
C20 YOJ BB . -16.38 -11.23 18.26
C26 YOJ BB . -21.16 -9.93 23.27
C28 YOJ BB . -20.85 -8.87 25.37
N01 YOJ BB . -27.72 -7.45 18.77
S02 YOJ BB . -27.19 -7.16 20.31
O03 YOJ BB . -28.25 -7.20 21.34
O04 YOJ BB . -26.62 -5.81 20.60
C05 YOJ BB . -25.99 -8.41 20.81
C06 YOJ BB . -26.42 -9.41 21.68
C07 YOJ BB . -25.47 -10.36 22.08
C08 YOJ BB . -24.14 -10.32 21.63
C09 YOJ BB . -23.15 -11.40 22.12
C11 YOJ BB . -20.68 -11.03 21.38
C12 YOJ BB . -20.84 -11.89 20.11
C14 YOJ BB . -20.43 -14.19 19.12
N16 YOJ BB . -19.59 -10.36 21.77
N18 YOJ BB . -18.06 -10.73 19.95
C19 YOJ BB . -16.80 -10.88 19.66
O21 YOJ BB . -17.26 -11.52 17.41
O22 YOJ BB . -15.14 -11.27 18.04
C23 YOJ BB . -15.87 -10.72 20.68
S24 YOJ BB . -16.85 -10.39 22.06
N25 YOJ BB . -19.88 -9.72 22.96
C27 YOJ BB . -21.72 -9.36 24.43
C29 YOJ BB . -21.36 -8.32 26.54
C30 YOJ BB . -22.73 -8.23 26.76
F31 YOJ BB . -23.17 -7.69 27.92
C32 YOJ BB . -23.62 -8.71 25.84
C33 YOJ BB . -25.02 -8.64 26.05
C34 YOJ BB . -25.64 -7.99 27.12
C35 YOJ BB . -27.02 -7.95 27.25
C36 YOJ BB . -27.82 -8.57 26.28
O37 YOJ BB . -29.23 -8.60 26.29
C38 YOJ BB . -29.84 -8.37 27.52
N39 YOJ BB . -29.75 -7.28 28.28
N40 YOJ BB . -30.52 -7.50 29.36
N41 YOJ BB . -31.08 -8.74 29.24
C42 YOJ BB . -30.69 -9.28 28.11
C43 YOJ BB . -31.10 -10.65 27.52
O44 YOJ BB . -30.24 -11.48 27.10
O45 YOJ BB . -32.35 -10.91 27.41
C46 YOJ BB . -27.23 -9.19 25.22
C47 YOJ BB . -25.85 -9.22 25.12
C48 YOJ BB . -23.09 -9.28 24.68
C49 YOJ BB . -23.74 -9.30 20.77
C50 YOJ BB . -24.68 -8.34 20.35
F51 YOJ BB . -24.28 -7.36 19.49
C1 PEG CB . -45.40 -13.39 -0.04
O1 PEG CB . -46.77 -13.05 0.04
C2 PEG CB . -45.08 -14.76 0.51
O2 PEG CB . -43.68 -15.00 0.41
C3 PEG CB . -43.34 -16.38 0.34
C4 PEG CB . -41.85 -16.56 0.60
O4 PEG CB . -41.40 -15.86 1.75
C1 EDO DB . -13.04 1.28 34.15
O1 EDO DB . -11.99 0.82 33.30
C2 EDO DB . -14.42 1.17 33.52
O2 EDO DB . -15.00 2.42 33.16
C1 EDO EB . -14.56 -2.71 33.75
O1 EDO EB . -14.44 -1.47 34.37
C2 EDO EB . -14.17 -3.83 34.65
O2 EDO EB . -12.84 -4.30 34.44
C1 GOL FB . -18.15 -6.17 3.64
O1 GOL FB . -18.86 -6.26 2.42
C2 GOL FB . -17.72 -7.55 4.09
O2 GOL FB . -17.47 -7.64 5.51
C3 GOL FB . -18.76 -8.56 3.70
O3 GOL FB . -18.13 -9.79 3.42
C1 EDO GB . -16.40 -25.02 6.96
O1 EDO GB . -15.25 -24.16 6.88
C2 EDO GB . -16.97 -25.26 8.30
O2 EDO GB . -17.82 -26.40 8.37
C1 EDO HB . -13.95 -6.81 1.21
O1 EDO HB . -13.98 -6.79 -0.22
C2 EDO HB . -14.18 -5.47 1.81
O2 EDO HB . -15.31 -5.38 2.68
C1 PEG IB . -7.00 23.59 3.25
O1 PEG IB . -8.35 23.59 3.67
C2 PEG IB . -6.04 23.16 4.33
O2 PEG IB . -4.93 22.50 3.73
C3 PEG IB . -5.07 21.08 3.68
C4 PEG IB . -4.28 20.47 2.55
O4 PEG IB . -4.05 19.07 2.72
C1 EDO JB . -11.00 19.42 7.44
O1 EDO JB . -11.49 19.34 6.12
C2 EDO JB . -12.05 19.79 8.43
O2 EDO JB . -11.69 19.45 9.77
C1 EDO KB . 17.91 34.19 10.53
O1 EDO KB . 17.87 33.17 9.51
C2 EDO KB . 18.03 33.69 11.94
O2 EDO KB . 19.15 32.84 12.20
S SO4 LB . 20.22 44.57 -18.45
O1 SO4 LB . 19.02 44.07 -17.83
O2 SO4 LB . 20.46 45.88 -17.94
O3 SO4 LB . 20.05 44.62 -19.88
O4 SO4 LB . 21.36 43.73 -18.18
C1 EDO MB . -3.16 31.75 3.24
O1 EDO MB . -2.42 32.75 2.55
C2 EDO MB . -2.32 30.90 4.09
O2 EDO MB . -1.22 30.41 3.39
PA NAI NB . 3.32 17.65 -23.57
O1A NAI NB . 3.54 18.68 -24.62
O2A NAI NB . 3.15 16.20 -23.92
O5B NAI NB . 2.09 18.09 -22.65
C5B NAI NB . 1.83 19.41 -22.10
C4B NAI NB . 0.33 19.58 -22.07
O4B NAI NB . -0.02 20.94 -21.72
C3B NAI NB . -0.38 19.27 -23.41
O3B NAI NB . -1.30 18.20 -23.32
C2B NAI NB . -1.05 20.60 -23.77
O2B NAI NB . -2.26 20.43 -24.47
C1B NAI NB . -1.25 21.20 -22.37
N9A NAI NB . -1.57 22.63 -22.36
C8A NAI NB . -0.99 23.62 -23.11
N7A NAI NB . -1.54 24.80 -22.91
C5A NAI NB . -2.55 24.57 -22.00
C6A NAI NB . -3.51 25.41 -21.40
N6A NAI NB . -3.61 26.69 -21.67
N1A NAI NB . -4.40 24.85 -20.53
C2A NAI NB . -4.29 23.54 -20.29
N3A NAI NB . -3.44 22.66 -20.79
C4A NAI NB . -2.58 23.22 -21.65
O3 NAI NB . 4.52 17.69 -22.49
PN NAI NB . 4.99 16.64 -21.36
O1N NAI NB . 5.91 15.64 -21.97
O2N NAI NB . 3.79 16.15 -20.59
O5D NAI NB . 5.82 17.66 -20.44
C5D NAI NB . 5.02 18.69 -19.81
C4D NAI NB . 5.93 19.65 -19.08
O4D NAI NB . 6.62 18.97 -17.99
C3D NAI NB . 7.04 20.28 -19.94
O3D NAI NB . 7.20 21.64 -19.58
C2D NAI NB . 8.27 19.46 -19.53
O2D NAI NB . 9.51 20.12 -19.77
C1D NAI NB . 7.98 19.34 -18.04
N1N NAI NB . 8.82 18.35 -17.33
C2N NAI NB . 9.36 18.74 -16.12
C3N NAI NB . 10.19 17.95 -15.39
C7N NAI NB . 10.70 18.49 -14.10
O7N NAI NB . 11.66 17.91 -13.54
N7N NAI NB . 10.14 19.58 -13.58
C4N NAI NB . 10.50 16.60 -15.92
C5N NAI NB . 9.89 16.27 -17.23
C6N NAI NB . 9.12 17.13 -17.87
C1 EDO OB . -16.00 8.10 -11.34
O1 EDO OB . -14.61 8.30 -11.33
C2 EDO OB . -16.68 8.79 -12.48
O2 EDO OB . -16.81 10.19 -12.28
C1 EDO PB . 27.73 7.12 -13.01
O1 EDO PB . 28.18 6.37 -11.90
C2 EDO PB . 28.63 7.03 -14.20
O2 EDO PB . 29.95 6.60 -13.89
C1 EDO QB . -4.82 2.00 -5.18
O1 EDO QB . -5.98 1.40 -4.64
C2 EDO QB . -4.10 1.11 -6.09
O2 EDO QB . -3.54 0.05 -5.36
C1 EDO RB . 14.46 13.68 -1.14
O1 EDO RB . 13.64 13.27 -2.24
C2 EDO RB . 15.90 13.65 -1.51
O2 EDO RB . 16.18 12.96 -2.72
C1 EDO SB . 7.64 19.47 -23.78
O1 EDO SB . 6.28 19.83 -24.11
C2 EDO SB . 8.14 18.22 -24.45
O2 EDO SB . 7.72 16.98 -23.89
C1 EDO TB . 5.62 36.52 1.27
O1 EDO TB . 5.32 35.55 2.25
C2 EDO TB . 4.56 36.62 0.24
O2 EDO TB . 5.05 36.31 -1.06
C1 EDO UB . 41.46 8.87 -14.67
O1 EDO UB . 41.52 7.49 -14.98
C2 EDO UB . 41.70 9.18 -13.24
O2 EDO UB . 41.84 10.58 -13.00
C1 EDO VB . 22.93 29.31 -15.25
O1 EDO VB . 22.29 29.23 -16.52
C2 EDO VB . 24.41 29.43 -15.32
O2 EDO VB . 25.07 28.70 -14.31
C1 EDO WB . 30.34 20.14 -11.08
O1 EDO WB . 29.19 19.56 -11.65
C2 EDO WB . 30.81 19.47 -9.82
O2 EDO WB . 30.55 20.23 -8.65
C1 EDO XB . 39.51 20.78 -8.66
O1 EDO XB . 40.59 19.87 -8.83
C2 EDO XB . 38.64 20.92 -9.86
O2 EDO XB . 37.25 20.92 -9.56
C1 EDO YB . 34.88 27.39 1.52
O1 EDO YB . 35.22 27.48 0.15
C2 EDO YB . 34.81 28.72 2.19
O2 EDO YB . 33.49 29.15 2.47
C1 EDO ZB . 25.29 4.10 -21.25
O1 EDO ZB . 24.85 4.80 -22.41
C2 EDO ZB . 24.74 4.67 -19.99
O2 EDO ZB . 23.61 5.51 -20.18
C1 EDO AC . 22.32 16.12 -26.32
O1 EDO AC . 21.35 17.16 -26.25
C2 EDO AC . 23.58 16.42 -25.60
O2 EDO AC . 23.47 16.20 -24.21
C1 EDO BC . 19.30 44.82 -11.89
O1 EDO BC . 18.69 44.30 -13.05
C2 EDO BC . 18.26 45.49 -11.08
O2 EDO BC . 16.97 45.39 -11.68
C1 GOL CC . 12.35 9.23 1.43
O1 GOL CC . 11.33 9.35 2.43
C2 GOL CC . 11.84 9.63 0.05
O2 GOL CC . 11.82 8.49 -0.81
C3 GOL CC . 12.62 10.75 -0.60
O3 GOL CC . 11.77 11.85 -0.97
C1 GOL DC . 23.20 11.02 -25.67
O1 GOL DC . 23.68 10.47 -24.46
C2 GOL DC . 22.54 12.38 -25.50
O2 GOL DC . 22.55 13.12 -26.72
C3 GOL DC . 23.17 13.23 -24.43
O3 GOL DC . 23.56 12.46 -23.29
C10 YOJ EC . 15.27 21.91 -19.46
C13 YOJ EC . 17.00 18.98 -19.05
C15 YOJ EC . 16.84 17.48 -18.92
C17 YOJ EC . 13.48 18.93 -19.05
C20 YOJ EC . 13.77 15.84 -16.95
C26 YOJ EC . 14.08 22.20 -20.16
C28 YOJ EC . 12.47 23.31 -21.56
N01 YOJ EC . 16.52 27.07 -13.80
S02 YOJ EC . 15.61 27.29 -15.22
O03 YOJ EC . 15.86 28.51 -15.96
O04 YOJ EC . 14.19 27.47 -14.85
C05 YOJ EC . 15.93 25.98 -16.40
C06 YOJ EC . 16.72 26.20 -17.51
C07 YOJ EC . 16.90 25.15 -18.43
C08 YOJ EC . 16.29 23.90 -18.22
C09 YOJ EC . 16.56 22.78 -19.25
C11 YOJ EC . 15.12 20.65 -18.97
C12 YOJ EC . 16.19 19.89 -18.12
C14 YOJ EC . 18.05 18.17 -18.29
N16 YOJ EC . 13.92 20.19 -19.30
N18 YOJ EC . 13.85 18.11 -18.04
C19 YOJ EC . 13.40 16.86 -18.04
O21 YOJ EC . 14.56 16.12 -16.00
O22 YOJ EC . 13.32 14.67 -17.03
C23 YOJ EC . 12.59 16.56 -19.15
S24 YOJ EC . 12.51 18.00 -20.13
N25 YOJ EC . 13.30 21.14 -20.05
C27 YOJ EC . 13.66 23.36 -20.87
C29 YOJ EC . 12.02 24.42 -22.26
C30 YOJ EC . 12.78 25.59 -22.24
F31 YOJ EC . 12.30 26.66 -22.93
C32 YOJ EC . 13.98 25.66 -21.54
C33 YOJ EC . 14.79 26.83 -21.49
C34 YOJ EC . 14.28 28.07 -21.10
C35 YOJ EC . 15.10 29.22 -21.05
C36 YOJ EC . 16.45 29.11 -21.40
O37 YOJ EC . 17.29 30.26 -21.37
C38 YOJ EC . 17.88 30.47 -22.63
N39 YOJ EC . 18.51 29.60 -23.41
N40 YOJ EC . 18.90 30.22 -24.57
N41 YOJ EC . 18.49 31.53 -24.48
C42 YOJ EC . 17.88 31.68 -23.31
C43 YOJ EC . 17.26 32.95 -22.77
O44 YOJ EC . 16.02 32.98 -22.56
O45 YOJ EC . 18.03 33.93 -22.53
C46 YOJ EC . 16.95 27.85 -21.79
C47 YOJ EC . 16.13 26.73 -21.84
C48 YOJ EC . 14.41 24.54 -20.86
C49 YOJ EC . 15.49 23.69 -17.09
C50 YOJ EC . 15.31 24.75 -16.18
F51 YOJ EC . 14.53 24.65 -15.09
C1 EDO FC . 23.01 12.21 -30.13
O1 EDO FC . 23.75 11.32 -29.29
C2 EDO FC . 23.65 13.55 -30.24
O2 EDO FC . 22.96 14.60 -29.59
C1 GOL GC . 13.95 19.36 -24.88
O1 GOL GC . 12.75 19.18 -24.15
C2 GOL GC . 15.15 18.81 -24.11
O2 GOL GC . 16.21 18.49 -25.01
C3 GOL GC . 15.61 19.72 -22.99
O3 GOL GC . 15.90 21.04 -23.46
S SO4 HC . -15.69 -10.00 -7.20
O1 SO4 HC . -15.68 -9.03 -6.15
O2 SO4 HC . -16.95 -9.87 -7.92
O3 SO4 HC . -15.53 -11.30 -6.65
O4 SO4 HC . -14.61 -9.76 -8.13
C1 EDO IC . 19.37 -2.68 -5.10
O1 EDO IC . 18.71 -1.59 -5.78
C2 EDO IC . 20.81 -2.41 -4.75
O2 EDO IC . 21.74 -2.17 -5.82
C1 EDO JC . -26.83 -14.37 -8.04
O1 EDO JC . -27.46 -13.22 -8.60
C2 EDO JC . -26.99 -14.52 -6.56
O2 EDO JC . -27.32 -13.31 -5.90
C1 EDO KC . -25.18 4.20 -20.62
O1 EDO KC . -26.52 3.73 -20.75
C2 EDO KC . -24.73 4.23 -19.21
O2 EDO KC . -24.65 2.95 -18.62
C1 EDO LC . 17.71 -1.98 -24.05
O1 EDO LC . 17.99 -1.63 -25.43
C2 EDO LC . 18.81 -2.62 -23.28
O2 EDO LC . 19.34 -1.81 -22.24
C1 EDO MC . 20.64 -6.31 -25.30
O1 EDO MC . 20.03 -5.95 -26.54
C2 EDO MC . 20.75 -7.77 -25.12
O2 EDO MC . 19.79 -8.30 -24.23
C1 EDO NC . 4.56 -3.41 -36.61
O1 EDO NC . 4.50 -2.13 -37.23
C2 EDO NC . 5.75 -4.23 -36.92
O2 EDO NC . 5.78 -5.46 -36.19
C1 EDO OC . 5.58 6.05 -30.50
O1 EDO OC . 6.61 5.13 -30.21
C2 EDO OC . 4.37 5.37 -31.01
O2 EDO OC . 3.37 6.24 -31.53
C1 GOL PC . 1.49 -5.93 -44.26
O1 GOL PC . 0.89 -5.71 -45.54
C2 GOL PC . 2.96 -5.51 -44.22
O2 GOL PC . 3.11 -4.34 -43.42
C3 GOL PC . 3.91 -6.59 -43.71
O3 GOL PC . 3.45 -7.91 -44.01
C1 EDO QC . 6.45 1.86 -3.27
O1 EDO QC . 6.46 0.59 -3.87
C2 EDO QC . 5.09 2.46 -3.37
O2 EDO QC . 4.74 2.60 -4.73
PA NAI RC . 2.18 -0.56 -29.36
O1A NAI RC . 2.16 -0.81 -30.83
O2A NAI RC . 2.32 0.84 -28.81
O5B NAI RC . 3.33 -1.46 -28.71
C5B NAI RC . 3.53 -2.90 -28.91
C4B NAI RC . 5.01 -3.17 -28.83
O4B NAI RC . 5.33 -4.49 -29.30
C3B NAI RC . 5.90 -2.22 -29.66
O3B NAI RC . 6.70 -1.44 -28.77
C2B NAI RC . 6.70 -3.15 -30.58
O2B NAI RC . 8.02 -2.77 -30.80
C1B NAI RC . 6.66 -4.43 -29.75
N9A NAI RC . 7.05 -5.63 -30.49
C8A NAI RC . 6.76 -5.96 -31.79
N7A NAI RC . 7.30 -7.09 -32.16
C5A NAI RC . 7.98 -7.55 -31.05
C6A NAI RC . 8.77 -8.70 -30.81
N6A NAI RC . 9.02 -9.64 -31.72
N1A NAI RC . 9.32 -8.84 -29.57
C2A NAI RC . 9.07 -7.89 -28.67
N3A NAI RC . 8.35 -6.77 -28.78
C4A NAI RC . 7.83 -6.65 -30.01
O3 NAI RC . 0.83 -1.19 -28.77
PN NAI RC . -0.05 -0.89 -27.46
O1N NAI RC . -1.01 0.22 -27.75
O2N NAI RC . 0.89 -0.78 -26.33
O5D NAI RC . -0.84 -2.27 -27.35
C5D NAI RC . -0.07 -3.49 -27.28
C4D NAI RC . -1.02 -4.65 -27.42
O4D NAI RC . -1.93 -4.66 -26.28
C3D NAI RC . -1.92 -4.61 -28.66
O3D NAI RC . -1.98 -5.86 -29.33
C2D NAI RC . -3.28 -4.21 -28.06
O2D NAI RC . -4.44 -4.56 -28.81
C1D NAI RC . -3.20 -5.00 -26.76
N1N NAI RC . -4.25 -4.63 -25.79
C2N NAI RC . -4.96 -5.63 -25.15
C3N NAI RC . -6.01 -5.37 -24.33
C7N NAI RC . -6.76 -6.51 -23.71
O7N NAI RC . -7.71 -6.24 -22.95
N7N NAI RC . -6.41 -7.77 -23.96
C4N NAI RC . -6.36 -3.94 -24.06
C5N NAI RC . -5.68 -2.96 -24.94
C6N NAI RC . -4.60 -3.31 -25.61
C1 EDO SC . -5.21 -20.07 -1.00
O1 EDO SC . -4.03 -19.95 -1.80
C2 EDO SC . -6.30 -19.12 -1.40
O2 EDO SC . -6.98 -18.45 -0.32
C1 EDO TC . -2.39 -22.51 -7.83
O1 EDO TC . -2.69 -21.85 -9.06
C2 EDO TC . -3.30 -22.10 -6.70
O2 EDO TC . -3.15 -22.87 -5.50
C1 EDO UC . -13.86 -8.86 -12.43
O1 EDO UC . -14.83 -7.87 -12.23
C2 EDO UC . -13.95 -9.89 -11.38
O2 EDO UC . -12.77 -9.96 -10.61
C1 EDO VC . 36.87 -8.19 1.83
O1 EDO VC . 36.13 -9.38 1.53
C2 EDO VC . 36.00 -6.99 2.09
O2 EDO VC . 35.45 -6.35 0.93
C1 EDO WC . -3.08 -29.72 -21.00
O1 EDO WC . -2.53 -28.92 -22.04
C2 EDO WC . -2.05 -30.34 -20.15
O2 EDO WC . -2.46 -30.43 -18.80
C1 EDO XC . -33.58 -21.69 -21.71
O1 EDO XC . -32.63 -21.91 -20.69
C2 EDO XC . -33.50 -20.31 -22.27
O2 EDO XC . -33.43 -19.32 -21.27
C1 EDO YC . -18.19 5.41 -30.01
O1 EDO YC . -17.78 4.44 -30.97
C2 EDO YC . -17.40 6.67 -30.03
O2 EDO YC . -18.15 7.83 -29.75
C1 EDO ZC . 14.83 -20.98 -29.90
O1 EDO ZC . 15.70 -20.18 -29.13
C2 EDO ZC . 14.41 -22.21 -29.18
O2 EDO ZC . 14.96 -22.27 -27.87
C1 EDO AD . -12.75 -29.52 -38.82
O1 EDO AD . -13.36 -28.33 -38.41
C2 EDO AD . -11.73 -29.95 -37.84
O2 EDO AD . -10.42 -29.53 -38.20
C10 YOJ BD . -10.20 -5.94 -30.66
C13 YOJ BD . -12.36 -3.96 -29.04
C15 YOJ BD . -11.96 -2.55 -28.62
C17 YOJ BD . -8.68 -3.81 -28.32
C20 YOJ BD . -9.44 -2.52 -24.97
C26 YOJ BD . -8.91 -5.81 -31.19
C28 YOJ BD . -6.95 -6.02 -32.61
N01 YOJ BD . -12.00 -13.27 -29.31
S02 YOJ BD . -10.83 -12.68 -30.43
O03 YOJ BD . -10.95 -13.44 -31.69
O04 YOJ BD . -9.51 -12.98 -29.88
C05 YOJ BD . -11.04 -10.93 -30.66
C06 YOJ BD . -11.65 -10.49 -31.80
C07 YOJ BD . -11.76 -9.11 -31.95
C08 YOJ BD . -11.27 -8.23 -30.98
C09 YOJ BD . -11.45 -6.72 -31.17
C11 YOJ BD . -10.21 -5.19 -29.49
C12 YOJ BD . -11.46 -5.09 -28.56
C14 YOJ BD . -13.11 -3.28 -27.91
N16 YOJ BD . -9.01 -4.68 -29.30
N18 YOJ BD . -9.24 -3.72 -27.12
C19 YOJ BD . -8.86 -2.71 -26.37
O21 YOJ BD . -10.34 -3.31 -24.56
O22 YOJ BD . -9.07 -1.50 -24.32
C23 YOJ BD . -7.97 -1.79 -26.94
S24 YOJ BD . -7.63 -2.41 -28.52
N25 YOJ BD . -8.24 -5.03 -30.36
C27 YOJ BD . -8.28 -6.38 -32.35
C29 YOJ BD . -6.25 -6.54 -33.71
C30 YOJ BD . -6.87 -7.44 -34.55
F31 YOJ BD . -6.08 -7.89 -35.59
C32 YOJ BD . -8.22 -7.82 -34.32
C33 YOJ BD . -8.93 -8.74 -35.13
C34 YOJ BD . -10.22 -8.53 -35.71
C35 YOJ BD . -10.83 -9.53 -36.51
C36 YOJ BD . -10.15 -10.75 -36.71
O37 YOJ BD . -10.50 -11.92 -37.44
C38 YOJ BD . -11.70 -12.06 -38.16
N39 YOJ BD . -12.88 -12.49 -37.74
N40 YOJ BD . -13.73 -12.53 -38.80
N41 YOJ BD . -13.03 -12.15 -39.90
C42 YOJ BD . -11.81 -11.88 -39.51
C43 YOJ BD . -10.65 -11.43 -40.35
O44 YOJ BD . -10.82 -10.44 -41.11
O45 YOJ BD . -9.57 -12.06 -40.20
C46 YOJ BD . -8.92 -10.91 -36.13
C47 YOJ BD . -8.32 -9.93 -35.35
C48 YOJ BD . -8.90 -7.28 -33.21
C49 YOJ BD . -10.68 -8.71 -29.82
C50 YOJ BD . -10.56 -10.07 -29.68
F51 YOJ BD . -9.97 -10.53 -28.55
C1 EDO CD . -9.38 -2.32 -32.38
O1 EDO CD . -10.27 -1.41 -33.00
C2 EDO CD . -8.09 -2.42 -33.09
O2 EDO CD . -7.38 -1.19 -33.10
S SO4 DD . -10.67 -7.32 -44.54
O1 SO4 DD . -9.78 -6.87 -43.51
O2 SO4 DD . -11.01 -6.23 -45.42
O3 SO4 DD . -11.87 -7.84 -43.94
O4 SO4 DD . -10.03 -8.35 -45.32
C1 EDO ED . -10.48 -8.19 -8.59
O1 EDO ED . -10.85 -8.62 -9.89
C2 EDO ED . -11.04 -6.88 -8.16
O2 EDO ED . -11.55 -6.86 -6.83
#